data_1VEK
#
_entry.id   1VEK
#
_entity_poly.entity_id   1
_entity_poly.type   'polypeptide(L)'
_entity_poly.pdbx_seq_one_letter_code
;GSSGSSGGEELLPDGVPEEVMESAQPVANEEIVAQLVSMGFSQLHCQKAAINTSNAGVEEAMNWLLSHMDDPDIDAPISG
PSSG
;
_entity_poly.pdbx_strand_id   A
#
# COMPACT_ATOMS: atom_id res chain seq x y z
N GLY A 1 37.96 27.04 -24.25
CA GLY A 1 36.63 26.91 -23.67
C GLY A 1 36.71 26.39 -22.24
N SER A 2 35.67 26.70 -21.48
CA SER A 2 35.61 26.29 -20.08
C SER A 2 34.16 26.06 -19.67
N SER A 3 33.96 25.06 -18.82
CA SER A 3 32.63 24.73 -18.34
C SER A 3 32.46 25.23 -16.91
N GLY A 4 33.31 24.72 -16.03
CA GLY A 4 33.27 25.11 -14.63
C GLY A 4 31.94 24.70 -13.99
N SER A 5 32.03 23.73 -13.09
CA SER A 5 30.85 23.24 -12.40
C SER A 5 31.25 22.26 -11.29
N SER A 6 31.00 22.68 -10.05
CA SER A 6 31.33 21.86 -8.91
C SER A 6 30.95 22.59 -7.61
N GLY A 7 30.10 21.95 -6.83
CA GLY A 7 29.66 22.52 -5.57
C GLY A 7 29.16 21.43 -4.62
N GLY A 8 29.17 21.77 -3.33
CA GLY A 8 28.72 20.83 -2.31
C GLY A 8 27.68 21.48 -1.40
N GLU A 9 26.60 20.76 -1.18
CA GLU A 9 25.53 21.24 -0.33
C GLU A 9 25.55 20.52 1.02
N GLU A 10 25.75 19.22 0.95
CA GLU A 10 25.80 18.40 2.15
C GLU A 10 24.49 18.53 2.94
N LEU A 11 24.21 17.51 3.73
CA LEU A 11 22.99 17.49 4.53
C LEU A 11 21.78 17.55 3.61
N LEU A 12 20.69 16.96 4.08
CA LEU A 12 19.46 16.94 3.31
C LEU A 12 18.46 17.93 3.92
N PRO A 13 17.50 18.38 3.06
CA PRO A 13 16.49 19.33 3.50
C PRO A 13 15.44 18.63 4.38
N ASP A 14 14.45 19.41 4.78
CA ASP A 14 13.38 18.89 5.61
C ASP A 14 12.10 18.77 4.78
N GLY A 15 11.92 17.60 4.18
CA GLY A 15 10.75 17.36 3.36
C GLY A 15 11.06 17.58 1.88
N VAL A 16 10.81 18.81 1.44
CA VAL A 16 11.06 19.17 0.05
C VAL A 16 11.27 20.68 -0.04
N PRO A 17 12.32 21.07 -0.81
CA PRO A 17 12.64 22.47 -1.00
C PRO A 17 11.64 23.14 -1.96
N GLU A 18 10.97 24.16 -1.45
CA GLU A 18 9.99 24.89 -2.24
C GLU A 18 8.86 23.94 -2.69
N GLU A 19 7.66 24.49 -2.72
CA GLU A 19 6.50 23.72 -3.12
C GLU A 19 6.31 22.52 -2.18
N VAL A 20 5.35 22.67 -1.27
CA VAL A 20 5.06 21.63 -0.31
C VAL A 20 4.09 20.62 -0.95
N MET A 21 4.25 19.36 -0.55
CA MET A 21 3.39 18.31 -1.06
C MET A 21 1.96 18.44 -0.53
N GLU A 22 1.02 17.92 -1.30
CA GLU A 22 -0.37 17.97 -0.92
C GLU A 22 -0.95 16.56 -0.79
N SER A 23 -2.16 16.49 -0.25
CA SER A 23 -2.83 15.22 -0.06
C SER A 23 -3.36 14.70 -1.40
N ALA A 24 -2.71 13.67 -1.91
CA ALA A 24 -3.11 13.07 -3.17
C ALA A 24 -2.36 11.75 -3.37
N GLN A 25 -2.81 10.75 -2.64
CA GLN A 25 -2.19 9.43 -2.72
C GLN A 25 -3.27 8.34 -2.83
N PRO A 26 -2.86 7.19 -3.42
CA PRO A 26 -3.78 6.07 -3.60
C PRO A 26 -4.01 5.35 -2.27
N VAL A 27 -4.90 4.36 -2.32
CA VAL A 27 -5.24 3.59 -1.13
C VAL A 27 -5.38 2.12 -1.51
N ALA A 28 -4.77 1.27 -0.70
CA ALA A 28 -4.83 -0.16 -0.93
C ALA A 28 -6.28 -0.63 -0.84
N ASN A 29 -6.97 -0.57 -1.97
CA ASN A 29 -8.35 -0.99 -2.03
C ASN A 29 -8.54 -2.27 -1.20
N GLU A 30 -9.64 -2.31 -0.49
CA GLU A 30 -9.95 -3.47 0.34
C GLU A 30 -10.42 -4.64 -0.52
N GLU A 31 -10.96 -4.30 -1.69
CA GLU A 31 -11.44 -5.30 -2.62
C GLU A 31 -10.28 -5.96 -3.36
N ILE A 32 -9.38 -5.11 -3.85
CA ILE A 32 -8.22 -5.58 -4.58
C ILE A 32 -7.30 -6.34 -3.62
N VAL A 33 -7.23 -5.85 -2.40
CA VAL A 33 -6.40 -6.47 -1.39
C VAL A 33 -7.05 -7.76 -0.90
N ALA A 34 -8.32 -7.64 -0.54
CA ALA A 34 -9.07 -8.78 -0.06
C ALA A 34 -8.98 -9.91 -1.09
N GLN A 35 -8.87 -9.52 -2.35
CA GLN A 35 -8.77 -10.48 -3.42
C GLN A 35 -7.38 -11.11 -3.46
N LEU A 36 -6.38 -10.24 -3.35
CA LEU A 36 -4.99 -10.70 -3.37
C LEU A 36 -4.71 -11.51 -2.11
N VAL A 37 -5.09 -10.94 -0.98
CA VAL A 37 -4.89 -11.59 0.30
C VAL A 37 -5.54 -12.99 0.26
N SER A 38 -6.45 -13.15 -0.69
CA SER A 38 -7.15 -14.42 -0.84
C SER A 38 -6.39 -15.31 -1.81
N MET A 39 -5.88 -14.69 -2.87
CA MET A 39 -5.15 -15.42 -3.89
C MET A 39 -3.97 -16.17 -3.27
N GLY A 40 -3.48 -15.64 -2.16
CA GLY A 40 -2.36 -16.25 -1.46
C GLY A 40 -1.18 -15.29 -1.38
N PHE A 41 -1.50 -14.02 -1.14
CA PHE A 41 -0.47 -13.00 -1.04
C PHE A 41 -0.47 -12.36 0.35
N SER A 42 0.48 -11.46 0.55
CA SER A 42 0.60 -10.77 1.82
C SER A 42 -0.16 -9.45 1.79
N GLN A 43 -1.16 -9.34 2.66
CA GLN A 43 -1.97 -8.14 2.73
C GLN A 43 -1.09 -6.90 2.53
N LEU A 44 -0.10 -6.76 3.39
CA LEU A 44 0.81 -5.63 3.32
C LEU A 44 1.15 -5.35 1.86
N HIS A 45 1.65 -6.36 1.19
CA HIS A 45 2.01 -6.24 -0.22
C HIS A 45 0.76 -5.97 -1.05
N CYS A 46 -0.24 -6.82 -0.83
CA CYS A 46 -1.50 -6.68 -1.55
C CYS A 46 -1.90 -5.20 -1.54
N GLN A 47 -1.61 -4.55 -0.43
CA GLN A 47 -1.93 -3.15 -0.28
C GLN A 47 -1.04 -2.29 -1.17
N LYS A 48 0.27 -2.40 -0.94
CA LYS A 48 1.23 -1.65 -1.72
C LYS A 48 0.95 -1.84 -3.21
N ALA A 49 0.97 -3.10 -3.63
CA ALA A 49 0.72 -3.42 -5.02
C ALA A 49 -0.41 -2.53 -5.55
N ALA A 50 -1.61 -2.80 -5.07
CA ALA A 50 -2.78 -2.03 -5.49
C ALA A 50 -2.42 -0.55 -5.50
N ILE A 51 -2.03 -0.06 -4.33
CA ILE A 51 -1.67 1.34 -4.20
C ILE A 51 -0.73 1.74 -5.34
N ASN A 52 0.36 0.98 -5.46
CA ASN A 52 1.34 1.24 -6.49
C ASN A 52 0.62 1.39 -7.84
N THR A 53 -0.48 0.67 -7.97
CA THR A 53 -1.27 0.72 -9.18
C THR A 53 -2.59 1.44 -8.95
N SER A 54 -2.58 2.31 -7.95
CA SER A 54 -3.78 3.07 -7.61
C SER A 54 -4.99 2.14 -7.60
N ASN A 55 -4.74 0.88 -7.30
CA ASN A 55 -5.80 -0.10 -7.26
C ASN A 55 -6.56 -0.10 -8.60
N ALA A 56 -5.80 0.08 -9.66
CA ALA A 56 -6.39 0.11 -11.00
C ALA A 56 -7.18 -1.17 -11.23
N GLY A 57 -6.62 -2.27 -10.75
CA GLY A 57 -7.27 -3.56 -10.90
C GLY A 57 -6.47 -4.66 -10.20
N VAL A 58 -7.20 -5.67 -9.74
CA VAL A 58 -6.57 -6.78 -9.05
C VAL A 58 -5.36 -7.26 -9.84
N GLU A 59 -5.53 -7.31 -11.16
CA GLU A 59 -4.47 -7.75 -12.04
C GLU A 59 -3.27 -6.80 -11.93
N GLU A 60 -3.57 -5.51 -11.94
CA GLU A 60 -2.53 -4.51 -11.84
C GLU A 60 -1.78 -4.65 -10.52
N ALA A 61 -2.56 -4.71 -9.44
CA ALA A 61 -1.97 -4.84 -8.11
C ALA A 61 -1.02 -6.04 -8.09
N MET A 62 -1.55 -7.20 -8.45
CA MET A 62 -0.76 -8.41 -8.48
C MET A 62 0.47 -8.24 -9.37
N ASN A 63 0.21 -7.80 -10.59
CA ASN A 63 1.29 -7.60 -11.55
C ASN A 63 2.46 -6.90 -10.85
N TRP A 64 2.13 -5.89 -10.08
CA TRP A 64 3.14 -5.13 -9.36
C TRP A 64 3.84 -6.08 -8.38
N LEU A 65 3.02 -6.87 -7.69
CA LEU A 65 3.55 -7.82 -6.73
C LEU A 65 4.52 -8.77 -7.44
N LEU A 66 4.13 -9.20 -8.61
CA LEU A 66 4.95 -10.12 -9.40
C LEU A 66 6.23 -9.38 -9.80
N SER A 67 6.22 -8.08 -9.61
CA SER A 67 7.38 -7.26 -9.95
C SER A 67 7.97 -6.62 -8.69
N HIS A 68 7.30 -6.87 -7.57
CA HIS A 68 7.74 -6.33 -6.29
C HIS A 68 7.69 -7.44 -5.24
N MET A 69 7.74 -8.67 -5.71
CA MET A 69 7.72 -9.82 -4.81
C MET A 69 9.07 -10.03 -4.15
N ASP A 70 10.13 -9.85 -4.94
CA ASP A 70 11.48 -10.02 -4.44
C ASP A 70 12.14 -8.65 -4.29
N ASP A 71 11.52 -7.82 -3.47
CA ASP A 71 12.03 -6.48 -3.22
C ASP A 71 12.09 -6.23 -1.72
N PRO A 72 13.00 -5.29 -1.32
CA PRO A 72 13.16 -4.95 0.07
C PRO A 72 11.99 -4.08 0.57
N ASP A 73 11.47 -3.28 -0.35
CA ASP A 73 10.36 -2.41 -0.01
C ASP A 73 9.14 -3.25 0.34
N ILE A 74 8.96 -4.33 -0.40
CA ILE A 74 7.84 -5.23 -0.17
C ILE A 74 7.72 -5.52 1.33
N ASP A 75 8.86 -5.40 2.01
CA ASP A 75 8.90 -5.64 3.44
C ASP A 75 8.65 -4.33 4.19
N ALA A 76 9.19 -3.26 3.62
CA ALA A 76 9.04 -1.94 4.21
C ALA A 76 7.56 -1.67 4.47
N PRO A 77 7.29 -0.91 5.57
CA PRO A 77 5.93 -0.58 5.95
C PRO A 77 5.35 0.50 5.02
N ILE A 78 4.04 0.48 4.87
CA ILE A 78 3.36 1.43 4.02
C ILE A 78 3.45 2.83 4.66
N SER A 79 3.07 2.89 5.92
CA SER A 79 3.10 4.14 6.66
C SER A 79 3.95 4.00 7.92
N GLY A 80 5.18 4.47 7.82
CA GLY A 80 6.11 4.39 8.94
C GLY A 80 7.00 5.63 9.01
N PRO A 81 8.16 5.47 9.68
CA PRO A 81 9.11 6.56 9.82
C PRO A 81 9.86 6.81 8.51
N SER A 82 9.15 7.44 7.57
CA SER A 82 9.74 7.75 6.29
C SER A 82 11.15 8.32 6.47
N SER A 83 12.01 8.00 5.51
CA SER A 83 13.38 8.48 5.55
C SER A 83 14.11 8.07 4.27
N GLY A 84 14.58 9.07 3.55
CA GLY A 84 15.31 8.83 2.31
C GLY A 84 15.98 10.10 1.80
N GLY A 1 18.23 16.37 0.39
CA GLY A 1 16.80 16.29 0.11
C GLY A 1 16.17 15.08 0.82
N SER A 2 16.49 13.90 0.32
CA SER A 2 15.96 12.68 0.91
C SER A 2 16.73 11.47 0.37
N SER A 3 17.10 10.60 1.29
CA SER A 3 17.85 9.40 0.93
C SER A 3 16.92 8.18 0.95
N GLY A 4 15.70 8.42 1.40
CA GLY A 4 14.71 7.35 1.47
C GLY A 4 14.19 7.19 2.90
N SER A 5 13.63 6.02 3.16
CA SER A 5 13.08 5.72 4.48
C SER A 5 13.49 4.32 4.91
N SER A 6 13.49 4.11 6.22
CA SER A 6 13.85 2.81 6.76
C SER A 6 12.86 2.41 7.86
N GLY A 7 12.50 1.13 7.86
CA GLY A 7 11.57 0.61 8.84
C GLY A 7 12.23 -0.45 9.72
N GLY A 8 11.48 -1.52 9.96
CA GLY A 8 11.98 -2.61 10.77
C GLY A 8 11.20 -3.90 10.51
N GLU A 9 11.81 -5.01 10.88
CA GLU A 9 11.19 -6.31 10.69
C GLU A 9 10.37 -6.69 11.92
N GLU A 10 9.05 -6.77 11.72
CA GLU A 10 8.15 -7.12 12.80
C GLU A 10 6.71 -7.19 12.28
N LEU A 11 5.88 -7.88 13.06
CA LEU A 11 4.48 -8.03 12.68
C LEU A 11 3.75 -6.70 12.92
N LEU A 12 2.66 -6.54 12.18
CA LEU A 12 1.86 -5.32 12.30
C LEU A 12 1.77 -4.91 13.76
N PRO A 13 2.62 -3.92 14.13
CA PRO A 13 2.64 -3.43 15.51
C PRO A 13 1.43 -2.55 15.79
N ASP A 14 0.27 -3.18 15.80
CA ASP A 14 -0.97 -2.47 16.06
C ASP A 14 -0.94 -1.11 15.34
N GLY A 15 -1.40 -1.12 14.10
CA GLY A 15 -1.42 0.09 13.30
C GLY A 15 -2.71 0.88 13.55
N VAL A 16 -2.67 1.71 14.57
CA VAL A 16 -3.82 2.53 14.92
C VAL A 16 -4.10 3.51 13.79
N PRO A 17 -5.42 3.75 13.56
CA PRO A 17 -5.84 4.66 12.51
C PRO A 17 -5.62 6.11 12.92
N GLU A 18 -4.35 6.46 13.11
CA GLU A 18 -4.00 7.81 13.51
C GLU A 18 -4.86 8.83 12.76
N GLU A 19 -4.95 10.02 13.35
CA GLU A 19 -5.74 11.08 12.75
C GLU A 19 -4.82 12.24 12.32
N VAL A 20 -4.24 12.08 11.14
CA VAL A 20 -3.34 13.09 10.61
C VAL A 20 -3.75 13.39 9.16
N MET A 21 -3.66 14.67 8.82
CA MET A 21 -4.01 15.11 7.47
C MET A 21 -3.29 14.27 6.41
N GLU A 22 -4.06 13.79 5.45
CA GLU A 22 -3.52 12.98 4.39
C GLU A 22 -3.44 13.79 3.09
N SER A 23 -2.47 13.43 2.26
CA SER A 23 -2.27 14.10 0.99
C SER A 23 -2.86 13.27 -0.15
N ALA A 24 -2.87 13.85 -1.33
CA ALA A 24 -3.40 13.19 -2.50
C ALA A 24 -2.65 11.87 -2.71
N GLN A 25 -3.15 10.82 -2.07
CA GLN A 25 -2.54 9.51 -2.18
C GLN A 25 -3.61 8.43 -2.32
N PRO A 26 -3.22 7.31 -2.98
CA PRO A 26 -4.14 6.20 -3.19
C PRO A 26 -4.36 5.42 -1.90
N VAL A 27 -5.22 4.41 -2.00
CA VAL A 27 -5.53 3.58 -0.85
C VAL A 27 -5.68 2.13 -1.30
N ALA A 28 -4.91 1.26 -0.65
CA ALA A 28 -4.94 -0.16 -0.97
C ALA A 28 -6.39 -0.65 -0.95
N ASN A 29 -7.03 -0.59 -2.11
CA ASN A 29 -8.41 -1.03 -2.22
C ASN A 29 -8.61 -2.30 -1.39
N GLU A 30 -9.66 -2.28 -0.58
CA GLU A 30 -9.98 -3.42 0.26
C GLU A 30 -10.45 -4.60 -0.59
N GLU A 31 -11.01 -4.28 -1.75
CA GLU A 31 -11.50 -5.30 -2.66
C GLU A 31 -10.34 -5.95 -3.40
N ILE A 32 -9.44 -5.11 -3.90
CA ILE A 32 -8.29 -5.61 -4.62
C ILE A 32 -7.35 -6.33 -3.65
N VAL A 33 -7.27 -5.80 -2.45
CA VAL A 33 -6.41 -6.38 -1.42
C VAL A 33 -7.05 -7.68 -0.91
N ALA A 34 -8.33 -7.58 -0.61
CA ALA A 34 -9.07 -8.73 -0.10
C ALA A 34 -8.92 -9.89 -1.10
N GLN A 35 -8.90 -9.54 -2.37
CA GLN A 35 -8.76 -10.53 -3.42
C GLN A 35 -7.35 -11.12 -3.42
N LEU A 36 -6.37 -10.25 -3.40
CA LEU A 36 -4.98 -10.66 -3.40
C LEU A 36 -4.71 -11.48 -2.12
N VAL A 37 -5.06 -10.89 -1.00
CA VAL A 37 -4.87 -11.55 0.29
C VAL A 37 -5.51 -12.93 0.25
N SER A 38 -6.44 -13.08 -0.68
CA SER A 38 -7.14 -14.35 -0.83
C SER A 38 -6.38 -15.26 -1.80
N MET A 39 -5.87 -14.66 -2.86
CA MET A 39 -5.11 -15.40 -3.85
C MET A 39 -3.93 -16.12 -3.22
N GLY A 40 -3.46 -15.56 -2.11
CA GLY A 40 -2.33 -16.14 -1.40
C GLY A 40 -1.15 -15.17 -1.35
N PHE A 41 -1.47 -13.91 -1.11
CA PHE A 41 -0.45 -12.88 -1.04
C PHE A 41 -0.44 -12.22 0.34
N SER A 42 0.56 -11.37 0.55
CA SER A 42 0.71 -10.67 1.81
C SER A 42 -0.08 -9.36 1.77
N GLN A 43 -1.06 -9.26 2.65
CA GLN A 43 -1.89 -8.07 2.72
C GLN A 43 -1.04 -6.82 2.51
N LEU A 44 -0.08 -6.64 3.40
CA LEU A 44 0.81 -5.50 3.33
C LEU A 44 1.17 -5.23 1.87
N HIS A 45 1.69 -6.27 1.23
CA HIS A 45 2.08 -6.16 -0.17
C HIS A 45 0.85 -5.89 -1.03
N CYS A 46 -0.16 -6.72 -0.84
CA CYS A 46 -1.40 -6.58 -1.59
C CYS A 46 -1.78 -5.10 -1.61
N GLN A 47 -1.53 -4.44 -0.48
CA GLN A 47 -1.86 -3.02 -0.35
C GLN A 47 -0.93 -2.20 -1.25
N LYS A 48 0.36 -2.31 -0.99
CA LYS A 48 1.35 -1.58 -1.77
C LYS A 48 1.08 -1.80 -3.25
N ALA A 49 1.03 -3.06 -3.64
CA ALA A 49 0.77 -3.42 -5.03
C ALA A 49 -0.36 -2.55 -5.57
N ALA A 50 -1.56 -2.82 -5.08
CA ALA A 50 -2.73 -2.07 -5.50
C ALA A 50 -2.40 -0.58 -5.53
N ILE A 51 -2.05 -0.06 -4.35
CA ILE A 51 -1.71 1.34 -4.23
C ILE A 51 -0.77 1.74 -5.38
N ASN A 52 0.35 1.03 -5.44
CA ASN A 52 1.34 1.30 -6.47
C ASN A 52 0.64 1.41 -7.83
N THR A 53 -0.42 0.64 -7.97
CA THR A 53 -1.18 0.65 -9.22
C THR A 53 -2.55 1.31 -8.99
N SER A 54 -2.57 2.29 -8.10
CA SER A 54 -3.79 3.00 -7.79
C SER A 54 -4.97 2.03 -7.80
N ASN A 55 -4.72 0.82 -7.34
CA ASN A 55 -5.75 -0.21 -7.30
C ASN A 55 -6.58 -0.14 -8.58
N ALA A 56 -5.88 -0.01 -9.70
CA ALA A 56 -6.54 0.07 -10.99
C ALA A 56 -7.23 -1.27 -11.28
N GLY A 57 -6.82 -2.28 -10.53
CA GLY A 57 -7.40 -3.61 -10.70
C GLY A 57 -6.56 -4.66 -9.98
N VAL A 58 -7.17 -5.81 -9.75
CA VAL A 58 -6.50 -6.91 -9.07
C VAL A 58 -5.28 -7.33 -9.88
N GLU A 59 -5.49 -7.40 -11.19
CA GLU A 59 -4.42 -7.80 -12.10
C GLU A 59 -3.24 -6.82 -11.98
N GLU A 60 -3.57 -5.54 -11.92
CA GLU A 60 -2.57 -4.51 -11.81
C GLU A 60 -1.80 -4.65 -10.49
N ALA A 61 -2.55 -4.72 -9.41
CA ALA A 61 -1.96 -4.86 -8.09
C ALA A 61 -1.00 -6.04 -8.09
N MET A 62 -1.53 -7.20 -8.45
CA MET A 62 -0.73 -8.42 -8.50
C MET A 62 0.50 -8.22 -9.39
N ASN A 63 0.24 -7.77 -10.61
CA ASN A 63 1.32 -7.55 -11.56
C ASN A 63 2.49 -6.86 -10.85
N TRP A 64 2.15 -5.83 -10.08
CA TRP A 64 3.15 -5.09 -9.35
C TRP A 64 3.86 -6.05 -8.40
N LEU A 65 3.05 -6.85 -7.71
CA LEU A 65 3.58 -7.82 -6.76
C LEU A 65 4.56 -8.75 -7.48
N LEU A 66 4.15 -9.18 -8.67
CA LEU A 66 4.98 -10.07 -9.47
C LEU A 66 6.27 -9.35 -9.86
N SER A 67 6.27 -8.04 -9.63
CA SER A 67 7.43 -7.23 -9.96
C SER A 67 8.03 -6.64 -8.68
N HIS A 68 7.30 -6.85 -7.58
CA HIS A 68 7.75 -6.34 -6.29
C HIS A 68 7.66 -7.46 -5.25
N MET A 69 7.76 -8.68 -5.73
CA MET A 69 7.69 -9.84 -4.85
C MET A 69 9.02 -10.08 -4.14
N ASP A 70 10.09 -10.01 -4.93
CA ASP A 70 11.43 -10.23 -4.40
C ASP A 70 12.12 -8.87 -4.24
N ASP A 71 11.49 -8.00 -3.47
CA ASP A 71 12.04 -6.67 -3.23
C ASP A 71 12.09 -6.42 -1.72
N PRO A 72 13.02 -5.50 -1.33
CA PRO A 72 13.19 -5.16 0.06
C PRO A 72 12.05 -4.26 0.56
N ASP A 73 11.54 -3.46 -0.36
CA ASP A 73 10.45 -2.55 -0.05
C ASP A 73 9.21 -3.37 0.34
N ILE A 74 9.02 -4.45 -0.38
CA ILE A 74 7.88 -5.33 -0.12
C ILE A 74 7.74 -5.57 1.38
N ASP A 75 8.88 -5.51 2.05
CA ASP A 75 8.91 -5.72 3.49
C ASP A 75 8.70 -4.38 4.20
N ALA A 76 9.28 -3.34 3.61
CA ALA A 76 9.16 -2.00 4.17
C ALA A 76 7.69 -1.70 4.46
N PRO A 77 7.47 -0.89 5.53
CA PRO A 77 6.13 -0.51 5.93
C PRO A 77 5.54 0.53 4.97
N ILE A 78 4.22 0.56 4.91
CA ILE A 78 3.53 1.50 4.04
C ILE A 78 3.61 2.91 4.65
N SER A 79 3.15 3.00 5.89
CA SER A 79 3.17 4.27 6.60
C SER A 79 4.44 4.39 7.44
N GLY A 80 5.55 4.64 6.74
CA GLY A 80 6.83 4.79 7.40
C GLY A 80 7.00 3.75 8.51
N PRO A 81 7.96 4.02 9.42
CA PRO A 81 8.23 3.12 10.53
C PRO A 81 7.13 3.22 11.60
N SER A 82 6.09 2.43 11.41
CA SER A 82 4.98 2.42 12.34
C SER A 82 5.50 2.44 13.78
N SER A 83 5.39 3.60 14.40
CA SER A 83 5.85 3.76 15.77
C SER A 83 5.01 2.89 16.71
N GLY A 84 5.71 2.16 17.57
CA GLY A 84 5.05 1.28 18.52
C GLY A 84 5.80 1.25 19.85
N GLY A 1 -11.84 12.06 48.48
CA GLY A 1 -11.63 12.20 47.06
C GLY A 1 -12.93 11.98 46.29
N SER A 2 -12.84 11.16 45.25
CA SER A 2 -14.00 10.86 44.42
C SER A 2 -13.70 9.64 43.55
N SER A 3 -12.67 9.77 42.73
CA SER A 3 -12.28 8.68 41.84
C SER A 3 -13.42 8.35 40.89
N GLY A 4 -13.11 7.54 39.89
CA GLY A 4 -14.10 7.14 38.91
C GLY A 4 -13.56 7.31 37.49
N SER A 5 -14.42 7.81 36.61
CA SER A 5 -14.04 8.03 35.23
C SER A 5 -13.72 6.69 34.56
N SER A 6 -14.03 6.61 33.27
CA SER A 6 -13.78 5.40 32.52
C SER A 6 -13.13 5.75 31.18
N GLY A 7 -12.37 4.79 30.67
CA GLY A 7 -11.69 4.98 29.39
C GLY A 7 -12.42 4.26 28.26
N GLY A 8 -12.16 2.97 28.16
CA GLY A 8 -12.79 2.16 27.12
C GLY A 8 -13.35 0.87 27.71
N GLU A 9 -14.62 0.61 27.42
CA GLU A 9 -15.29 -0.57 27.91
C GLU A 9 -15.28 -1.66 26.83
N GLU A 10 -15.44 -1.22 25.59
CA GLU A 10 -15.45 -2.15 24.47
C GLU A 10 -15.66 -1.39 23.16
N LEU A 11 -14.56 -1.19 22.45
CA LEU A 11 -14.60 -0.48 21.19
C LEU A 11 -15.49 0.76 21.33
N LEU A 12 -14.88 1.81 21.87
CA LEU A 12 -15.61 3.06 22.06
C LEU A 12 -15.68 3.82 20.74
N PRO A 13 -16.71 4.71 20.63
CA PRO A 13 -16.90 5.49 19.44
C PRO A 13 -15.87 6.63 19.36
N ASP A 14 -14.62 6.24 19.18
CA ASP A 14 -13.54 7.21 19.09
C ASP A 14 -12.20 6.47 19.14
N GLY A 15 -11.63 6.27 17.96
CA GLY A 15 -10.35 5.59 17.85
C GLY A 15 -9.88 5.53 16.40
N VAL A 16 -9.27 6.62 15.96
CA VAL A 16 -8.77 6.71 14.60
C VAL A 16 -7.56 7.64 14.56
N PRO A 17 -6.56 7.25 13.72
CA PRO A 17 -5.36 8.04 13.58
C PRO A 17 -5.61 9.31 12.75
N GLU A 18 -6.26 10.27 13.40
CA GLU A 18 -6.56 11.53 12.74
C GLU A 18 -5.28 12.32 12.47
N GLU A 19 -4.51 11.83 11.51
CA GLU A 19 -3.26 12.48 11.16
C GLU A 19 -2.64 11.80 9.93
N VAL A 20 -3.08 12.25 8.76
CA VAL A 20 -2.59 11.70 7.52
C VAL A 20 -1.95 12.82 6.69
N MET A 21 -0.95 12.44 5.91
CA MET A 21 -0.25 13.40 5.06
C MET A 21 -1.21 14.07 4.09
N GLU A 22 -0.94 15.34 3.83
CA GLU A 22 -1.78 16.11 2.91
C GLU A 22 -1.25 15.98 1.48
N SER A 23 -1.84 15.06 0.75
CA SER A 23 -1.44 14.82 -0.63
C SER A 23 -2.35 13.78 -1.27
N ALA A 24 -2.58 13.96 -2.56
CA ALA A 24 -3.44 13.05 -3.31
C ALA A 24 -2.71 11.70 -3.48
N GLN A 25 -3.00 10.80 -2.56
CA GLN A 25 -2.38 9.48 -2.60
C GLN A 25 -3.45 8.40 -2.72
N PRO A 26 -3.03 7.25 -3.31
CA PRO A 26 -3.94 6.13 -3.49
C PRO A 26 -4.19 5.40 -2.17
N VAL A 27 -5.06 4.41 -2.23
CA VAL A 27 -5.40 3.62 -1.05
C VAL A 27 -5.54 2.15 -1.43
N ALA A 28 -4.82 1.31 -0.71
CA ALA A 28 -4.85 -0.11 -0.95
C ALA A 28 -6.31 -0.61 -0.91
N ASN A 29 -6.94 -0.58 -2.07
CA ASN A 29 -8.31 -1.02 -2.18
C ASN A 29 -8.51 -2.29 -1.34
N GLU A 30 -9.56 -2.28 -0.54
CA GLU A 30 -9.87 -3.43 0.31
C GLU A 30 -10.36 -4.60 -0.54
N GLU A 31 -10.92 -4.26 -1.69
CA GLU A 31 -11.44 -5.28 -2.60
C GLU A 31 -10.28 -5.94 -3.35
N ILE A 32 -9.39 -5.11 -3.86
CA ILE A 32 -8.24 -5.61 -4.60
C ILE A 32 -7.31 -6.37 -3.64
N VAL A 33 -7.26 -5.87 -2.42
CA VAL A 33 -6.42 -6.49 -1.41
C VAL A 33 -7.06 -7.78 -0.93
N ALA A 34 -8.33 -7.68 -0.57
CA ALA A 34 -9.07 -8.84 -0.11
C ALA A 34 -8.95 -9.98 -1.12
N GLN A 35 -8.85 -9.59 -2.38
CA GLN A 35 -8.73 -10.55 -3.46
C GLN A 35 -7.32 -11.15 -3.47
N LEU A 36 -6.33 -10.28 -3.37
CA LEU A 36 -4.94 -10.71 -3.36
C LEU A 36 -4.67 -11.52 -2.09
N VAL A 37 -5.05 -10.94 -0.97
CA VAL A 37 -4.85 -11.59 0.31
C VAL A 37 -5.46 -12.99 0.27
N SER A 38 -6.39 -13.16 -0.66
CA SER A 38 -7.06 -14.44 -0.83
C SER A 38 -6.27 -15.32 -1.82
N MET A 39 -5.79 -14.68 -2.86
CA MET A 39 -5.03 -15.38 -3.88
C MET A 39 -3.85 -16.13 -3.26
N GLY A 40 -3.36 -15.60 -2.14
CA GLY A 40 -2.25 -16.21 -1.45
C GLY A 40 -1.07 -15.23 -1.36
N PHE A 41 -1.39 -13.97 -1.18
CA PHE A 41 -0.38 -12.93 -1.08
C PHE A 41 -0.37 -12.31 0.31
N SER A 42 0.57 -11.39 0.52
CA SER A 42 0.69 -10.71 1.79
C SER A 42 -0.09 -9.39 1.76
N GLN A 43 -1.07 -9.31 2.66
CA GLN A 43 -1.89 -8.11 2.74
C GLN A 43 -1.04 -6.87 2.55
N LEU A 44 -0.08 -6.71 3.45
CA LEU A 44 0.81 -5.56 3.39
C LEU A 44 1.19 -5.27 1.93
N HIS A 45 1.62 -6.32 1.25
CA HIS A 45 2.00 -6.20 -0.15
C HIS A 45 0.75 -5.95 -1.00
N CYS A 46 -0.25 -6.78 -0.77
CA CYS A 46 -1.50 -6.65 -1.52
C CYS A 46 -1.92 -5.19 -1.51
N GLN A 47 -1.57 -4.50 -0.42
CA GLN A 47 -1.91 -3.10 -0.29
C GLN A 47 -1.01 -2.24 -1.17
N LYS A 48 0.28 -2.35 -0.92
CA LYS A 48 1.26 -1.59 -1.69
C LYS A 48 0.98 -1.79 -3.19
N ALA A 49 1.00 -3.04 -3.60
CA ALA A 49 0.75 -3.38 -5.00
C ALA A 49 -0.38 -2.50 -5.54
N ALA A 50 -1.59 -2.79 -5.06
CA ALA A 50 -2.75 -2.04 -5.48
C ALA A 50 -2.41 -0.54 -5.50
N ILE A 51 -2.04 -0.04 -4.33
CA ILE A 51 -1.69 1.36 -4.20
C ILE A 51 -0.75 1.76 -5.34
N ASN A 52 0.35 1.04 -5.43
CA ASN A 52 1.34 1.31 -6.46
C ASN A 52 0.63 1.41 -7.82
N THR A 53 -0.43 0.63 -7.96
CA THR A 53 -1.20 0.62 -9.19
C THR A 53 -2.54 1.32 -8.98
N SER A 54 -2.55 2.26 -8.04
CA SER A 54 -3.75 3.01 -7.74
C SER A 54 -4.97 2.08 -7.76
N ASN A 55 -4.74 0.85 -7.31
CA ASN A 55 -5.80 -0.14 -7.28
C ASN A 55 -6.58 -0.10 -8.60
N ALA A 56 -5.83 0.13 -9.67
CA ALA A 56 -6.43 0.19 -11.00
C ALA A 56 -7.20 -1.11 -11.27
N GLY A 57 -6.69 -2.18 -10.70
CA GLY A 57 -7.31 -3.49 -10.87
C GLY A 57 -6.53 -4.57 -10.12
N VAL A 58 -7.21 -5.68 -9.86
CA VAL A 58 -6.60 -6.78 -9.15
C VAL A 58 -5.37 -7.25 -9.93
N GLU A 59 -5.52 -7.32 -11.24
CA GLU A 59 -4.44 -7.75 -12.10
C GLU A 59 -3.24 -6.79 -11.98
N GLU A 60 -3.56 -5.50 -11.98
CA GLU A 60 -2.53 -4.48 -11.87
C GLU A 60 -1.80 -4.62 -10.54
N ALA A 61 -2.58 -4.69 -9.47
CA ALA A 61 -2.02 -4.82 -8.14
C ALA A 61 -1.06 -6.01 -8.11
N MET A 62 -1.60 -7.17 -8.44
CA MET A 62 -0.80 -8.39 -8.46
C MET A 62 0.45 -8.22 -9.33
N ASN A 63 0.22 -7.79 -10.55
CA ASN A 63 1.31 -7.59 -11.50
C ASN A 63 2.47 -6.90 -10.78
N TRP A 64 2.13 -5.86 -10.03
CA TRP A 64 3.12 -5.11 -9.29
C TRP A 64 3.81 -6.07 -8.30
N LEU A 65 2.97 -6.84 -7.62
CA LEU A 65 3.48 -7.80 -6.65
C LEU A 65 4.45 -8.75 -7.33
N LEU A 66 4.09 -9.15 -8.55
CA LEU A 66 4.92 -10.05 -9.32
C LEU A 66 6.22 -9.35 -9.70
N SER A 67 6.23 -8.05 -9.47
CA SER A 67 7.40 -7.24 -9.79
C SER A 67 8.06 -6.74 -8.50
N HIS A 68 7.27 -6.76 -7.43
CA HIS A 68 7.76 -6.31 -6.14
C HIS A 68 7.72 -7.47 -5.14
N MET A 69 7.69 -8.68 -5.68
CA MET A 69 7.65 -9.87 -4.86
C MET A 69 8.99 -10.09 -4.15
N ASP A 70 10.05 -10.03 -4.93
CA ASP A 70 11.39 -10.22 -4.39
C ASP A 70 12.08 -8.86 -4.25
N ASP A 71 11.40 -7.96 -3.54
CA ASP A 71 11.93 -6.62 -3.32
C ASP A 71 12.02 -6.35 -1.82
N PRO A 72 12.93 -5.40 -1.46
CA PRO A 72 13.11 -5.04 -0.06
C PRO A 72 11.95 -4.17 0.44
N ASP A 73 11.41 -3.39 -0.49
CA ASP A 73 10.30 -2.50 -0.16
C ASP A 73 9.08 -3.35 0.25
N ILE A 74 8.91 -4.46 -0.46
CA ILE A 74 7.80 -5.35 -0.19
C ILE A 74 7.70 -5.58 1.32
N ASP A 75 8.83 -5.47 1.99
CA ASP A 75 8.88 -5.67 3.42
C ASP A 75 8.68 -4.32 4.12
N ALA A 76 9.22 -3.27 3.50
CA ALA A 76 9.10 -1.94 4.05
C ALA A 76 7.63 -1.66 4.40
N PRO A 77 7.44 -0.87 5.48
CA PRO A 77 6.09 -0.52 5.92
C PRO A 77 5.47 0.53 5.00
N ILE A 78 4.14 0.52 4.96
CA ILE A 78 3.41 1.47 4.13
C ILE A 78 3.45 2.85 4.78
N SER A 79 3.03 2.89 6.04
CA SER A 79 3.00 4.13 6.79
C SER A 79 3.37 3.87 8.24
N GLY A 80 4.66 3.60 8.45
CA GLY A 80 5.16 3.34 9.79
C GLY A 80 6.62 3.79 9.92
N PRO A 81 6.83 4.81 10.80
CA PRO A 81 8.17 5.33 11.03
C PRO A 81 9.00 4.37 11.89
N SER A 82 9.13 3.15 11.40
CA SER A 82 9.89 2.13 12.11
C SER A 82 10.28 1.01 11.15
N SER A 83 11.20 0.18 11.62
CA SER A 83 11.66 -0.95 10.82
C SER A 83 11.96 -2.15 11.72
N GLY A 84 10.89 -2.84 12.10
CA GLY A 84 11.02 -4.01 12.95
C GLY A 84 9.65 -4.49 13.43
N GLY A 1 23.45 8.90 -10.41
CA GLY A 1 23.15 8.24 -9.16
C GLY A 1 24.33 7.39 -8.69
N SER A 2 24.14 6.08 -8.76
CA SER A 2 25.17 5.14 -8.36
C SER A 2 24.79 3.72 -8.77
N SER A 3 25.80 2.96 -9.17
CA SER A 3 25.57 1.58 -9.59
C SER A 3 26.85 0.77 -9.39
N GLY A 4 26.68 -0.39 -8.75
CA GLY A 4 27.80 -1.26 -8.50
C GLY A 4 27.82 -1.73 -7.04
N SER A 5 28.59 -1.03 -6.24
CA SER A 5 28.70 -1.35 -4.82
C SER A 5 28.62 -0.09 -3.98
N SER A 6 27.74 -0.11 -3.00
CA SER A 6 27.55 1.04 -2.12
C SER A 6 27.61 0.59 -0.66
N GLY A 7 27.66 1.56 0.23
CA GLY A 7 27.71 1.28 1.65
C GLY A 7 26.30 1.17 2.25
N GLY A 8 25.89 2.24 2.92
CA GLY A 8 24.58 2.27 3.54
C GLY A 8 24.44 3.47 4.48
N GLU A 9 23.51 3.34 5.41
CA GLU A 9 23.27 4.40 6.38
C GLU A 9 22.28 3.93 7.45
N GLU A 10 21.28 3.20 7.00
CA GLU A 10 20.25 2.69 7.89
C GLU A 10 19.90 3.75 8.94
N LEU A 11 19.05 4.68 8.53
CA LEU A 11 18.62 5.74 9.41
C LEU A 11 18.17 5.15 10.74
N LEU A 12 18.16 5.99 11.76
CA LEU A 12 17.75 5.56 13.09
C LEU A 12 16.38 4.87 13.00
N PRO A 13 16.16 3.91 13.93
CA PRO A 13 14.91 3.17 13.96
C PRO A 13 13.78 4.03 14.53
N ASP A 14 13.64 3.96 15.85
CA ASP A 14 12.61 4.73 16.53
C ASP A 14 13.13 6.14 16.80
N GLY A 15 12.51 7.10 16.13
CA GLY A 15 12.90 8.49 16.29
C GLY A 15 11.72 9.34 16.73
N VAL A 16 11.14 10.05 15.76
CA VAL A 16 10.01 10.91 16.04
C VAL A 16 8.73 10.06 16.06
N PRO A 17 7.80 10.43 16.99
CA PRO A 17 6.55 9.72 17.12
C PRO A 17 5.59 10.07 15.99
N GLU A 18 6.07 9.87 14.76
CA GLU A 18 5.27 10.16 13.58
C GLU A 18 4.91 11.64 13.54
N GLU A 19 5.32 12.29 12.46
CA GLU A 19 5.04 13.71 12.29
C GLU A 19 5.46 14.16 10.89
N VAL A 20 4.48 14.24 10.01
CA VAL A 20 4.74 14.67 8.65
C VAL A 20 3.42 14.81 7.90
N MET A 21 3.35 15.82 7.05
CA MET A 21 2.15 16.07 6.28
C MET A 21 2.00 15.05 5.15
N GLU A 22 0.77 14.89 4.68
CA GLU A 22 0.48 13.95 3.61
C GLU A 22 -0.87 14.26 2.98
N SER A 23 -0.91 14.15 1.66
CA SER A 23 -2.13 14.43 0.92
C SER A 23 -1.99 13.93 -0.53
N ALA A 24 -3.13 13.73 -1.16
CA ALA A 24 -3.15 13.26 -2.53
C ALA A 24 -2.38 11.94 -2.63
N GLN A 25 -3.07 10.86 -2.29
CA GLN A 25 -2.46 9.54 -2.34
C GLN A 25 -3.54 8.46 -2.48
N PRO A 26 -3.14 7.32 -3.11
CA PRO A 26 -4.05 6.22 -3.30
C PRO A 26 -4.29 5.46 -2.00
N VAL A 27 -5.16 4.46 -2.08
CA VAL A 27 -5.48 3.65 -0.92
C VAL A 27 -5.62 2.19 -1.34
N ALA A 28 -4.83 1.34 -0.69
CA ALA A 28 -4.86 -0.08 -0.99
C ALA A 28 -6.30 -0.59 -0.92
N ASN A 29 -6.96 -0.55 -2.07
CA ASN A 29 -8.34 -1.00 -2.16
C ASN A 29 -8.51 -2.26 -1.30
N GLU A 30 -9.56 -2.25 -0.49
CA GLU A 30 -9.85 -3.38 0.38
C GLU A 30 -10.29 -4.58 -0.45
N GLU A 31 -10.87 -4.29 -1.61
CA GLU A 31 -11.34 -5.33 -2.49
C GLU A 31 -10.17 -5.99 -3.21
N ILE A 32 -9.34 -5.15 -3.82
CA ILE A 32 -8.18 -5.63 -4.54
C ILE A 32 -7.26 -6.40 -3.58
N VAL A 33 -7.16 -5.86 -2.37
CA VAL A 33 -6.33 -6.48 -1.35
C VAL A 33 -7.00 -7.76 -0.85
N ALA A 34 -8.30 -7.66 -0.62
CA ALA A 34 -9.07 -8.79 -0.14
C ALA A 34 -8.96 -9.94 -1.15
N GLN A 35 -8.79 -9.55 -2.41
CA GLN A 35 -8.68 -10.53 -3.48
C GLN A 35 -7.28 -11.14 -3.49
N LEU A 36 -6.29 -10.27 -3.37
CA LEU A 36 -4.91 -10.71 -3.36
C LEU A 36 -4.64 -11.52 -2.08
N VAL A 37 -5.07 -10.96 -0.96
CA VAL A 37 -4.88 -11.62 0.32
C VAL A 37 -5.52 -13.01 0.27
N SER A 38 -6.41 -13.19 -0.70
CA SER A 38 -7.10 -14.45 -0.86
C SER A 38 -6.34 -15.34 -1.85
N MET A 39 -5.82 -14.70 -2.89
CA MET A 39 -5.06 -15.42 -3.90
C MET A 39 -3.86 -16.13 -3.29
N GLY A 40 -3.40 -15.60 -2.18
CA GLY A 40 -2.25 -16.18 -1.49
C GLY A 40 -1.08 -15.20 -1.43
N PHE A 41 -1.42 -13.94 -1.17
CA PHE A 41 -0.42 -12.90 -1.08
C PHE A 41 -0.41 -12.25 0.31
N SER A 42 0.56 -11.37 0.51
CA SER A 42 0.69 -10.68 1.78
C SER A 42 -0.10 -9.37 1.75
N GLN A 43 -1.08 -9.29 2.64
CA GLN A 43 -1.91 -8.10 2.71
C GLN A 43 -1.06 -6.84 2.52
N LEU A 44 -0.10 -6.67 3.42
CA LEU A 44 0.78 -5.52 3.37
C LEU A 44 1.15 -5.24 1.90
N HIS A 45 1.63 -6.28 1.24
CA HIS A 45 2.02 -6.16 -0.15
C HIS A 45 0.79 -5.91 -1.01
N CYS A 46 -0.22 -6.75 -0.81
CA CYS A 46 -1.46 -6.62 -1.56
C CYS A 46 -1.86 -5.15 -1.58
N GLN A 47 -1.60 -4.48 -0.47
CA GLN A 47 -1.93 -3.07 -0.34
C GLN A 47 -1.03 -2.23 -1.25
N LYS A 48 0.26 -2.33 -1.00
CA LYS A 48 1.24 -1.58 -1.80
C LYS A 48 0.95 -1.79 -3.28
N ALA A 49 0.97 -3.05 -3.69
CA ALA A 49 0.72 -3.40 -5.07
C ALA A 49 -0.41 -2.51 -5.61
N ALA A 50 -1.61 -2.78 -5.14
CA ALA A 50 -2.77 -2.01 -5.56
C ALA A 50 -2.42 -0.53 -5.59
N ILE A 51 -2.04 -0.02 -4.43
CA ILE A 51 -1.66 1.38 -4.31
C ILE A 51 -0.72 1.75 -5.44
N ASN A 52 0.39 1.03 -5.52
CA ASN A 52 1.38 1.28 -6.55
C ASN A 52 0.68 1.35 -7.91
N THR A 53 -0.48 0.71 -7.98
CA THR A 53 -1.25 0.70 -9.21
C THR A 53 -2.60 1.39 -9.01
N SER A 54 -2.60 2.36 -8.11
CA SER A 54 -3.81 3.11 -7.81
C SER A 54 -5.01 2.15 -7.77
N ASN A 55 -4.74 0.93 -7.34
CA ASN A 55 -5.79 -0.08 -7.26
C ASN A 55 -6.60 -0.07 -8.55
N ALA A 56 -5.89 0.10 -9.66
CA ALA A 56 -6.53 0.13 -10.96
C ALA A 56 -7.31 -1.17 -11.17
N GLY A 57 -6.71 -2.27 -10.75
CA GLY A 57 -7.33 -3.58 -10.89
C GLY A 57 -6.49 -4.66 -10.19
N VAL A 58 -7.18 -5.67 -9.70
CA VAL A 58 -6.52 -6.77 -9.02
C VAL A 58 -5.31 -7.21 -9.83
N GLU A 59 -5.55 -7.39 -11.13
CA GLU A 59 -4.48 -7.81 -12.03
C GLU A 59 -3.30 -6.86 -11.94
N GLU A 60 -3.61 -5.58 -11.93
CA GLU A 60 -2.58 -4.55 -11.84
C GLU A 60 -1.81 -4.69 -10.53
N ALA A 61 -2.56 -4.75 -9.43
CA ALA A 61 -1.96 -4.88 -8.13
C ALA A 61 -0.99 -6.06 -8.12
N MET A 62 -1.54 -7.23 -8.44
CA MET A 62 -0.74 -8.45 -8.48
C MET A 62 0.48 -8.27 -9.38
N ASN A 63 0.23 -7.84 -10.61
CA ASN A 63 1.29 -7.63 -11.57
C ASN A 63 2.46 -6.92 -10.88
N TRP A 64 2.12 -5.88 -10.13
CA TRP A 64 3.13 -5.12 -9.41
C TRP A 64 3.83 -6.06 -8.43
N LEU A 65 3.04 -6.86 -7.74
CA LEU A 65 3.57 -7.82 -6.78
C LEU A 65 4.54 -8.76 -7.50
N LEU A 66 4.13 -9.20 -8.68
CA LEU A 66 4.94 -10.10 -9.47
C LEU A 66 6.24 -9.40 -9.86
N SER A 67 6.25 -8.09 -9.65
CA SER A 67 7.43 -7.30 -9.97
C SER A 67 8.03 -6.70 -8.70
N HIS A 68 7.29 -6.85 -7.61
CA HIS A 68 7.74 -6.35 -6.32
C HIS A 68 7.60 -7.43 -5.26
N MET A 69 7.72 -8.68 -5.71
CA MET A 69 7.61 -9.81 -4.81
C MET A 69 8.94 -10.05 -4.08
N ASP A 70 10.01 -10.02 -4.84
CA ASP A 70 11.33 -10.24 -4.28
C ASP A 70 12.05 -8.89 -4.13
N ASP A 71 11.41 -7.99 -3.39
CA ASP A 71 11.97 -6.68 -3.16
C ASP A 71 12.03 -6.41 -1.65
N PRO A 72 12.97 -5.50 -1.27
CA PRO A 72 13.14 -5.14 0.13
C PRO A 72 12.01 -4.24 0.61
N ASP A 73 11.50 -3.43 -0.31
CA ASP A 73 10.41 -2.52 0.01
C ASP A 73 9.16 -3.32 0.36
N ILE A 74 8.98 -4.42 -0.35
CA ILE A 74 7.83 -5.28 -0.11
C ILE A 74 7.69 -5.55 1.39
N ASP A 75 8.82 -5.43 2.08
CA ASP A 75 8.84 -5.65 3.52
C ASP A 75 8.61 -4.32 4.24
N ALA A 76 9.13 -3.27 3.65
CA ALA A 76 8.99 -1.94 4.22
C ALA A 76 7.52 -1.64 4.44
N PRO A 77 7.25 -0.86 5.52
CA PRO A 77 5.87 -0.49 5.86
C PRO A 77 5.34 0.58 4.91
N ILE A 78 4.01 0.60 4.77
CA ILE A 78 3.37 1.55 3.90
C ILE A 78 3.48 2.95 4.51
N SER A 79 3.14 3.03 5.79
CA SER A 79 3.19 4.29 6.51
C SER A 79 4.32 4.26 7.53
N GLY A 80 5.53 4.45 7.04
CA GLY A 80 6.71 4.45 7.90
C GLY A 80 7.02 5.86 8.39
N PRO A 81 7.91 5.92 9.42
CA PRO A 81 8.30 7.20 10.00
C PRO A 81 9.26 7.95 9.07
N SER A 82 8.68 8.64 8.11
CA SER A 82 9.47 9.41 7.16
C SER A 82 10.39 10.39 7.90
N SER A 83 11.62 10.48 7.41
CA SER A 83 12.59 11.38 8.02
C SER A 83 13.68 11.72 7.01
N GLY A 84 14.36 10.68 6.54
CA GLY A 84 15.42 10.85 5.57
C GLY A 84 16.75 11.18 6.27
N GLY A 1 14.54 24.59 -20.10
CA GLY A 1 13.47 24.73 -19.12
C GLY A 1 12.89 23.36 -18.74
N SER A 2 13.71 22.58 -18.06
CA SER A 2 13.27 21.26 -17.63
C SER A 2 13.47 21.11 -16.13
N SER A 3 12.37 21.23 -15.40
CA SER A 3 12.41 21.11 -13.95
C SER A 3 11.48 19.99 -13.49
N GLY A 4 11.71 19.53 -12.27
CA GLY A 4 10.89 18.47 -11.71
C GLY A 4 9.82 19.03 -10.77
N SER A 5 8.75 18.27 -10.62
CA SER A 5 7.65 18.68 -9.76
C SER A 5 7.28 17.55 -8.80
N SER A 6 7.63 17.75 -7.54
CA SER A 6 7.34 16.76 -6.51
C SER A 6 7.22 17.44 -5.15
N GLY A 7 5.98 17.75 -4.80
CA GLY A 7 5.71 18.39 -3.52
C GLY A 7 6.37 19.77 -3.45
N GLY A 8 6.48 20.29 -2.24
CA GLY A 8 7.10 21.58 -2.03
C GLY A 8 7.15 21.93 -0.53
N GLU A 9 8.14 22.72 -0.18
CA GLU A 9 8.31 23.13 1.20
C GLU A 9 6.99 23.65 1.78
N GLU A 10 6.39 22.82 2.62
CA GLU A 10 5.14 23.17 3.24
C GLU A 10 5.19 22.88 4.75
N LEU A 11 5.32 23.94 5.53
CA LEU A 11 5.39 23.80 6.97
C LEU A 11 6.65 23.01 7.35
N LEU A 12 7.42 23.60 8.26
CA LEU A 12 8.64 22.95 8.72
C LEU A 12 8.49 22.56 10.19
N PRO A 13 8.46 21.23 10.44
CA PRO A 13 8.32 20.72 11.79
C PRO A 13 9.62 20.86 12.57
N ASP A 14 9.49 21.38 13.78
CA ASP A 14 10.65 21.59 14.63
C ASP A 14 10.43 20.87 15.97
N GLY A 15 9.26 21.11 16.55
CA GLY A 15 8.92 20.49 17.82
C GLY A 15 7.40 20.49 18.04
N VAL A 16 6.73 19.68 17.24
CA VAL A 16 5.28 19.58 17.33
C VAL A 16 4.86 18.13 17.03
N PRO A 17 3.68 17.77 17.58
CA PRO A 17 3.15 16.42 17.36
C PRO A 17 2.58 16.27 15.95
N GLU A 18 3.47 16.38 14.98
CA GLU A 18 3.08 16.26 13.59
C GLU A 18 4.29 15.91 12.71
N GLU A 19 4.09 14.95 11.83
CA GLU A 19 5.15 14.52 10.94
C GLU A 19 4.66 13.41 10.02
N VAL A 20 3.86 13.80 9.04
CA VAL A 20 3.32 12.85 8.09
C VAL A 20 2.92 13.58 6.80
N MET A 21 3.06 12.89 5.69
CA MET A 21 2.73 13.45 4.39
C MET A 21 1.23 13.70 4.27
N GLU A 22 0.86 14.46 3.25
CA GLU A 22 -0.53 14.77 3.01
C GLU A 22 -0.72 15.28 1.58
N SER A 23 -1.08 14.35 0.70
CA SER A 23 -1.30 14.69 -0.70
C SER A 23 -2.14 13.61 -1.38
N ALA A 24 -2.63 13.94 -2.56
CA ALA A 24 -3.46 13.02 -3.31
C ALA A 24 -2.70 11.70 -3.49
N GLN A 25 -3.05 10.73 -2.67
CA GLN A 25 -2.41 9.43 -2.73
C GLN A 25 -3.46 8.33 -2.82
N PRO A 26 -3.04 7.17 -3.41
CA PRO A 26 -3.93 6.05 -3.56
C PRO A 26 -4.16 5.32 -2.23
N VAL A 27 -5.03 4.32 -2.27
CA VAL A 27 -5.33 3.56 -1.08
C VAL A 27 -5.51 2.08 -1.46
N ALA A 28 -4.81 1.23 -0.72
CA ALA A 28 -4.88 -0.21 -0.97
C ALA A 28 -6.33 -0.66 -0.88
N ASN A 29 -7.01 -0.63 -2.02
CA ASN A 29 -8.40 -1.04 -2.09
C ASN A 29 -8.59 -2.30 -1.23
N GLU A 30 -9.67 -2.28 -0.46
CA GLU A 30 -9.99 -3.40 0.41
C GLU A 30 -10.42 -4.61 -0.43
N GLU A 31 -10.98 -4.31 -1.59
CA GLU A 31 -11.44 -5.36 -2.50
C GLU A 31 -10.25 -6.01 -3.21
N ILE A 32 -9.43 -5.15 -3.80
CA ILE A 32 -8.25 -5.63 -4.53
C ILE A 32 -7.33 -6.37 -3.55
N VAL A 33 -7.24 -5.83 -2.35
CA VAL A 33 -6.40 -6.42 -1.33
C VAL A 33 -7.05 -7.72 -0.84
N ALA A 34 -8.35 -7.66 -0.63
CA ALA A 34 -9.08 -8.81 -0.15
C ALA A 34 -8.96 -9.94 -1.18
N GLN A 35 -8.86 -9.54 -2.44
CA GLN A 35 -8.74 -10.51 -3.52
C GLN A 35 -7.33 -11.10 -3.54
N LEU A 36 -6.35 -10.23 -3.39
CA LEU A 36 -4.96 -10.65 -3.38
C LEU A 36 -4.68 -11.45 -2.11
N VAL A 37 -5.07 -10.87 -0.99
CA VAL A 37 -4.86 -11.51 0.30
C VAL A 37 -5.49 -12.91 0.27
N SER A 38 -6.40 -13.09 -0.67
CA SER A 38 -7.07 -14.37 -0.82
C SER A 38 -6.30 -15.26 -1.80
N MET A 39 -5.82 -14.63 -2.85
CA MET A 39 -5.06 -15.35 -3.87
C MET A 39 -3.89 -16.12 -3.25
N GLY A 40 -3.42 -15.60 -2.12
CA GLY A 40 -2.31 -16.22 -1.42
C GLY A 40 -1.11 -15.27 -1.35
N PHE A 41 -1.42 -13.99 -1.15
CA PHE A 41 -0.38 -12.98 -1.06
C PHE A 41 -0.34 -12.37 0.35
N SER A 42 0.50 -11.35 0.49
CA SER A 42 0.64 -10.68 1.77
C SER A 42 -0.11 -9.35 1.74
N GLN A 43 -1.10 -9.24 2.62
CA GLN A 43 -1.90 -8.04 2.71
C GLN A 43 -1.01 -6.80 2.51
N LEU A 44 -0.05 -6.65 3.40
CA LEU A 44 0.87 -5.52 3.33
C LEU A 44 1.23 -5.25 1.86
N HIS A 45 1.66 -6.31 1.19
CA HIS A 45 2.04 -6.20 -0.20
C HIS A 45 0.80 -5.94 -1.05
N CYS A 46 -0.21 -6.76 -0.83
CA CYS A 46 -1.46 -6.64 -1.56
C CYS A 46 -1.88 -5.17 -1.56
N GLN A 47 -1.50 -4.48 -0.50
CA GLN A 47 -1.83 -3.07 -0.36
C GLN A 47 -0.92 -2.24 -1.26
N LYS A 48 0.38 -2.34 -1.01
CA LYS A 48 1.36 -1.60 -1.78
C LYS A 48 1.08 -1.80 -3.28
N ALA A 49 1.03 -3.06 -3.67
CA ALA A 49 0.78 -3.40 -5.06
C ALA A 49 -0.37 -2.53 -5.59
N ALA A 50 -1.56 -2.81 -5.09
CA ALA A 50 -2.74 -2.06 -5.49
C ALA A 50 -2.41 -0.57 -5.52
N ILE A 51 -2.05 -0.07 -4.34
CA ILE A 51 -1.71 1.34 -4.22
C ILE A 51 -0.77 1.74 -5.36
N ASN A 52 0.32 1.02 -5.48
CA ASN A 52 1.31 1.28 -6.51
C ASN A 52 0.58 1.43 -7.85
N THR A 53 -0.49 0.66 -8.00
CA THR A 53 -1.28 0.70 -9.22
C THR A 53 -2.61 1.40 -8.99
N SER A 54 -2.61 2.31 -8.01
CA SER A 54 -3.80 3.05 -7.68
C SER A 54 -5.01 2.12 -7.64
N ASN A 55 -4.73 0.86 -7.33
CA ASN A 55 -5.78 -0.15 -7.26
C ASN A 55 -6.58 -0.13 -8.56
N ALA A 56 -5.87 0.10 -9.65
CA ALA A 56 -6.49 0.14 -10.96
C ALA A 56 -7.29 -1.15 -11.18
N GLY A 57 -6.67 -2.25 -10.79
CA GLY A 57 -7.32 -3.55 -10.94
C GLY A 57 -6.53 -4.64 -10.19
N VAL A 58 -7.24 -5.69 -9.83
CA VAL A 58 -6.63 -6.80 -9.12
C VAL A 58 -5.40 -7.28 -9.90
N GLU A 59 -5.56 -7.33 -11.22
CA GLU A 59 -4.48 -7.77 -12.08
C GLU A 59 -3.28 -6.82 -11.97
N GLU A 60 -3.60 -5.53 -11.95
CA GLU A 60 -2.56 -4.51 -11.86
C GLU A 60 -1.81 -4.65 -10.54
N ALA A 61 -2.57 -4.71 -9.45
CA ALA A 61 -1.99 -4.84 -8.13
C ALA A 61 -1.03 -6.04 -8.12
N MET A 62 -1.57 -7.20 -8.45
CA MET A 62 -0.78 -8.42 -8.48
C MET A 62 0.46 -8.24 -9.37
N ASN A 63 0.20 -7.81 -10.59
CA ASN A 63 1.28 -7.59 -11.55
C ASN A 63 2.44 -6.88 -10.86
N TRP A 64 2.09 -5.86 -10.09
CA TRP A 64 3.09 -5.09 -9.36
C TRP A 64 3.79 -6.04 -8.39
N LEU A 65 2.99 -6.85 -7.71
CA LEU A 65 3.53 -7.80 -6.75
C LEU A 65 4.51 -8.73 -7.45
N LEU A 66 4.10 -9.18 -8.63
CA LEU A 66 4.94 -10.08 -9.41
C LEU A 66 6.22 -9.36 -9.83
N SER A 67 6.21 -8.04 -9.63
CA SER A 67 7.34 -7.22 -9.98
C SER A 67 7.99 -6.65 -8.72
N HIS A 68 7.27 -6.79 -7.62
CA HIS A 68 7.76 -6.29 -6.34
C HIS A 68 7.64 -7.39 -5.29
N MET A 69 7.74 -8.62 -5.75
CA MET A 69 7.65 -9.77 -4.86
C MET A 69 8.98 -10.01 -4.13
N ASP A 70 10.06 -9.94 -4.89
CA ASP A 70 11.39 -10.14 -4.33
C ASP A 70 12.08 -8.79 -4.19
N ASP A 71 11.51 -7.96 -3.34
CA ASP A 71 12.06 -6.63 -3.10
C ASP A 71 12.11 -6.37 -1.59
N PRO A 72 13.03 -5.46 -1.20
CA PRO A 72 13.19 -5.11 0.21
C PRO A 72 12.05 -4.22 0.68
N ASP A 73 11.53 -3.43 -0.24
CA ASP A 73 10.43 -2.52 0.08
C ASP A 73 9.19 -3.35 0.41
N ILE A 74 9.00 -4.42 -0.33
CA ILE A 74 7.86 -5.29 -0.12
C ILE A 74 7.72 -5.61 1.38
N ASP A 75 8.85 -5.52 2.07
CA ASP A 75 8.88 -5.78 3.49
C ASP A 75 8.65 -4.47 4.26
N ALA A 76 9.17 -3.39 3.68
CA ALA A 76 9.04 -2.09 4.30
C ALA A 76 7.55 -1.79 4.53
N PRO A 77 7.28 -1.06 5.64
CA PRO A 77 5.92 -0.70 5.99
C PRO A 77 5.40 0.43 5.09
N ILE A 78 4.08 0.43 4.91
CA ILE A 78 3.46 1.45 4.08
C ILE A 78 3.51 2.80 4.80
N SER A 79 3.01 2.81 6.02
CA SER A 79 2.99 4.02 6.82
C SER A 79 2.94 3.66 8.31
N GLY A 80 4.08 3.15 8.80
CA GLY A 80 4.18 2.77 10.20
C GLY A 80 5.64 2.56 10.60
N PRO A 81 5.99 3.10 11.79
CA PRO A 81 7.35 2.97 12.30
C PRO A 81 7.60 1.57 12.83
N SER A 82 8.82 1.37 13.31
CA SER A 82 9.21 0.07 13.85
C SER A 82 10.48 0.20 14.68
N SER A 83 10.32 0.03 15.99
CA SER A 83 11.45 0.13 16.90
C SER A 83 12.58 -0.77 16.43
N GLY A 84 13.80 -0.40 16.84
CA GLY A 84 14.97 -1.16 16.46
C GLY A 84 14.74 -2.66 16.64
N GLY A 1 1.83 5.04 -57.93
CA GLY A 1 1.38 6.42 -58.00
C GLY A 1 -0.13 6.49 -58.26
N SER A 2 -0.85 6.96 -57.26
CA SER A 2 -2.29 7.07 -57.36
C SER A 2 -2.82 8.03 -56.28
N SER A 3 -2.71 7.58 -55.04
CA SER A 3 -3.18 8.37 -53.91
C SER A 3 -2.70 7.75 -52.60
N GLY A 4 -2.89 8.49 -51.53
CA GLY A 4 -2.48 8.03 -50.21
C GLY A 4 -3.70 7.69 -49.35
N SER A 5 -3.43 7.19 -48.15
CA SER A 5 -4.49 6.83 -47.23
C SER A 5 -4.70 7.94 -46.20
N SER A 6 -5.81 7.85 -45.51
CA SER A 6 -6.15 8.85 -44.50
C SER A 6 -5.33 8.60 -43.23
N GLY A 7 -4.98 9.69 -42.57
CA GLY A 7 -4.20 9.59 -41.34
C GLY A 7 -3.14 10.69 -41.29
N GLY A 8 -2.73 11.02 -40.07
CA GLY A 8 -1.73 12.05 -39.87
C GLY A 8 -1.89 12.72 -38.50
N GLU A 9 -2.55 13.86 -38.52
CA GLU A 9 -2.78 14.61 -37.29
C GLU A 9 -1.54 15.43 -36.93
N GLU A 10 -0.51 14.73 -36.48
CA GLU A 10 0.73 15.38 -36.09
C GLU A 10 0.52 16.22 -34.84
N LEU A 11 1.59 16.35 -34.07
CA LEU A 11 1.55 17.11 -32.83
C LEU A 11 0.89 16.27 -31.74
N LEU A 12 1.64 16.07 -30.66
CA LEU A 12 1.16 15.28 -29.54
C LEU A 12 0.79 16.22 -28.40
N PRO A 13 -0.15 15.73 -27.54
CA PRO A 13 -0.59 16.52 -26.39
C PRO A 13 0.47 16.52 -25.29
N ASP A 14 0.82 15.34 -24.83
CA ASP A 14 1.82 15.20 -23.78
C ASP A 14 2.97 16.17 -24.05
N GLY A 15 3.15 17.09 -23.11
CA GLY A 15 4.21 18.08 -23.23
C GLY A 15 4.01 19.23 -22.24
N VAL A 16 3.00 20.04 -22.51
CA VAL A 16 2.69 21.16 -21.64
C VAL A 16 2.64 20.68 -20.19
N PRO A 17 3.69 21.05 -19.41
CA PRO A 17 3.76 20.67 -18.02
C PRO A 17 2.80 21.50 -17.16
N GLU A 18 2.13 20.83 -16.26
CA GLU A 18 1.18 21.49 -15.37
C GLU A 18 1.24 20.87 -13.97
N GLU A 19 0.46 21.46 -13.08
CA GLU A 19 0.40 20.98 -11.70
C GLU A 19 -0.47 19.73 -11.61
N VAL A 20 0.03 18.64 -12.17
CA VAL A 20 -0.69 17.38 -12.15
C VAL A 20 -0.26 16.56 -10.94
N MET A 21 0.00 17.27 -9.85
CA MET A 21 0.42 16.62 -8.61
C MET A 21 0.10 17.51 -7.40
N GLU A 22 -0.28 16.84 -6.32
CA GLU A 22 -0.62 17.54 -5.10
C GLU A 22 -1.00 16.55 -4.00
N SER A 23 -1.25 17.09 -2.82
CA SER A 23 -1.62 16.27 -1.68
C SER A 23 -2.79 15.35 -2.06
N ALA A 24 -2.45 14.10 -2.34
CA ALA A 24 -3.46 13.12 -2.71
C ALA A 24 -2.80 11.76 -2.88
N GLN A 25 -2.97 10.92 -1.87
CA GLN A 25 -2.40 9.58 -1.89
C GLN A 25 -3.49 8.53 -2.10
N PRO A 26 -3.10 7.41 -2.76
CA PRO A 26 -4.04 6.34 -3.03
C PRO A 26 -4.32 5.53 -1.76
N VAL A 27 -5.19 4.54 -1.91
CA VAL A 27 -5.55 3.69 -0.79
C VAL A 27 -5.64 2.23 -1.27
N ALA A 28 -4.87 1.38 -0.61
CA ALA A 28 -4.86 -0.04 -0.96
C ALA A 28 -6.29 -0.56 -0.94
N ASN A 29 -6.93 -0.51 -2.10
CA ASN A 29 -8.30 -0.98 -2.24
C ASN A 29 -8.47 -2.27 -1.42
N GLU A 30 -9.49 -2.26 -0.57
CA GLU A 30 -9.77 -3.42 0.26
C GLU A 30 -10.29 -4.58 -0.59
N GLU A 31 -10.87 -4.22 -1.73
CA GLU A 31 -11.41 -5.21 -2.63
C GLU A 31 -10.28 -5.89 -3.41
N ILE A 32 -9.34 -5.08 -3.85
CA ILE A 32 -8.20 -5.59 -4.61
C ILE A 32 -7.28 -6.36 -3.66
N VAL A 33 -7.20 -5.87 -2.43
CA VAL A 33 -6.36 -6.49 -1.43
C VAL A 33 -7.01 -7.78 -0.95
N ALA A 34 -8.27 -7.66 -0.56
CA ALA A 34 -9.02 -8.81 -0.08
C ALA A 34 -8.93 -9.94 -1.11
N GLN A 35 -8.90 -9.55 -2.37
CA GLN A 35 -8.82 -10.52 -3.45
C GLN A 35 -7.42 -11.14 -3.49
N LEU A 36 -6.41 -10.28 -3.45
CA LEU A 36 -5.04 -10.74 -3.48
C LEU A 36 -4.76 -11.58 -2.22
N VAL A 37 -4.97 -10.95 -1.08
CA VAL A 37 -4.75 -11.61 0.20
C VAL A 37 -5.36 -13.01 0.15
N SER A 38 -6.38 -13.15 -0.69
CA SER A 38 -7.05 -14.42 -0.84
C SER A 38 -6.28 -15.32 -1.81
N MET A 39 -5.82 -14.71 -2.88
CA MET A 39 -5.06 -15.44 -3.89
C MET A 39 -3.87 -16.16 -3.27
N GLY A 40 -3.36 -15.58 -2.19
CA GLY A 40 -2.23 -16.16 -1.49
C GLY A 40 -1.06 -15.16 -1.44
N PHE A 41 -1.40 -13.92 -1.18
CA PHE A 41 -0.39 -12.87 -1.11
C PHE A 41 -0.38 -12.23 0.29
N SER A 42 0.58 -11.34 0.48
CA SER A 42 0.71 -10.65 1.75
C SER A 42 -0.08 -9.34 1.73
N GLN A 43 -1.06 -9.26 2.62
CA GLN A 43 -1.89 -8.07 2.71
C GLN A 43 -1.06 -6.81 2.50
N LEU A 44 -0.11 -6.62 3.41
CA LEU A 44 0.77 -5.46 3.34
C LEU A 44 1.17 -5.22 1.88
N HIS A 45 1.65 -6.29 1.24
CA HIS A 45 2.06 -6.20 -0.15
C HIS A 45 0.85 -5.89 -1.03
N CYS A 46 -0.18 -6.70 -0.86
CA CYS A 46 -1.40 -6.54 -1.63
C CYS A 46 -1.77 -5.05 -1.63
N GLN A 47 -1.60 -4.44 -0.47
CA GLN A 47 -1.92 -3.03 -0.31
C GLN A 47 -1.01 -2.19 -1.20
N LYS A 48 0.29 -2.32 -0.96
CA LYS A 48 1.28 -1.58 -1.72
C LYS A 48 1.00 -1.77 -3.22
N ALA A 49 1.02 -3.02 -3.63
CA ALA A 49 0.78 -3.35 -5.04
C ALA A 49 -0.35 -2.47 -5.57
N ALA A 50 -1.56 -2.76 -5.11
CA ALA A 50 -2.72 -2.01 -5.53
C ALA A 50 -2.38 -0.51 -5.54
N ILE A 51 -1.99 -0.02 -4.39
CA ILE A 51 -1.63 1.39 -4.25
C ILE A 51 -0.69 1.78 -5.40
N ASN A 52 0.44 1.07 -5.47
CA ASN A 52 1.42 1.34 -6.50
C ASN A 52 0.73 1.38 -7.86
N THR A 53 -0.42 0.72 -7.93
CA THR A 53 -1.20 0.68 -9.16
C THR A 53 -2.56 1.34 -8.95
N SER A 54 -2.58 2.32 -8.06
CA SER A 54 -3.81 3.04 -7.77
C SER A 54 -5.00 2.07 -7.80
N ASN A 55 -4.75 0.87 -7.33
CA ASN A 55 -5.79 -0.15 -7.30
C ASN A 55 -6.58 -0.10 -8.61
N ALA A 56 -5.85 0.02 -9.71
CA ALA A 56 -6.46 0.07 -11.02
C ALA A 56 -7.23 -1.23 -11.28
N GLY A 57 -6.69 -2.31 -10.76
CA GLY A 57 -7.31 -3.62 -10.93
C GLY A 57 -6.51 -4.70 -10.20
N VAL A 58 -7.22 -5.74 -9.81
CA VAL A 58 -6.60 -6.86 -9.10
C VAL A 58 -5.37 -7.32 -9.88
N GLU A 59 -5.53 -7.39 -11.19
CA GLU A 59 -4.43 -7.82 -12.06
C GLU A 59 -3.23 -6.88 -11.90
N GLU A 60 -3.54 -5.59 -11.91
CA GLU A 60 -2.50 -4.58 -11.78
C GLU A 60 -1.78 -4.73 -10.44
N ALA A 61 -2.57 -4.84 -9.38
CA ALA A 61 -2.01 -5.01 -8.05
C ALA A 61 -1.04 -6.18 -8.04
N MET A 62 -1.55 -7.32 -8.46
CA MET A 62 -0.73 -8.53 -8.50
C MET A 62 0.50 -8.33 -9.38
N ASN A 63 0.26 -7.85 -10.58
CA ASN A 63 1.33 -7.60 -11.53
C ASN A 63 2.46 -6.87 -10.82
N TRP A 64 2.08 -5.94 -9.95
CA TRP A 64 3.05 -5.17 -9.21
C TRP A 64 3.73 -6.10 -8.20
N LEU A 65 2.92 -6.98 -7.62
CA LEU A 65 3.44 -7.93 -6.65
C LEU A 65 4.41 -8.88 -7.33
N LEU A 66 4.06 -9.29 -8.54
CA LEU A 66 4.90 -10.19 -9.30
C LEU A 66 6.18 -9.47 -9.72
N SER A 67 6.18 -8.16 -9.49
CA SER A 67 7.33 -7.34 -9.84
C SER A 67 7.99 -6.79 -8.57
N HIS A 68 7.22 -6.82 -7.49
CA HIS A 68 7.72 -6.34 -6.21
C HIS A 68 7.70 -7.47 -5.19
N MET A 69 7.64 -8.69 -5.71
CA MET A 69 7.62 -9.86 -4.85
C MET A 69 8.98 -10.09 -4.19
N ASP A 70 10.03 -9.95 -4.99
CA ASP A 70 11.38 -10.14 -4.49
C ASP A 70 12.06 -8.77 -4.34
N ASP A 71 11.45 -7.93 -3.50
CA ASP A 71 11.97 -6.61 -3.26
C ASP A 71 12.03 -6.35 -1.76
N PRO A 72 12.94 -5.41 -1.36
CA PRO A 72 13.09 -5.06 0.04
C PRO A 72 11.94 -4.18 0.51
N ASP A 73 11.42 -3.39 -0.41
CA ASP A 73 10.32 -2.50 -0.10
C ASP A 73 9.09 -3.33 0.28
N ILE A 74 8.91 -4.42 -0.44
CA ILE A 74 7.79 -5.31 -0.19
C ILE A 74 7.64 -5.53 1.32
N ASP A 75 8.78 -5.46 2.01
CA ASP A 75 8.79 -5.65 3.45
C ASP A 75 8.59 -4.31 4.14
N ALA A 76 9.16 -3.27 3.54
CA ALA A 76 9.05 -1.93 4.08
C ALA A 76 7.58 -1.64 4.41
N PRO A 77 7.38 -0.83 5.48
CA PRO A 77 6.04 -0.46 5.90
C PRO A 77 5.43 0.58 4.97
N ILE A 78 4.11 0.59 4.94
CA ILE A 78 3.39 1.52 4.08
C ILE A 78 3.41 2.91 4.73
N SER A 79 2.98 2.95 5.99
CA SER A 79 2.94 4.20 6.73
C SER A 79 2.85 3.91 8.23
N GLY A 80 3.93 3.34 8.76
CA GLY A 80 3.98 3.02 10.17
C GLY A 80 3.78 1.52 10.39
N PRO A 81 3.83 1.12 11.70
CA PRO A 81 3.66 -0.28 12.06
C PRO A 81 2.18 -0.68 11.96
N SER A 82 1.94 -1.96 12.22
CA SER A 82 0.58 -2.49 12.16
C SER A 82 0.44 -3.66 13.14
N SER A 83 1.24 -4.68 12.89
CA SER A 83 1.21 -5.87 13.74
C SER A 83 1.82 -5.55 15.11
N GLY A 84 3.08 -5.13 15.08
CA GLY A 84 3.79 -4.79 16.30
C GLY A 84 5.23 -5.28 16.25
N GLY A 1 -32.27 10.81 24.92
CA GLY A 1 -31.14 11.30 24.15
C GLY A 1 -31.55 12.48 23.28
N SER A 2 -31.31 13.67 23.80
CA SER A 2 -31.64 14.89 23.09
C SER A 2 -30.39 15.72 22.84
N SER A 3 -30.30 16.27 21.63
CA SER A 3 -29.15 17.08 21.27
C SER A 3 -29.49 17.92 20.02
N GLY A 4 -28.73 19.00 19.86
CA GLY A 4 -28.94 19.89 18.73
C GLY A 4 -27.74 19.85 17.77
N SER A 5 -27.50 18.67 17.22
CA SER A 5 -26.40 18.49 16.30
C SER A 5 -26.65 17.29 15.40
N SER A 6 -26.11 17.36 14.19
CA SER A 6 -26.28 16.28 13.23
C SER A 6 -24.91 15.79 12.75
N GLY A 7 -24.92 14.60 12.17
CA GLY A 7 -23.69 14.00 11.67
C GLY A 7 -23.70 13.93 10.14
N GLY A 8 -23.16 12.84 9.62
CA GLY A 8 -23.10 12.64 8.19
C GLY A 8 -24.07 11.53 7.75
N GLU A 9 -24.36 11.53 6.46
CA GLU A 9 -25.28 10.55 5.91
C GLU A 9 -24.67 9.92 4.64
N GLU A 10 -24.13 10.78 3.79
CA GLU A 10 -23.52 10.33 2.56
C GLU A 10 -22.00 10.22 2.73
N LEU A 11 -21.46 9.11 2.24
CA LEU A 11 -20.03 8.87 2.33
C LEU A 11 -19.63 7.80 1.31
N LEU A 12 -18.64 8.12 0.51
CA LEU A 12 -18.15 7.20 -0.51
C LEU A 12 -16.92 7.80 -1.18
N PRO A 13 -16.05 6.87 -1.70
CA PRO A 13 -14.84 7.29 -2.37
C PRO A 13 -15.13 7.85 -3.76
N ASP A 14 -14.13 8.51 -4.32
CA ASP A 14 -14.27 9.10 -5.64
C ASP A 14 -13.01 9.89 -5.99
N GLY A 15 -12.07 9.21 -6.63
CA GLY A 15 -10.82 9.83 -7.01
C GLY A 15 -10.90 10.38 -8.44
N VAL A 16 -11.32 11.64 -8.53
CA VAL A 16 -11.44 12.30 -9.81
C VAL A 16 -10.10 12.23 -10.55
N PRO A 17 -10.18 11.88 -11.86
CA PRO A 17 -8.98 11.78 -12.69
C PRO A 17 -8.45 13.17 -13.05
N GLU A 18 -7.25 13.45 -12.56
CA GLU A 18 -6.62 14.74 -12.82
C GLU A 18 -5.17 14.53 -13.27
N GLU A 19 -4.83 15.15 -14.39
CA GLU A 19 -3.50 15.04 -14.94
C GLU A 19 -2.58 16.10 -14.30
N VAL A 20 -2.54 16.06 -12.98
CA VAL A 20 -1.71 17.01 -12.24
C VAL A 20 -1.68 16.60 -10.77
N MET A 21 -0.56 16.90 -10.12
CA MET A 21 -0.38 16.57 -8.72
C MET A 21 -1.04 17.63 -7.82
N GLU A 22 -1.56 17.17 -6.70
CA GLU A 22 -2.21 18.07 -5.75
C GLU A 22 -2.59 17.30 -4.48
N SER A 23 -1.57 16.89 -3.75
CA SER A 23 -1.78 16.15 -2.51
C SER A 23 -2.92 15.16 -2.69
N ALA A 24 -2.60 14.03 -3.31
CA ALA A 24 -3.58 12.99 -3.55
C ALA A 24 -2.87 11.64 -3.69
N GLN A 25 -3.01 10.83 -2.66
CA GLN A 25 -2.40 9.51 -2.65
C GLN A 25 -3.47 8.42 -2.75
N PRO A 26 -3.05 7.26 -3.34
CA PRO A 26 -3.96 6.15 -3.50
C PRO A 26 -4.19 5.42 -2.17
N VAL A 27 -5.06 4.42 -2.22
CA VAL A 27 -5.37 3.65 -1.03
C VAL A 27 -5.53 2.18 -1.41
N ALA A 28 -4.79 1.33 -0.71
CA ALA A 28 -4.83 -0.09 -0.96
C ALA A 28 -6.28 -0.58 -0.87
N ASN A 29 -6.95 -0.55 -2.03
CA ASN A 29 -8.33 -0.98 -2.10
C ASN A 29 -8.51 -2.25 -1.26
N GLU A 30 -9.55 -2.23 -0.44
CA GLU A 30 -9.85 -3.37 0.42
C GLU A 30 -10.31 -4.57 -0.42
N GLU A 31 -10.90 -4.25 -1.56
CA GLU A 31 -11.39 -5.28 -2.46
C GLU A 31 -10.23 -5.95 -3.19
N ILE A 32 -9.39 -5.11 -3.80
CA ILE A 32 -8.24 -5.60 -4.53
C ILE A 32 -7.33 -6.38 -3.58
N VAL A 33 -7.18 -5.84 -2.38
CA VAL A 33 -6.35 -6.47 -1.36
C VAL A 33 -7.03 -7.76 -0.88
N ALA A 34 -8.32 -7.65 -0.63
CA ALA A 34 -9.09 -8.78 -0.15
C ALA A 34 -8.99 -9.92 -1.18
N GLN A 35 -8.89 -9.53 -2.44
CA GLN A 35 -8.78 -10.49 -3.52
C GLN A 35 -7.39 -11.13 -3.53
N LEU A 36 -6.39 -10.27 -3.44
CA LEU A 36 -5.01 -10.72 -3.45
C LEU A 36 -4.75 -11.55 -2.19
N VAL A 37 -5.03 -10.94 -1.05
CA VAL A 37 -4.82 -11.62 0.22
C VAL A 37 -5.45 -13.01 0.16
N SER A 38 -6.43 -13.15 -0.73
CA SER A 38 -7.11 -14.41 -0.89
C SER A 38 -6.33 -15.31 -1.86
N MET A 39 -5.84 -14.70 -2.92
CA MET A 39 -5.07 -15.43 -3.91
C MET A 39 -3.89 -16.17 -3.27
N GLY A 40 -3.40 -15.59 -2.19
CA GLY A 40 -2.28 -16.18 -1.47
C GLY A 40 -1.10 -15.20 -1.41
N PHE A 41 -1.42 -13.95 -1.18
CA PHE A 41 -0.40 -12.91 -1.10
C PHE A 41 -0.39 -12.26 0.29
N SER A 42 0.59 -11.39 0.50
CA SER A 42 0.72 -10.70 1.76
C SER A 42 -0.07 -9.40 1.73
N GLN A 43 -1.06 -9.32 2.61
CA GLN A 43 -1.90 -8.14 2.70
C GLN A 43 -1.06 -6.87 2.50
N LEU A 44 -0.11 -6.70 3.40
CA LEU A 44 0.77 -5.54 3.35
C LEU A 44 1.15 -5.27 1.88
N HIS A 45 1.68 -6.29 1.25
CA HIS A 45 2.09 -6.18 -0.15
C HIS A 45 0.87 -5.89 -1.02
N CYS A 46 -0.15 -6.73 -0.85
CA CYS A 46 -1.38 -6.58 -1.61
C CYS A 46 -1.76 -5.10 -1.62
N GLN A 47 -1.60 -4.47 -0.46
CA GLN A 47 -1.92 -3.07 -0.31
C GLN A 47 -1.03 -2.22 -1.21
N LYS A 48 0.27 -2.33 -0.97
CA LYS A 48 1.24 -1.57 -1.74
C LYS A 48 0.95 -1.77 -3.23
N ALA A 49 1.00 -3.02 -3.65
CA ALA A 49 0.75 -3.36 -5.04
C ALA A 49 -0.38 -2.48 -5.58
N ALA A 50 -1.59 -2.77 -5.12
CA ALA A 50 -2.76 -2.02 -5.54
C ALA A 50 -2.42 -0.52 -5.55
N ILE A 51 -2.05 -0.02 -4.39
CA ILE A 51 -1.68 1.38 -4.26
C ILE A 51 -0.74 1.77 -5.40
N ASN A 52 0.37 1.05 -5.47
CA ASN A 52 1.36 1.31 -6.50
C ASN A 52 0.66 1.39 -7.87
N THR A 53 -0.48 0.72 -7.95
CA THR A 53 -1.24 0.71 -9.18
C THR A 53 -2.59 1.40 -8.97
N SER A 54 -2.62 2.34 -8.05
CA SER A 54 -3.83 3.08 -7.74
C SER A 54 -5.03 2.13 -7.74
N ASN A 55 -4.77 0.90 -7.32
CA ASN A 55 -5.81 -0.11 -7.26
C ASN A 55 -6.59 -0.11 -8.57
N ALA A 56 -5.87 0.11 -9.65
CA ALA A 56 -6.47 0.15 -10.97
C ALA A 56 -7.27 -1.14 -11.19
N GLY A 57 -6.69 -2.24 -10.77
CA GLY A 57 -7.33 -3.53 -10.91
C GLY A 57 -6.58 -4.62 -10.13
N VAL A 58 -7.28 -5.71 -9.87
CA VAL A 58 -6.68 -6.82 -9.13
C VAL A 58 -5.45 -7.31 -9.88
N GLU A 59 -5.59 -7.43 -11.19
CA GLU A 59 -4.49 -7.89 -12.02
C GLU A 59 -3.30 -6.93 -11.90
N GLU A 60 -3.61 -5.65 -11.91
CA GLU A 60 -2.58 -4.63 -11.80
C GLU A 60 -1.84 -4.76 -10.47
N ALA A 61 -2.62 -4.87 -9.41
CA ALA A 61 -2.05 -5.01 -8.07
C ALA A 61 -1.05 -6.17 -8.06
N MET A 62 -1.54 -7.34 -8.48
CA MET A 62 -0.71 -8.52 -8.52
C MET A 62 0.52 -8.30 -9.41
N ASN A 63 0.24 -7.85 -10.63
CA ASN A 63 1.31 -7.58 -11.58
C ASN A 63 2.45 -6.85 -10.88
N TRP A 64 2.07 -5.91 -10.02
CA TRP A 64 3.05 -5.13 -9.29
C TRP A 64 3.76 -6.07 -8.31
N LEU A 65 2.98 -6.93 -7.68
CA LEU A 65 3.52 -7.87 -6.73
C LEU A 65 4.52 -8.79 -7.44
N LEU A 66 4.13 -9.24 -8.62
CA LEU A 66 4.97 -10.11 -9.41
C LEU A 66 6.23 -9.36 -9.83
N SER A 67 6.20 -8.06 -9.62
CA SER A 67 7.33 -7.22 -9.97
C SER A 67 7.97 -6.64 -8.70
N HIS A 68 7.26 -6.79 -7.60
CA HIS A 68 7.74 -6.29 -6.32
C HIS A 68 7.63 -7.39 -5.27
N MET A 69 7.75 -8.64 -5.73
CA MET A 69 7.67 -9.78 -4.85
C MET A 69 9.01 -10.02 -4.14
N ASP A 70 10.08 -9.91 -4.92
CA ASP A 70 11.41 -10.12 -4.39
C ASP A 70 12.11 -8.77 -4.22
N ASP A 71 11.49 -7.92 -3.41
CA ASP A 71 12.03 -6.60 -3.15
C ASP A 71 12.08 -6.36 -1.64
N PRO A 72 13.01 -5.45 -1.24
CA PRO A 72 13.17 -5.13 0.17
C PRO A 72 12.02 -4.23 0.67
N ASP A 73 11.52 -3.42 -0.24
CA ASP A 73 10.42 -2.51 0.08
C ASP A 73 9.19 -3.33 0.44
N ILE A 74 8.99 -4.42 -0.30
CA ILE A 74 7.85 -5.28 -0.07
C ILE A 74 7.71 -5.55 1.42
N ASP A 75 8.84 -5.48 2.11
CA ASP A 75 8.86 -5.72 3.54
C ASP A 75 8.65 -4.39 4.28
N ALA A 76 9.22 -3.33 3.71
CA ALA A 76 9.09 -2.02 4.30
C ALA A 76 7.61 -1.73 4.58
N PRO A 77 7.38 -0.96 5.69
CA PRO A 77 6.03 -0.60 6.07
C PRO A 77 5.45 0.47 5.16
N ILE A 78 4.14 0.44 5.00
CA ILE A 78 3.45 1.39 4.16
C ILE A 78 3.54 2.78 4.80
N SER A 79 3.14 2.85 6.06
CA SER A 79 3.17 4.09 6.78
C SER A 79 3.42 3.83 8.28
N GLY A 80 4.68 3.63 8.60
CA GLY A 80 5.08 3.37 9.98
C GLY A 80 6.57 3.61 10.19
N PRO A 81 6.98 3.58 11.48
CA PRO A 81 8.38 3.79 11.83
C PRO A 81 9.21 2.56 11.49
N SER A 82 10.52 2.72 11.65
CA SER A 82 11.45 1.64 11.37
C SER A 82 12.64 1.70 12.32
N SER A 83 13.09 0.52 12.74
CA SER A 83 14.21 0.43 13.66
C SER A 83 15.37 1.30 13.15
N GLY A 84 15.58 2.39 13.85
CA GLY A 84 16.66 3.31 13.49
C GLY A 84 17.58 3.57 14.68
N GLY A 1 -28.74 8.05 1.87
CA GLY A 1 -29.01 8.26 0.45
C GLY A 1 -29.90 9.48 0.24
N SER A 2 -30.75 9.38 -0.77
CA SER A 2 -31.66 10.47 -1.08
C SER A 2 -32.54 10.09 -2.28
N SER A 3 -33.55 10.91 -2.52
CA SER A 3 -34.47 10.67 -3.62
C SER A 3 -33.69 10.35 -4.89
N GLY A 4 -34.37 9.70 -5.82
CA GLY A 4 -33.76 9.34 -7.09
C GLY A 4 -32.98 10.50 -7.68
N SER A 5 -33.71 11.41 -8.31
CA SER A 5 -33.10 12.58 -8.93
C SER A 5 -33.91 13.83 -8.57
N SER A 6 -33.60 14.39 -7.42
CA SER A 6 -34.29 15.59 -6.96
C SER A 6 -33.62 16.84 -7.56
N GLY A 7 -34.33 17.46 -8.47
CA GLY A 7 -33.83 18.67 -9.12
C GLY A 7 -34.53 18.90 -10.45
N GLY A 8 -33.71 19.19 -11.47
CA GLY A 8 -34.25 19.44 -12.80
C GLY A 8 -33.33 20.38 -13.58
N GLU A 9 -32.63 21.22 -12.84
CA GLU A 9 -31.73 22.18 -13.45
C GLU A 9 -30.28 21.84 -13.09
N GLU A 10 -30.04 20.56 -12.86
CA GLU A 10 -28.72 20.08 -12.51
C GLU A 10 -27.66 20.82 -13.33
N LEU A 11 -26.62 21.27 -12.64
CA LEU A 11 -25.54 22.00 -13.28
C LEU A 11 -24.45 21.01 -13.68
N LEU A 12 -23.41 21.54 -14.32
CA LEU A 12 -22.29 20.72 -14.77
C LEU A 12 -21.10 20.96 -13.84
N PRO A 13 -20.18 19.96 -13.82
CA PRO A 13 -18.99 20.05 -12.99
C PRO A 13 -17.98 21.03 -13.59
N ASP A 14 -16.98 21.35 -12.78
CA ASP A 14 -15.94 22.28 -13.22
C ASP A 14 -14.60 21.55 -13.23
N GLY A 15 -14.24 21.06 -14.41
CA GLY A 15 -12.99 20.34 -14.57
C GLY A 15 -11.86 21.30 -15.00
N VAL A 16 -11.28 21.95 -14.01
CA VAL A 16 -10.20 22.88 -14.26
C VAL A 16 -9.08 22.18 -15.03
N PRO A 17 -8.46 22.94 -15.97
CA PRO A 17 -7.39 22.39 -16.79
C PRO A 17 -6.10 22.28 -15.99
N GLU A 18 -6.13 21.41 -14.98
CA GLU A 18 -4.97 21.21 -14.13
C GLU A 18 -4.58 19.72 -14.11
N GLU A 19 -3.29 19.48 -14.01
CA GLU A 19 -2.78 18.12 -13.98
C GLU A 19 -2.78 17.59 -12.54
N VAL A 20 -3.96 17.63 -11.93
CA VAL A 20 -4.10 17.15 -10.58
C VAL A 20 -3.26 18.03 -9.64
N MET A 21 -3.73 18.13 -8.40
CA MET A 21 -3.03 18.93 -7.41
C MET A 21 -1.86 18.15 -6.81
N GLU A 22 -1.08 18.85 -6.00
CA GLU A 22 0.08 18.24 -5.36
C GLU A 22 -0.30 17.68 -3.99
N SER A 23 -1.29 16.78 -4.01
CA SER A 23 -1.76 16.17 -2.79
C SER A 23 -2.91 15.21 -3.10
N ALA A 24 -2.56 13.93 -3.21
CA ALA A 24 -3.55 12.90 -3.50
C ALA A 24 -2.84 11.55 -3.62
N GLN A 25 -2.97 10.76 -2.57
CA GLN A 25 -2.36 9.43 -2.55
C GLN A 25 -3.43 8.35 -2.69
N PRO A 26 -3.00 7.20 -3.29
CA PRO A 26 -3.92 6.09 -3.49
C PRO A 26 -4.17 5.35 -2.17
N VAL A 27 -5.05 4.36 -2.25
CA VAL A 27 -5.41 3.58 -1.09
C VAL A 27 -5.54 2.10 -1.49
N ALA A 28 -4.89 1.25 -0.71
CA ALA A 28 -4.92 -0.17 -0.98
C ALA A 28 -6.38 -0.66 -0.92
N ASN A 29 -7.03 -0.61 -2.07
CA ASN A 29 -8.41 -1.04 -2.18
C ASN A 29 -8.60 -2.33 -1.37
N GLU A 30 -9.57 -2.30 -0.47
CA GLU A 30 -9.87 -3.44 0.36
C GLU A 30 -10.40 -4.60 -0.50
N GLU A 31 -10.96 -4.24 -1.64
CA GLU A 31 -11.50 -5.22 -2.56
C GLU A 31 -10.38 -5.91 -3.34
N ILE A 32 -9.48 -5.08 -3.86
CA ILE A 32 -8.36 -5.59 -4.64
C ILE A 32 -7.43 -6.38 -3.71
N VAL A 33 -7.26 -5.86 -2.50
CA VAL A 33 -6.41 -6.50 -1.52
C VAL A 33 -7.08 -7.78 -1.01
N ALA A 34 -8.34 -7.63 -0.63
CA ALA A 34 -9.11 -8.76 -0.12
C ALA A 34 -9.03 -9.91 -1.13
N GLN A 35 -8.91 -9.54 -2.40
CA GLN A 35 -8.82 -10.52 -3.47
C GLN A 35 -7.43 -11.15 -3.50
N LEU A 36 -6.43 -10.28 -3.43
CA LEU A 36 -5.04 -10.73 -3.45
C LEU A 36 -4.76 -11.55 -2.17
N VAL A 37 -5.02 -10.92 -1.04
CA VAL A 37 -4.80 -11.57 0.25
C VAL A 37 -5.43 -12.96 0.22
N SER A 38 -6.41 -13.12 -0.65
CA SER A 38 -7.10 -14.39 -0.79
C SER A 38 -6.34 -15.30 -1.75
N MET A 39 -5.85 -14.70 -2.82
CA MET A 39 -5.10 -15.44 -3.82
C MET A 39 -3.91 -16.17 -3.18
N GLY A 40 -3.41 -15.59 -2.10
CA GLY A 40 -2.28 -16.17 -1.39
C GLY A 40 -1.10 -15.20 -1.37
N PHE A 41 -1.41 -13.94 -1.15
CA PHE A 41 -0.38 -12.91 -1.11
C PHE A 41 -0.33 -12.25 0.26
N SER A 42 0.68 -11.40 0.44
CA SER A 42 0.85 -10.69 1.70
C SER A 42 0.09 -9.37 1.67
N GLN A 43 -0.91 -9.27 2.53
CA GLN A 43 -1.72 -8.07 2.61
C GLN A 43 -0.84 -6.83 2.44
N LEU A 44 0.07 -6.66 3.39
CA LEU A 44 0.98 -5.52 3.37
C LEU A 44 1.41 -5.26 1.93
N HIS A 45 1.70 -6.34 1.22
CA HIS A 45 2.13 -6.24 -0.16
C HIS A 45 0.93 -5.94 -1.05
N CYS A 46 -0.12 -6.72 -0.86
CA CYS A 46 -1.34 -6.55 -1.64
C CYS A 46 -1.72 -5.06 -1.61
N GLN A 47 -1.56 -4.46 -0.44
CA GLN A 47 -1.88 -3.05 -0.27
C GLN A 47 -0.98 -2.20 -1.15
N LYS A 48 0.32 -2.35 -0.95
CA LYS A 48 1.29 -1.59 -1.72
C LYS A 48 1.01 -1.78 -3.22
N ALA A 49 1.03 -3.04 -3.64
CA ALA A 49 0.78 -3.36 -5.03
C ALA A 49 -0.36 -2.48 -5.56
N ALA A 50 -1.56 -2.79 -5.10
CA ALA A 50 -2.74 -2.03 -5.51
C ALA A 50 -2.41 -0.54 -5.51
N ILE A 51 -2.07 -0.04 -4.32
CA ILE A 51 -1.74 1.36 -4.16
C ILE A 51 -0.79 1.79 -5.28
N ASN A 52 0.33 1.08 -5.36
CA ASN A 52 1.32 1.37 -6.39
C ASN A 52 0.63 1.47 -7.75
N THR A 53 -0.43 0.70 -7.89
CA THR A 53 -1.19 0.70 -9.14
C THR A 53 -2.53 1.39 -8.95
N SER A 54 -2.56 2.31 -7.99
CA SER A 54 -3.76 3.06 -7.70
C SER A 54 -4.97 2.12 -7.69
N ASN A 55 -4.71 0.86 -7.37
CA ASN A 55 -5.74 -0.14 -7.31
C ASN A 55 -6.51 -0.14 -8.64
N ALA A 56 -5.79 0.13 -9.71
CA ALA A 56 -6.38 0.15 -11.03
C ALA A 56 -7.20 -1.11 -11.25
N GLY A 57 -6.61 -2.23 -10.87
CA GLY A 57 -7.28 -3.51 -11.00
C GLY A 57 -6.51 -4.62 -10.28
N VAL A 58 -7.26 -5.63 -9.86
CA VAL A 58 -6.67 -6.76 -9.15
C VAL A 58 -5.43 -7.24 -9.92
N GLU A 59 -5.59 -7.37 -11.23
CA GLU A 59 -4.51 -7.82 -12.08
C GLU A 59 -3.30 -6.88 -11.94
N GLU A 60 -3.59 -5.59 -11.96
CA GLU A 60 -2.54 -4.59 -11.84
C GLU A 60 -1.83 -4.73 -10.49
N ALA A 61 -2.64 -4.82 -9.44
CA ALA A 61 -2.10 -4.95 -8.09
C ALA A 61 -1.13 -6.12 -8.06
N MET A 62 -1.61 -7.28 -8.49
CA MET A 62 -0.79 -8.48 -8.50
C MET A 62 0.44 -8.28 -9.37
N ASN A 63 0.20 -7.82 -10.59
CA ASN A 63 1.29 -7.59 -11.53
C ASN A 63 2.43 -6.85 -10.81
N TRP A 64 2.04 -5.92 -9.95
CA TRP A 64 3.01 -5.14 -9.21
C TRP A 64 3.70 -6.08 -8.21
N LEU A 65 2.89 -6.94 -7.61
CA LEU A 65 3.42 -7.90 -6.64
C LEU A 65 4.41 -8.83 -7.33
N LEU A 66 4.03 -9.27 -8.52
CA LEU A 66 4.88 -10.17 -9.29
C LEU A 66 6.13 -9.42 -9.74
N SER A 67 6.10 -8.11 -9.53
CA SER A 67 7.22 -7.27 -9.92
C SER A 67 7.85 -6.64 -8.67
N HIS A 68 7.20 -6.86 -7.54
CA HIS A 68 7.67 -6.33 -6.28
C HIS A 68 7.67 -7.42 -5.22
N MET A 69 7.66 -8.66 -5.68
CA MET A 69 7.67 -9.81 -4.80
C MET A 69 9.05 -10.02 -4.16
N ASP A 70 10.06 -9.84 -5.00
CA ASP A 70 11.43 -10.01 -4.54
C ASP A 70 12.07 -8.63 -4.37
N ASP A 71 11.49 -7.84 -3.48
CA ASP A 71 11.99 -6.51 -3.21
C ASP A 71 12.08 -6.29 -1.70
N PRO A 72 13.00 -5.37 -1.30
CA PRO A 72 13.19 -5.06 0.11
C PRO A 72 12.04 -4.21 0.65
N ASP A 73 11.52 -3.37 -0.22
CA ASP A 73 10.42 -2.49 0.15
C ASP A 73 9.19 -3.34 0.48
N ILE A 74 9.01 -4.40 -0.28
CA ILE A 74 7.89 -5.30 -0.08
C ILE A 74 7.76 -5.61 1.41
N ASP A 75 8.89 -5.55 2.10
CA ASP A 75 8.92 -5.82 3.52
C ASP A 75 8.67 -4.53 4.30
N ALA A 76 9.22 -3.44 3.76
CA ALA A 76 9.06 -2.14 4.38
C ALA A 76 7.58 -1.90 4.69
N PRO A 77 7.34 -1.20 5.83
CA PRO A 77 5.98 -0.90 6.25
C PRO A 77 5.36 0.21 5.40
N ILE A 78 4.04 0.19 5.31
CA ILE A 78 3.34 1.19 4.53
C ILE A 78 3.34 2.52 5.29
N SER A 79 2.94 2.45 6.56
CA SER A 79 2.89 3.63 7.39
C SER A 79 3.97 3.55 8.48
N GLY A 80 5.01 4.34 8.29
CA GLY A 80 6.11 4.36 9.25
C GLY A 80 5.59 4.23 10.68
N PRO A 81 6.08 3.17 11.36
CA PRO A 81 5.68 2.92 12.74
C PRO A 81 6.36 3.89 13.71
N SER A 82 5.74 4.07 14.85
CA SER A 82 6.27 4.97 15.87
C SER A 82 5.76 4.57 17.25
N SER A 83 6.30 5.24 18.26
CA SER A 83 5.91 4.97 19.63
C SER A 83 4.93 6.05 20.12
N GLY A 84 3.85 5.59 20.73
CA GLY A 84 2.83 6.49 21.24
C GLY A 84 1.48 5.79 21.35
N GLY A 1 10.26 -3.41 45.88
CA GLY A 1 9.99 -2.81 44.59
C GLY A 1 8.79 -1.86 44.67
N SER A 2 7.91 -1.97 43.67
CA SER A 2 6.73 -1.14 43.63
C SER A 2 5.55 -1.86 44.29
N SER A 3 4.77 -1.10 45.03
CA SER A 3 3.61 -1.65 45.71
C SER A 3 2.43 -0.69 45.60
N GLY A 4 1.60 -0.95 44.59
CA GLY A 4 0.44 -0.11 44.35
C GLY A 4 -0.20 -0.43 42.99
N SER A 5 -1.24 0.32 42.67
CA SER A 5 -1.93 0.14 41.41
C SER A 5 -1.90 1.44 40.61
N SER A 6 -1.49 1.31 39.35
CA SER A 6 -1.41 2.46 38.46
C SER A 6 -1.67 2.02 37.02
N GLY A 7 -2.95 1.97 36.66
CA GLY A 7 -3.34 1.57 35.33
C GLY A 7 -4.81 1.94 35.06
N GLY A 8 -5.03 2.55 33.91
CA GLY A 8 -6.38 2.95 33.52
C GLY A 8 -6.82 2.19 32.27
N GLU A 9 -7.36 2.95 31.32
CA GLU A 9 -7.84 2.37 30.08
C GLU A 9 -6.68 1.74 29.31
N GLU A 10 -5.55 2.43 29.33
CA GLU A 10 -4.36 1.96 28.65
C GLU A 10 -4.73 1.45 27.25
N LEU A 11 -4.93 2.42 26.34
CA LEU A 11 -5.28 2.09 24.98
C LEU A 11 -4.70 3.14 24.03
N LEU A 12 -4.31 2.69 22.86
CA LEU A 12 -3.73 3.58 21.86
C LEU A 12 -4.86 4.38 21.18
N PRO A 13 -4.47 5.58 20.66
CA PRO A 13 -5.44 6.43 19.99
C PRO A 13 -5.77 5.89 18.60
N ASP A 14 -6.81 6.46 18.01
CA ASP A 14 -7.24 6.05 16.68
C ASP A 14 -8.49 6.85 16.29
N GLY A 15 -8.25 7.98 15.65
CA GLY A 15 -9.33 8.84 15.22
C GLY A 15 -8.88 9.77 14.08
N VAL A 16 -8.46 9.15 12.99
CA VAL A 16 -8.01 9.91 11.83
C VAL A 16 -9.07 10.94 11.46
N PRO A 17 -8.75 12.23 11.74
CA PRO A 17 -9.66 13.31 11.43
C PRO A 17 -9.67 13.61 9.93
N GLU A 18 -10.17 12.65 9.17
CA GLU A 18 -10.23 12.80 7.72
C GLU A 18 -10.69 14.21 7.35
N GLU A 19 -10.29 14.64 6.16
CA GLU A 19 -10.65 15.96 5.69
C GLU A 19 -11.32 15.87 4.31
N VAL A 20 -12.52 15.30 4.30
CA VAL A 20 -13.26 15.14 3.07
C VAL A 20 -12.41 14.38 2.05
N MET A 21 -13.05 13.96 0.98
CA MET A 21 -12.38 13.21 -0.07
C MET A 21 -11.56 14.14 -0.96
N GLU A 22 -10.26 13.90 -1.00
CA GLU A 22 -9.37 14.70 -1.82
C GLU A 22 -8.14 13.89 -2.23
N SER A 23 -7.50 14.33 -3.30
CA SER A 23 -6.33 13.66 -3.81
C SER A 23 -5.18 13.78 -2.80
N ALA A 24 -5.11 12.80 -1.91
CA ALA A 24 -4.07 12.77 -0.90
C ALA A 24 -3.47 11.38 -0.81
N GLN A 25 -3.05 10.87 -1.97
CA GLN A 25 -2.46 9.55 -2.04
C GLN A 25 -3.54 8.49 -2.24
N PRO A 26 -3.13 7.36 -2.88
CA PRO A 26 -4.06 6.28 -3.14
C PRO A 26 -4.33 5.48 -1.86
N VAL A 27 -5.20 4.49 -1.99
CA VAL A 27 -5.56 3.65 -0.86
C VAL A 27 -5.68 2.19 -1.32
N ALA A 28 -4.92 1.34 -0.66
CA ALA A 28 -4.92 -0.08 -1.00
C ALA A 28 -6.37 -0.59 -0.96
N ASN A 29 -7.00 -0.54 -2.12
CA ASN A 29 -8.38 -0.99 -2.24
C ASN A 29 -8.56 -2.26 -1.40
N GLU A 30 -9.61 -2.24 -0.58
CA GLU A 30 -9.90 -3.39 0.28
C GLU A 30 -10.39 -4.57 -0.57
N GLU A 31 -10.94 -4.24 -1.72
CA GLU A 31 -11.45 -5.26 -2.63
C GLU A 31 -10.29 -5.96 -3.34
N ILE A 32 -9.38 -5.14 -3.86
CA ILE A 32 -8.23 -5.66 -4.57
C ILE A 32 -7.33 -6.42 -3.58
N VAL A 33 -7.22 -5.87 -2.39
CA VAL A 33 -6.40 -6.47 -1.35
C VAL A 33 -7.08 -7.75 -0.86
N ALA A 34 -8.37 -7.64 -0.60
CA ALA A 34 -9.15 -8.78 -0.13
C ALA A 34 -9.05 -9.92 -1.14
N GLN A 35 -8.85 -9.53 -2.40
CA GLN A 35 -8.73 -10.51 -3.47
C GLN A 35 -7.34 -11.13 -3.49
N LEU A 36 -6.35 -10.27 -3.32
CA LEU A 36 -4.96 -10.72 -3.32
C LEU A 36 -4.69 -11.52 -2.04
N VAL A 37 -5.12 -10.95 -0.92
CA VAL A 37 -4.93 -11.60 0.36
C VAL A 37 -5.55 -13.00 0.32
N SER A 38 -6.46 -13.18 -0.64
CA SER A 38 -7.12 -14.46 -0.80
C SER A 38 -6.35 -15.33 -1.79
N MET A 39 -5.87 -14.68 -2.85
CA MET A 39 -5.11 -15.38 -3.87
C MET A 39 -3.91 -16.11 -3.27
N GLY A 40 -3.44 -15.58 -2.15
CA GLY A 40 -2.30 -16.16 -1.46
C GLY A 40 -1.13 -15.18 -1.38
N PHE A 41 -1.49 -13.92 -1.16
CA PHE A 41 -0.49 -12.87 -1.06
C PHE A 41 -0.50 -12.25 0.35
N SER A 42 0.46 -11.35 0.56
CA SER A 42 0.57 -10.67 1.84
C SER A 42 -0.22 -9.37 1.81
N GLN A 43 -1.21 -9.29 2.69
CA GLN A 43 -2.04 -8.10 2.77
C GLN A 43 -1.19 -6.84 2.59
N LEU A 44 -0.23 -6.68 3.48
CA LEU A 44 0.65 -5.52 3.43
C LEU A 44 1.05 -5.26 1.98
N HIS A 45 1.54 -6.30 1.33
CA HIS A 45 1.96 -6.20 -0.06
C HIS A 45 0.74 -5.92 -0.94
N CYS A 46 -0.28 -6.76 -0.76
CA CYS A 46 -1.50 -6.61 -1.53
C CYS A 46 -1.89 -5.13 -1.56
N GLN A 47 -1.65 -4.46 -0.45
CA GLN A 47 -1.95 -3.05 -0.34
C GLN A 47 -1.02 -2.23 -1.22
N LYS A 48 0.28 -2.36 -0.95
CA LYS A 48 1.28 -1.63 -1.71
C LYS A 48 1.01 -1.84 -3.21
N ALA A 49 0.97 -3.11 -3.59
CA ALA A 49 0.73 -3.46 -4.98
C ALA A 49 -0.38 -2.56 -5.54
N ALA A 50 -1.59 -2.80 -5.04
CA ALA A 50 -2.74 -2.03 -5.50
C ALA A 50 -2.37 -0.54 -5.53
N ILE A 51 -2.00 -0.03 -4.37
CA ILE A 51 -1.62 1.37 -4.25
C ILE A 51 -0.66 1.73 -5.39
N ASN A 52 0.44 1.00 -5.44
CA ASN A 52 1.44 1.22 -6.47
C ASN A 52 0.75 1.31 -7.84
N THR A 53 -0.41 0.68 -7.91
CA THR A 53 -1.17 0.68 -9.14
C THR A 53 -2.53 1.33 -8.94
N SER A 54 -2.56 2.31 -8.03
CA SER A 54 -3.78 3.01 -7.73
C SER A 54 -4.97 2.04 -7.76
N ASN A 55 -4.70 0.82 -7.33
CA ASN A 55 -5.73 -0.21 -7.30
C ASN A 55 -6.56 -0.13 -8.59
N ALA A 56 -5.87 0.03 -9.70
CA ALA A 56 -6.53 0.13 -10.99
C ALA A 56 -7.25 -1.19 -11.29
N GLY A 57 -6.70 -2.27 -10.75
CA GLY A 57 -7.28 -3.58 -10.94
C GLY A 57 -6.46 -4.66 -10.23
N VAL A 58 -7.14 -5.70 -9.79
CA VAL A 58 -6.50 -6.79 -9.09
C VAL A 58 -5.26 -7.23 -9.89
N GLU A 59 -5.44 -7.33 -11.19
CA GLU A 59 -4.37 -7.75 -12.08
C GLU A 59 -3.17 -6.79 -11.93
N GLU A 60 -3.50 -5.50 -11.85
CA GLU A 60 -2.47 -4.48 -11.72
C GLU A 60 -1.72 -4.65 -10.40
N ALA A 61 -2.49 -4.78 -9.34
CA ALA A 61 -1.90 -4.95 -8.01
C ALA A 61 -0.94 -6.13 -8.04
N MET A 62 -1.45 -7.28 -8.47
CA MET A 62 -0.64 -8.48 -8.55
C MET A 62 0.58 -8.25 -9.44
N ASN A 63 0.31 -7.76 -10.64
CA ASN A 63 1.37 -7.51 -11.60
C ASN A 63 2.52 -6.79 -10.90
N TRP A 64 2.16 -5.86 -10.02
CA TRP A 64 3.16 -5.11 -9.29
C TRP A 64 3.87 -6.07 -8.32
N LEU A 65 3.07 -6.94 -7.72
CA LEU A 65 3.61 -7.91 -6.78
C LEU A 65 4.56 -8.85 -7.52
N LEU A 66 4.14 -9.25 -8.71
CA LEU A 66 4.95 -10.14 -9.53
C LEU A 66 6.25 -9.44 -9.93
N SER A 67 6.28 -8.13 -9.68
CA SER A 67 7.45 -7.34 -10.00
C SER A 67 8.06 -6.76 -8.72
N HIS A 68 7.31 -6.92 -7.62
CA HIS A 68 7.78 -6.42 -6.34
C HIS A 68 7.64 -7.52 -5.29
N MET A 69 7.74 -8.76 -5.75
CA MET A 69 7.64 -9.90 -4.87
C MET A 69 8.94 -10.11 -4.08
N ASP A 70 10.05 -9.95 -4.79
CA ASP A 70 11.35 -10.12 -4.18
C ASP A 70 12.06 -8.76 -4.12
N ASP A 71 11.42 -7.82 -3.44
CA ASP A 71 11.98 -6.48 -3.31
C ASP A 71 12.14 -6.15 -1.82
N PRO A 72 13.08 -5.20 -1.55
CA PRO A 72 13.35 -4.79 -0.19
C PRO A 72 12.23 -3.88 0.35
N ASP A 73 11.42 -3.40 -0.58
CA ASP A 73 10.31 -2.53 -0.23
C ASP A 73 9.11 -3.38 0.20
N ILE A 74 8.93 -4.49 -0.51
CA ILE A 74 7.82 -5.39 -0.21
C ILE A 74 7.77 -5.64 1.29
N ASP A 75 8.93 -5.57 1.92
CA ASP A 75 9.03 -5.78 3.36
C ASP A 75 8.84 -4.44 4.08
N ALA A 76 9.32 -3.38 3.45
CA ALA A 76 9.22 -2.05 4.01
C ALA A 76 7.75 -1.76 4.35
N PRO A 77 7.56 -0.98 5.44
CA PRO A 77 6.22 -0.62 5.89
C PRO A 77 5.60 0.43 4.96
N ILE A 78 4.27 0.42 4.92
CA ILE A 78 3.56 1.38 4.09
C ILE A 78 3.64 2.77 4.72
N SER A 79 3.27 2.84 5.99
CA SER A 79 3.29 4.10 6.71
C SER A 79 3.70 3.86 8.17
N GLY A 80 4.98 3.64 8.37
CA GLY A 80 5.50 3.40 9.70
C GLY A 80 5.23 1.95 10.14
N PRO A 81 5.90 1.56 11.26
CA PRO A 81 5.74 0.21 11.78
C PRO A 81 4.39 0.05 12.49
N SER A 82 4.12 0.98 13.39
CA SER A 82 2.86 0.96 14.13
C SER A 82 2.28 2.37 14.21
N SER A 83 3.07 3.27 14.77
CA SER A 83 2.63 4.66 14.91
C SER A 83 1.40 4.73 15.81
N GLY A 84 1.63 5.14 17.05
CA GLY A 84 0.55 5.26 18.02
C GLY A 84 0.89 6.30 19.09
N GLY A 1 30.28 -3.83 12.63
CA GLY A 1 30.97 -2.57 12.87
C GLY A 1 30.48 -1.92 14.16
N SER A 2 30.04 -0.67 14.03
CA SER A 2 29.54 0.08 15.17
C SER A 2 28.80 1.34 14.70
N SER A 3 27.50 1.20 14.54
CA SER A 3 26.68 2.31 14.10
C SER A 3 25.22 2.07 14.49
N GLY A 4 24.82 2.65 15.60
CA GLY A 4 23.46 2.50 16.09
C GLY A 4 22.76 3.86 16.18
N SER A 5 22.32 4.20 17.38
CA SER A 5 21.64 5.45 17.60
C SER A 5 21.34 5.62 19.10
N SER A 6 21.78 6.76 19.63
CA SER A 6 21.57 7.05 21.04
C SER A 6 21.54 8.56 21.26
N GLY A 7 20.34 9.12 21.18
CA GLY A 7 20.17 10.55 21.37
C GLY A 7 19.15 11.11 20.38
N GLY A 8 18.39 12.10 20.85
CA GLY A 8 17.38 12.72 20.02
C GLY A 8 16.19 11.78 19.80
N GLU A 9 15.03 12.38 19.57
CA GLU A 9 13.82 11.62 19.34
C GLU A 9 13.40 11.71 17.87
N GLU A 10 13.39 10.56 17.21
CA GLU A 10 13.02 10.50 15.81
C GLU A 10 12.46 9.11 15.47
N LEU A 11 11.14 9.04 15.41
CA LEU A 11 10.47 7.79 15.09
C LEU A 11 8.96 8.02 15.00
N LEU A 12 8.54 8.54 13.85
CA LEU A 12 7.14 8.82 13.63
C LEU A 12 6.94 9.27 12.18
N PRO A 13 6.43 8.33 11.35
CA PRO A 13 6.19 8.63 9.94
C PRO A 13 4.95 9.50 9.77
N ASP A 14 5.11 10.55 8.97
CA ASP A 14 4.00 11.47 8.71
C ASP A 14 4.51 12.65 7.87
N GLY A 15 4.16 12.61 6.60
CA GLY A 15 4.57 13.66 5.68
C GLY A 15 3.60 13.79 4.51
N VAL A 16 2.43 14.35 4.80
CA VAL A 16 1.41 14.53 3.79
C VAL A 16 0.61 15.79 4.10
N PRO A 17 0.00 16.37 3.03
CA PRO A 17 -0.80 17.57 3.17
C PRO A 17 -2.15 17.25 3.81
N GLU A 18 -2.09 16.69 5.01
CA GLU A 18 -3.30 16.33 5.73
C GLU A 18 -4.33 15.72 4.78
N GLU A 19 -5.58 15.72 5.23
CA GLU A 19 -6.66 15.17 4.43
C GLU A 19 -7.75 16.21 4.21
N VAL A 20 -7.34 17.35 3.68
CA VAL A 20 -8.27 18.43 3.41
C VAL A 20 -8.07 18.95 1.98
N MET A 21 -7.74 18.02 1.11
CA MET A 21 -7.51 18.36 -0.29
C MET A 21 -7.86 17.18 -1.21
N GLU A 22 -7.83 17.46 -2.51
CA GLU A 22 -8.14 16.44 -3.49
C GLU A 22 -7.37 15.15 -3.18
N SER A 23 -7.64 14.13 -3.99
CA SER A 23 -6.98 12.84 -3.82
C SER A 23 -5.51 13.05 -3.46
N ALA A 24 -5.16 12.61 -2.26
CA ALA A 24 -3.79 12.74 -1.77
C ALA A 24 -3.18 11.35 -1.61
N GLN A 25 -2.77 10.77 -2.73
CA GLN A 25 -2.17 9.45 -2.71
C GLN A 25 -3.25 8.38 -2.82
N PRO A 26 -2.85 7.22 -3.42
CA PRO A 26 -3.78 6.11 -3.58
C PRO A 26 -4.02 5.38 -2.25
N VAL A 27 -4.89 4.40 -2.31
CA VAL A 27 -5.23 3.63 -1.12
C VAL A 27 -5.36 2.16 -1.50
N ALA A 28 -4.75 1.31 -0.69
CA ALA A 28 -4.79 -0.12 -0.93
C ALA A 28 -6.23 -0.61 -0.82
N ASN A 29 -6.92 -0.55 -1.96
CA ASN A 29 -8.31 -0.98 -2.00
C ASN A 29 -8.48 -2.25 -1.17
N GLU A 30 -9.59 -2.31 -0.45
CA GLU A 30 -9.88 -3.45 0.39
C GLU A 30 -10.36 -4.63 -0.46
N GLU A 31 -10.89 -4.30 -1.62
CA GLU A 31 -11.38 -5.32 -2.54
C GLU A 31 -10.22 -5.96 -3.29
N ILE A 32 -9.37 -5.11 -3.84
CA ILE A 32 -8.21 -5.58 -4.58
C ILE A 32 -7.27 -6.35 -3.64
N VAL A 33 -7.20 -5.86 -2.41
CA VAL A 33 -6.35 -6.49 -1.41
C VAL A 33 -7.01 -7.78 -0.93
N ALA A 34 -8.26 -7.65 -0.51
CA ALA A 34 -9.01 -8.79 -0.03
C ALA A 34 -8.95 -9.92 -1.06
N GLN A 35 -8.80 -9.53 -2.32
CA GLN A 35 -8.72 -10.48 -3.40
C GLN A 35 -7.32 -11.11 -3.46
N LEU A 36 -6.32 -10.25 -3.35
CA LEU A 36 -4.94 -10.70 -3.38
C LEU A 36 -4.65 -11.51 -2.12
N VAL A 37 -5.09 -10.97 -0.98
CA VAL A 37 -4.87 -11.63 0.29
C VAL A 37 -5.51 -13.02 0.25
N SER A 38 -6.40 -13.20 -0.71
CA SER A 38 -7.08 -14.48 -0.87
C SER A 38 -6.29 -15.40 -1.79
N MET A 39 -5.75 -14.80 -2.85
CA MET A 39 -4.96 -15.55 -3.82
C MET A 39 -3.78 -16.24 -3.13
N GLY A 40 -3.50 -15.80 -1.92
CA GLY A 40 -2.41 -16.35 -1.16
C GLY A 40 -1.22 -15.38 -1.11
N PHE A 41 -1.55 -14.11 -1.12
CA PHE A 41 -0.53 -13.07 -1.07
C PHE A 41 -0.45 -12.45 0.33
N SER A 42 0.39 -11.43 0.44
CA SER A 42 0.57 -10.75 1.71
C SER A 42 -0.19 -9.42 1.71
N GLN A 43 -1.15 -9.32 2.61
CA GLN A 43 -1.96 -8.12 2.72
C GLN A 43 -1.10 -6.88 2.50
N LEU A 44 -0.11 -6.73 3.37
CA LEU A 44 0.80 -5.59 3.29
C LEU A 44 1.14 -5.32 1.82
N HIS A 45 1.65 -6.36 1.17
CA HIS A 45 2.03 -6.26 -0.23
C HIS A 45 0.78 -5.97 -1.07
N CYS A 46 -0.24 -6.80 -0.86
CA CYS A 46 -1.48 -6.66 -1.60
C CYS A 46 -1.87 -5.17 -1.58
N GLN A 47 -1.61 -4.54 -0.46
CA GLN A 47 -1.93 -3.12 -0.31
C GLN A 47 -1.03 -2.27 -1.20
N LYS A 48 0.28 -2.39 -0.94
CA LYS A 48 1.25 -1.64 -1.72
C LYS A 48 0.96 -1.81 -3.21
N ALA A 49 0.99 -3.06 -3.65
CA ALA A 49 0.73 -3.38 -5.04
C ALA A 49 -0.40 -2.49 -5.56
N ALA A 50 -1.61 -2.79 -5.10
CA ALA A 50 -2.77 -2.02 -5.51
C ALA A 50 -2.42 -0.54 -5.52
N ILE A 51 -2.02 -0.04 -4.36
CA ILE A 51 -1.66 1.36 -4.22
C ILE A 51 -0.72 1.75 -5.36
N ASN A 52 0.37 1.00 -5.47
CA ASN A 52 1.36 1.26 -6.51
C ASN A 52 0.65 1.37 -7.86
N THR A 53 -0.49 0.70 -7.96
CA THR A 53 -1.27 0.72 -9.18
C THR A 53 -2.61 1.45 -8.96
N SER A 54 -2.59 2.33 -7.97
CA SER A 54 -3.79 3.10 -7.64
C SER A 54 -5.00 2.17 -7.62
N ASN A 55 -4.75 0.90 -7.33
CA ASN A 55 -5.81 -0.08 -7.27
C ASN A 55 -6.58 -0.07 -8.59
N ALA A 56 -5.83 0.13 -9.67
CA ALA A 56 -6.43 0.17 -11.00
C ALA A 56 -7.22 -1.11 -11.23
N GLY A 57 -6.65 -2.22 -10.76
CA GLY A 57 -7.28 -3.52 -10.91
C GLY A 57 -6.47 -4.61 -10.23
N VAL A 58 -7.17 -5.61 -9.73
CA VAL A 58 -6.52 -6.73 -9.05
C VAL A 58 -5.31 -7.17 -9.88
N GLU A 59 -5.55 -7.40 -11.16
CA GLU A 59 -4.50 -7.83 -12.05
C GLU A 59 -3.31 -6.87 -11.97
N GLU A 60 -3.62 -5.58 -11.94
CA GLU A 60 -2.60 -4.56 -11.87
C GLU A 60 -1.82 -4.68 -10.55
N ALA A 61 -2.58 -4.73 -9.47
CA ALA A 61 -1.98 -4.84 -8.15
C ALA A 61 -1.01 -6.03 -8.14
N MET A 62 -1.54 -7.19 -8.47
CA MET A 62 -0.73 -8.39 -8.50
C MET A 62 0.50 -8.22 -9.40
N ASN A 63 0.23 -7.79 -10.63
CA ASN A 63 1.30 -7.57 -11.58
C ASN A 63 2.46 -6.86 -10.90
N TRP A 64 2.12 -5.83 -10.14
CA TRP A 64 3.12 -5.06 -9.42
C TRP A 64 3.83 -6.00 -8.45
N LEU A 65 3.04 -6.81 -7.76
CA LEU A 65 3.58 -7.76 -6.80
C LEU A 65 4.56 -8.69 -7.52
N LEU A 66 4.15 -9.14 -8.69
CA LEU A 66 4.97 -10.04 -9.48
C LEU A 66 6.27 -9.34 -9.86
N SER A 67 6.28 -8.03 -9.66
CA SER A 67 7.45 -7.23 -9.96
C SER A 67 8.06 -6.66 -8.68
N HIS A 68 7.29 -6.76 -7.61
CA HIS A 68 7.74 -6.27 -6.32
C HIS A 68 7.59 -7.38 -5.27
N MET A 69 7.75 -8.60 -5.73
CA MET A 69 7.63 -9.75 -4.83
C MET A 69 8.95 -10.02 -4.10
N ASP A 70 10.04 -9.91 -4.85
CA ASP A 70 11.35 -10.14 -4.29
C ASP A 70 12.05 -8.79 -4.09
N ASP A 71 11.33 -7.86 -3.51
CA ASP A 71 11.86 -6.53 -3.25
C ASP A 71 11.94 -6.30 -1.75
N PRO A 72 12.87 -5.38 -1.36
CA PRO A 72 13.06 -5.06 0.04
C PRO A 72 11.92 -4.19 0.56
N ASP A 73 11.40 -3.35 -0.33
CA ASP A 73 10.31 -2.46 0.03
C ASP A 73 9.08 -3.29 0.41
N ILE A 74 8.89 -4.37 -0.33
CA ILE A 74 7.76 -5.25 -0.07
C ILE A 74 7.64 -5.51 1.43
N ASP A 75 8.78 -5.44 2.10
CA ASP A 75 8.81 -5.66 3.53
C ASP A 75 8.58 -4.33 4.25
N ALA A 76 9.13 -3.27 3.68
CA ALA A 76 8.99 -1.94 4.25
C ALA A 76 7.51 -1.67 4.53
N PRO A 77 7.27 -0.89 5.61
CA PRO A 77 5.91 -0.55 6.00
C PRO A 77 5.34 0.53 5.07
N ILE A 78 4.02 0.49 4.93
CA ILE A 78 3.33 1.45 4.08
C ILE A 78 3.36 2.83 4.72
N SER A 79 2.93 2.87 5.98
CA SER A 79 2.91 4.11 6.72
C SER A 79 2.94 3.82 8.23
N GLY A 80 4.12 3.46 8.71
CA GLY A 80 4.29 3.15 10.11
C GLY A 80 3.49 1.92 10.51
N PRO A 81 3.36 1.72 11.84
CA PRO A 81 2.61 0.59 12.37
C PRO A 81 1.11 0.80 12.21
N SER A 82 0.43 -0.28 11.85
CA SER A 82 -1.01 -0.23 11.66
C SER A 82 -1.72 -0.71 12.93
N SER A 83 -2.76 0.03 13.31
CA SER A 83 -3.52 -0.31 14.49
C SER A 83 -4.24 -1.65 14.28
N GLY A 84 -4.02 -2.55 15.23
CA GLY A 84 -4.64 -3.86 15.16
C GLY A 84 -4.42 -4.50 13.78
N GLY A 1 -9.98 10.24 -49.06
CA GLY A 1 -9.68 9.60 -47.79
C GLY A 1 -9.19 10.63 -46.76
N SER A 2 -9.40 10.29 -45.49
CA SER A 2 -8.99 11.16 -44.41
C SER A 2 -9.20 10.47 -43.06
N SER A 3 -8.12 10.38 -42.31
CA SER A 3 -8.17 9.74 -41.00
C SER A 3 -7.35 10.55 -39.99
N GLY A 4 -6.08 10.72 -40.30
CA GLY A 4 -5.19 11.47 -39.45
C GLY A 4 -3.92 11.87 -40.18
N SER A 5 -3.00 12.48 -39.44
CA SER A 5 -1.74 12.92 -40.01
C SER A 5 -0.79 13.39 -38.90
N SER A 6 0.48 13.48 -39.26
CA SER A 6 1.49 13.90 -38.31
C SER A 6 1.45 13.00 -37.07
N GLY A 7 2.45 12.13 -36.98
CA GLY A 7 2.54 11.21 -35.85
C GLY A 7 3.49 11.76 -34.78
N GLY A 8 3.95 10.85 -33.94
CA GLY A 8 4.87 11.22 -32.87
C GLY A 8 4.23 12.26 -31.95
N GLU A 9 4.07 11.87 -30.69
CA GLU A 9 3.48 12.75 -29.70
C GLU A 9 4.07 12.47 -28.32
N GLU A 10 4.16 11.19 -27.99
CA GLU A 10 4.71 10.77 -26.71
C GLU A 10 6.17 11.20 -26.59
N LEU A 11 6.47 11.90 -25.50
CA LEU A 11 7.82 12.38 -25.25
C LEU A 11 8.24 12.00 -23.83
N LEU A 12 9.28 11.18 -23.75
CA LEU A 12 9.78 10.74 -22.46
C LEU A 12 10.03 11.97 -21.57
N PRO A 13 9.89 11.73 -20.23
CA PRO A 13 10.10 12.80 -19.26
C PRO A 13 11.59 13.12 -19.10
N ASP A 14 11.90 14.40 -19.24
CA ASP A 14 13.28 14.84 -19.11
C ASP A 14 13.38 15.87 -17.99
N GLY A 15 13.72 15.39 -16.80
CA GLY A 15 13.86 16.26 -15.65
C GLY A 15 12.48 16.53 -15.01
N VAL A 16 12.08 15.61 -14.14
CA VAL A 16 10.80 15.75 -13.46
C VAL A 16 10.90 16.84 -12.40
N PRO A 17 9.82 17.66 -12.32
CA PRO A 17 9.78 18.74 -11.35
C PRO A 17 9.52 18.21 -9.94
N GLU A 18 10.07 18.94 -8.97
CA GLU A 18 9.91 18.55 -7.58
C GLU A 18 8.98 19.53 -6.85
N GLU A 19 8.14 18.99 -6.00
CA GLU A 19 7.20 19.80 -5.24
C GLU A 19 6.14 18.92 -4.58
N VAL A 20 6.01 19.07 -3.27
CA VAL A 20 5.04 18.30 -2.51
C VAL A 20 4.23 19.24 -1.61
N MET A 21 3.16 19.78 -2.18
CA MET A 21 2.31 20.69 -1.44
C MET A 21 0.83 20.36 -1.64
N GLU A 22 0.61 19.21 -2.29
CA GLU A 22 -0.75 18.77 -2.56
C GLU A 22 -0.96 17.37 -1.99
N SER A 23 -2.14 17.16 -1.42
CA SER A 23 -2.48 15.87 -0.85
C SER A 23 -3.40 15.10 -1.80
N ALA A 24 -2.93 13.93 -2.20
CA ALA A 24 -3.70 13.08 -3.11
C ALA A 24 -2.97 11.76 -3.31
N GLN A 25 -3.24 10.82 -2.41
CA GLN A 25 -2.62 9.52 -2.47
C GLN A 25 -3.69 8.42 -2.58
N PRO A 26 -3.29 7.28 -3.19
CA PRO A 26 -4.20 6.16 -3.36
C PRO A 26 -4.39 5.41 -2.03
N VAL A 27 -5.25 4.40 -2.07
CA VAL A 27 -5.54 3.61 -0.90
C VAL A 27 -5.73 2.15 -1.30
N ALA A 28 -4.93 1.29 -0.69
CA ALA A 28 -5.00 -0.14 -0.97
C ALA A 28 -6.46 -0.61 -0.87
N ASN A 29 -7.13 -0.60 -2.02
CA ASN A 29 -8.51 -1.01 -2.08
C ASN A 29 -8.70 -2.29 -1.25
N GLU A 30 -9.76 -2.30 -0.47
CA GLU A 30 -10.06 -3.45 0.37
C GLU A 30 -10.50 -4.64 -0.48
N GLU A 31 -10.97 -4.32 -1.68
CA GLU A 31 -11.43 -5.34 -2.60
C GLU A 31 -10.24 -5.99 -3.31
N ILE A 32 -9.41 -5.14 -3.92
CA ILE A 32 -8.24 -5.61 -4.63
C ILE A 32 -7.32 -6.35 -3.66
N VAL A 33 -7.24 -5.82 -2.45
CA VAL A 33 -6.40 -6.41 -1.42
C VAL A 33 -7.04 -7.72 -0.94
N ALA A 34 -8.33 -7.65 -0.67
CA ALA A 34 -9.07 -8.80 -0.21
C ALA A 34 -8.95 -9.92 -1.24
N GLN A 35 -8.86 -9.52 -2.51
CA GLN A 35 -8.74 -10.47 -3.59
C GLN A 35 -7.34 -11.07 -3.62
N LEU A 36 -6.35 -10.22 -3.38
CA LEU A 36 -4.96 -10.65 -3.37
C LEU A 36 -4.69 -11.46 -2.10
N VAL A 37 -5.03 -10.86 -0.97
CA VAL A 37 -4.84 -11.52 0.31
C VAL A 37 -5.47 -12.91 0.28
N SER A 38 -6.41 -13.08 -0.64
CA SER A 38 -7.09 -14.34 -0.79
C SER A 38 -6.31 -15.25 -1.73
N MET A 39 -5.81 -14.66 -2.81
CA MET A 39 -5.04 -15.40 -3.79
C MET A 39 -3.87 -16.13 -3.12
N GLY A 40 -3.41 -15.57 -2.01
CA GLY A 40 -2.31 -16.15 -1.28
C GLY A 40 -1.12 -15.18 -1.22
N PHE A 41 -1.45 -13.91 -1.08
CA PHE A 41 -0.43 -12.88 -1.01
C PHE A 41 -0.40 -12.23 0.38
N SER A 42 0.55 -11.32 0.56
CA SER A 42 0.68 -10.62 1.83
C SER A 42 -0.09 -9.30 1.80
N GLN A 43 -1.09 -9.22 2.66
CA GLN A 43 -1.90 -8.02 2.73
C GLN A 43 -1.04 -6.77 2.53
N LEU A 44 -0.08 -6.59 3.42
CA LEU A 44 0.81 -5.45 3.34
C LEU A 44 1.18 -5.20 1.88
N HIS A 45 1.70 -6.25 1.25
CA HIS A 45 2.10 -6.15 -0.15
C HIS A 45 0.88 -5.88 -1.01
N CYS A 46 -0.14 -6.71 -0.83
CA CYS A 46 -1.37 -6.56 -1.59
C CYS A 46 -1.74 -5.08 -1.63
N GLN A 47 -1.50 -4.41 -0.51
CA GLN A 47 -1.81 -2.99 -0.40
C GLN A 47 -0.87 -2.18 -1.29
N LYS A 48 0.42 -2.30 -0.99
CA LYS A 48 1.43 -1.58 -1.75
C LYS A 48 1.18 -1.79 -3.24
N ALA A 49 1.07 -3.05 -3.63
CA ALA A 49 0.82 -3.39 -5.02
C ALA A 49 -0.35 -2.57 -5.55
N ALA A 50 -1.52 -2.86 -5.02
CA ALA A 50 -2.72 -2.15 -5.44
C ALA A 50 -2.43 -0.64 -5.48
N ILE A 51 -2.04 -0.11 -4.34
CA ILE A 51 -1.73 1.31 -4.25
C ILE A 51 -0.77 1.70 -5.38
N ASN A 52 0.34 0.97 -5.44
CA ASN A 52 1.34 1.23 -6.46
C ASN A 52 0.65 1.35 -7.82
N THR A 53 -0.47 0.65 -7.95
CA THR A 53 -1.24 0.67 -9.19
C THR A 53 -2.58 1.35 -8.97
N SER A 54 -2.59 2.34 -8.09
CA SER A 54 -3.80 3.08 -7.78
C SER A 54 -4.99 2.12 -7.75
N ASN A 55 -4.71 0.89 -7.36
CA ASN A 55 -5.75 -0.12 -7.29
C ASN A 55 -6.61 -0.06 -8.54
N ALA A 56 -5.94 0.02 -9.68
CA ALA A 56 -6.62 0.09 -10.96
C ALA A 56 -7.37 -1.23 -11.20
N GLY A 57 -6.77 -2.30 -10.72
CA GLY A 57 -7.37 -3.63 -10.87
C GLY A 57 -6.53 -4.69 -10.17
N VAL A 58 -7.20 -5.77 -9.79
CA VAL A 58 -6.54 -6.86 -9.10
C VAL A 58 -5.30 -7.28 -9.89
N GLU A 59 -5.48 -7.42 -11.20
CA GLU A 59 -4.40 -7.81 -12.08
C GLU A 59 -3.23 -6.83 -11.94
N GLU A 60 -3.58 -5.54 -11.93
CA GLU A 60 -2.57 -4.50 -11.80
C GLU A 60 -1.81 -4.65 -10.49
N ALA A 61 -2.58 -4.76 -9.42
CA ALA A 61 -1.98 -4.91 -8.09
C ALA A 61 -0.99 -6.08 -8.11
N MET A 62 -1.48 -7.24 -8.49
CA MET A 62 -0.65 -8.42 -8.55
C MET A 62 0.56 -8.20 -9.46
N ASN A 63 0.27 -7.74 -10.67
CA ASN A 63 1.33 -7.48 -11.63
C ASN A 63 2.49 -6.77 -10.93
N TRP A 64 2.14 -5.80 -10.10
CA TRP A 64 3.14 -5.04 -9.36
C TRP A 64 3.85 -6.00 -8.40
N LEU A 65 3.04 -6.83 -7.74
CA LEU A 65 3.58 -7.79 -6.80
C LEU A 65 4.54 -8.74 -7.52
N LEU A 66 4.12 -9.14 -8.71
CA LEU A 66 4.93 -10.05 -9.52
C LEU A 66 6.23 -9.34 -9.92
N SER A 67 6.26 -8.04 -9.68
CA SER A 67 7.42 -7.23 -10.01
C SER A 67 8.07 -6.69 -8.72
N HIS A 68 7.31 -6.79 -7.64
CA HIS A 68 7.79 -6.31 -6.36
C HIS A 68 7.63 -7.42 -5.32
N MET A 69 7.75 -8.65 -5.78
CA MET A 69 7.62 -9.81 -4.90
C MET A 69 8.94 -10.09 -4.18
N ASP A 70 10.02 -10.01 -4.94
CA ASP A 70 11.34 -10.26 -4.39
C ASP A 70 12.07 -8.92 -4.20
N ASP A 71 11.44 -8.04 -3.45
CA ASP A 71 12.01 -6.74 -3.19
C ASP A 71 12.07 -6.50 -1.68
N PRO A 72 13.02 -5.60 -1.27
CA PRO A 72 13.19 -5.28 0.13
C PRO A 72 12.07 -4.37 0.63
N ASP A 73 11.58 -3.54 -0.28
CA ASP A 73 10.50 -2.62 0.05
C ASP A 73 9.24 -3.41 0.41
N ILE A 74 9.03 -4.49 -0.33
CA ILE A 74 7.87 -5.34 -0.10
C ILE A 74 7.75 -5.62 1.39
N ASP A 75 8.88 -5.54 2.08
CA ASP A 75 8.90 -5.79 3.51
C ASP A 75 8.68 -4.46 4.26
N ALA A 76 9.25 -3.40 3.69
CA ALA A 76 9.13 -2.09 4.28
C ALA A 76 7.65 -1.77 4.53
N PRO A 77 7.40 -1.04 5.65
CA PRO A 77 6.04 -0.67 6.01
C PRO A 77 5.52 0.45 5.10
N ILE A 78 4.20 0.51 4.98
CA ILE A 78 3.57 1.52 4.16
C ILE A 78 3.61 2.86 4.88
N SER A 79 3.11 2.86 6.12
CA SER A 79 3.10 4.06 6.91
C SER A 79 3.16 3.71 8.40
N GLY A 80 4.35 3.33 8.84
CA GLY A 80 4.56 2.96 10.23
C GLY A 80 4.43 4.18 11.15
N PRO A 81 4.29 3.88 12.46
CA PRO A 81 4.15 4.94 13.45
C PRO A 81 5.50 5.62 13.71
N SER A 82 6.05 6.19 12.66
CA SER A 82 7.34 6.87 12.76
C SER A 82 8.40 5.91 13.27
N SER A 83 9.00 5.18 12.33
CA SER A 83 10.02 4.23 12.67
C SER A 83 11.39 4.76 12.24
N GLY A 84 12.31 4.81 13.20
CA GLY A 84 13.64 5.30 12.94
C GLY A 84 13.84 6.73 13.47
N GLY A 1 26.62 28.38 -31.49
CA GLY A 1 25.48 28.14 -30.62
C GLY A 1 25.90 28.03 -29.16
N SER A 2 24.94 27.68 -28.32
CA SER A 2 25.19 27.54 -26.90
C SER A 2 23.97 26.95 -26.20
N SER A 3 24.24 26.18 -25.16
CA SER A 3 23.17 25.55 -24.39
C SER A 3 23.27 25.97 -22.93
N GLY A 4 22.11 26.31 -22.36
CA GLY A 4 22.04 26.72 -20.98
C GLY A 4 21.28 25.70 -20.13
N SER A 5 21.58 25.69 -18.84
CA SER A 5 20.92 24.78 -17.92
C SER A 5 20.27 25.56 -16.78
N SER A 6 19.33 24.89 -16.12
CA SER A 6 18.63 25.51 -15.00
C SER A 6 18.50 24.52 -13.85
N GLY A 7 19.33 24.73 -12.84
CA GLY A 7 19.31 23.87 -11.66
C GLY A 7 17.92 23.83 -11.02
N GLY A 8 17.52 22.63 -10.63
CA GLY A 8 16.23 22.45 -10.01
C GLY A 8 16.16 23.17 -8.65
N GLU A 9 16.85 22.60 -7.69
CA GLU A 9 16.89 23.17 -6.35
C GLU A 9 15.51 23.04 -5.68
N GLU A 10 14.53 23.70 -6.29
CA GLU A 10 13.18 23.66 -5.76
C GLU A 10 13.11 24.36 -4.41
N LEU A 11 12.10 25.20 -4.26
CA LEU A 11 11.91 25.94 -3.02
C LEU A 11 11.20 25.05 -2.00
N LEU A 12 10.97 25.61 -0.83
CA LEU A 12 10.31 24.89 0.25
C LEU A 12 8.84 25.30 0.30
N PRO A 13 7.96 24.35 -0.12
CA PRO A 13 6.53 24.61 -0.12
C PRO A 13 5.96 24.55 1.30
N ASP A 14 4.72 25.02 1.42
CA ASP A 14 4.06 25.02 2.71
C ASP A 14 2.91 24.02 2.69
N GLY A 15 3.20 22.83 3.19
CA GLY A 15 2.20 21.77 3.23
C GLY A 15 1.61 21.64 4.64
N VAL A 16 2.47 21.27 5.58
CA VAL A 16 2.03 21.10 6.96
C VAL A 16 0.95 20.02 7.03
N PRO A 17 0.90 19.34 8.19
CA PRO A 17 -0.08 18.28 8.40
C PRO A 17 -1.47 18.87 8.65
N GLU A 18 -1.92 19.68 7.69
CA GLU A 18 -3.22 20.30 7.79
C GLU A 18 -3.50 21.13 6.54
N GLU A 19 -3.26 20.52 5.39
CA GLU A 19 -3.49 21.19 4.11
C GLU A 19 -3.30 20.20 2.96
N VAL A 20 -4.41 19.95 2.27
CA VAL A 20 -4.39 19.02 1.14
C VAL A 20 -5.74 19.07 0.43
N MET A 21 -5.70 18.86 -0.87
CA MET A 21 -6.91 18.86 -1.67
C MET A 21 -7.42 17.43 -1.91
N GLU A 22 -8.59 17.36 -2.52
CA GLU A 22 -9.20 16.06 -2.80
C GLU A 22 -8.22 15.19 -3.60
N SER A 23 -8.26 13.89 -3.31
CA SER A 23 -7.40 12.94 -3.98
C SER A 23 -5.94 13.21 -3.61
N ALA A 24 -5.54 12.66 -2.48
CA ALA A 24 -4.18 12.82 -1.99
C ALA A 24 -3.58 11.45 -1.68
N GLN A 25 -3.06 10.82 -2.72
CA GLN A 25 -2.46 9.50 -2.58
C GLN A 25 -3.53 8.41 -2.71
N PRO A 26 -3.10 7.26 -3.30
CA PRO A 26 -4.00 6.14 -3.48
C PRO A 26 -4.26 5.41 -2.15
N VAL A 27 -5.12 4.41 -2.23
CA VAL A 27 -5.46 3.63 -1.04
C VAL A 27 -5.60 2.16 -1.42
N ALA A 28 -4.85 1.33 -0.72
CA ALA A 28 -4.87 -0.10 -0.97
C ALA A 28 -6.32 -0.60 -0.93
N ASN A 29 -6.95 -0.60 -2.10
CA ASN A 29 -8.33 -1.04 -2.20
C ASN A 29 -8.53 -2.30 -1.36
N GLU A 30 -9.57 -2.27 -0.54
CA GLU A 30 -9.87 -3.39 0.32
C GLU A 30 -10.35 -4.59 -0.52
N GLU A 31 -10.93 -4.26 -1.67
CA GLU A 31 -11.43 -5.29 -2.57
C GLU A 31 -10.28 -5.97 -3.30
N ILE A 32 -9.41 -5.16 -3.87
CA ILE A 32 -8.25 -5.66 -4.59
C ILE A 32 -7.34 -6.42 -3.63
N VAL A 33 -7.23 -5.87 -2.43
CA VAL A 33 -6.39 -6.47 -1.40
C VAL A 33 -7.05 -7.75 -0.89
N ALA A 34 -8.34 -7.64 -0.59
CA ALA A 34 -9.09 -8.78 -0.10
C ALA A 34 -9.01 -9.92 -1.12
N GLN A 35 -8.94 -9.54 -2.39
CA GLN A 35 -8.86 -10.52 -3.45
C GLN A 35 -7.46 -11.14 -3.49
N LEU A 36 -6.46 -10.29 -3.44
CA LEU A 36 -5.08 -10.75 -3.46
C LEU A 36 -4.79 -11.55 -2.19
N VAL A 37 -5.03 -10.91 -1.06
CA VAL A 37 -4.81 -11.55 0.23
C VAL A 37 -5.41 -12.96 0.20
N SER A 38 -6.41 -13.12 -0.66
CA SER A 38 -7.08 -14.41 -0.78
C SER A 38 -6.21 -15.37 -1.60
N MET A 39 -5.61 -14.82 -2.65
CA MET A 39 -4.76 -15.62 -3.52
C MET A 39 -3.63 -16.28 -2.73
N GLY A 40 -3.22 -15.60 -1.67
CA GLY A 40 -2.15 -16.10 -0.82
C GLY A 40 -1.09 -15.02 -0.58
N PHE A 41 -1.20 -13.95 -1.34
CA PHE A 41 -0.27 -12.84 -1.22
C PHE A 41 -0.30 -12.26 0.20
N SER A 42 0.60 -11.32 0.44
CA SER A 42 0.70 -10.67 1.74
C SER A 42 -0.06 -9.34 1.72
N GLN A 43 -1.09 -9.28 2.55
CA GLN A 43 -1.90 -8.08 2.63
C GLN A 43 -1.02 -6.82 2.44
N LEU A 44 -0.06 -6.68 3.34
CA LEU A 44 0.84 -5.54 3.29
C LEU A 44 1.23 -5.27 1.83
N HIS A 45 1.63 -6.34 1.15
CA HIS A 45 2.03 -6.24 -0.24
C HIS A 45 0.81 -5.93 -1.10
N CYS A 46 -0.23 -6.73 -0.91
CA CYS A 46 -1.46 -6.57 -1.67
C CYS A 46 -1.82 -5.07 -1.65
N GLN A 47 -1.65 -4.47 -0.49
CA GLN A 47 -1.96 -3.06 -0.32
C GLN A 47 -1.03 -2.21 -1.19
N LYS A 48 0.26 -2.36 -0.93
CA LYS A 48 1.26 -1.61 -1.68
C LYS A 48 1.01 -1.79 -3.17
N ALA A 49 1.00 -3.04 -3.60
CA ALA A 49 0.77 -3.36 -4.99
C ALA A 49 -0.37 -2.49 -5.54
N ALA A 50 -1.58 -2.78 -5.06
CA ALA A 50 -2.74 -2.03 -5.50
C ALA A 50 -2.41 -0.54 -5.51
N ILE A 51 -2.04 -0.03 -4.34
CA ILE A 51 -1.70 1.37 -4.20
C ILE A 51 -0.74 1.77 -5.33
N ASN A 52 0.37 1.06 -5.40
CA ASN A 52 1.38 1.32 -6.42
C ASN A 52 0.69 1.42 -7.78
N THR A 53 -0.46 0.78 -7.88
CA THR A 53 -1.22 0.79 -9.12
C THR A 53 -2.60 1.41 -8.89
N SER A 54 -2.64 2.36 -7.96
CA SER A 54 -3.88 3.05 -7.65
C SER A 54 -5.06 2.07 -7.70
N ASN A 55 -4.77 0.84 -7.27
CA ASN A 55 -5.79 -0.20 -7.27
C ASN A 55 -6.59 -0.12 -8.57
N ALA A 56 -5.87 0.06 -9.67
CA ALA A 56 -6.50 0.15 -10.97
C ALA A 56 -7.27 -1.15 -11.25
N GLY A 57 -6.69 -2.25 -10.83
CA GLY A 57 -7.30 -3.56 -11.03
C GLY A 57 -6.50 -4.65 -10.33
N VAL A 58 -7.22 -5.66 -9.85
CA VAL A 58 -6.59 -6.77 -9.16
C VAL A 58 -5.37 -7.25 -9.97
N GLU A 59 -5.53 -7.20 -11.29
CA GLU A 59 -4.46 -7.63 -12.18
C GLU A 59 -3.25 -6.70 -12.02
N GLU A 60 -3.53 -5.40 -12.01
CA GLU A 60 -2.48 -4.41 -11.87
C GLU A 60 -1.77 -4.58 -10.52
N ALA A 61 -2.56 -4.70 -9.48
CA ALA A 61 -2.01 -4.87 -8.14
C ALA A 61 -1.04 -6.05 -8.13
N MET A 62 -1.55 -7.19 -8.58
CA MET A 62 -0.74 -8.40 -8.63
C MET A 62 0.51 -8.18 -9.49
N ASN A 63 0.27 -7.68 -10.71
CA ASN A 63 1.36 -7.43 -11.64
C ASN A 63 2.50 -6.72 -10.90
N TRP A 64 2.12 -5.81 -10.03
CA TRP A 64 3.10 -5.06 -9.25
C TRP A 64 3.78 -6.02 -8.29
N LEU A 65 2.97 -6.89 -7.70
CA LEU A 65 3.48 -7.87 -6.76
C LEU A 65 4.48 -8.79 -7.48
N LEU A 66 4.08 -9.23 -8.66
CA LEU A 66 4.93 -10.10 -9.45
C LEU A 66 6.20 -9.35 -9.84
N SER A 67 6.18 -8.05 -9.63
CA SER A 67 7.32 -7.21 -9.97
C SER A 67 7.93 -6.63 -8.69
N HIS A 68 7.25 -6.88 -7.58
CA HIS A 68 7.71 -6.38 -6.29
C HIS A 68 7.63 -7.50 -5.26
N MET A 69 7.72 -8.73 -5.76
CA MET A 69 7.67 -9.89 -4.89
C MET A 69 9.01 -10.13 -4.21
N ASP A 70 10.07 -9.98 -4.98
CA ASP A 70 11.42 -10.17 -4.47
C ASP A 70 12.09 -8.81 -4.29
N ASP A 71 11.47 -7.98 -3.46
CA ASP A 71 12.00 -6.65 -3.19
C ASP A 71 12.03 -6.42 -1.68
N PRO A 72 12.95 -5.49 -1.26
CA PRO A 72 13.10 -5.18 0.14
C PRO A 72 11.94 -4.30 0.63
N ASP A 73 11.43 -3.49 -0.28
CA ASP A 73 10.32 -2.61 0.04
C ASP A 73 9.09 -3.44 0.39
N ILE A 74 8.93 -4.54 -0.34
CA ILE A 74 7.80 -5.42 -0.11
C ILE A 74 7.67 -5.71 1.38
N ASP A 75 8.81 -5.66 2.07
CA ASP A 75 8.83 -5.91 3.50
C ASP A 75 8.60 -4.60 4.24
N ALA A 76 9.10 -3.52 3.65
CA ALA A 76 8.95 -2.20 4.24
C ALA A 76 7.46 -1.91 4.49
N PRO A 77 7.20 -1.21 5.62
CA PRO A 77 5.83 -0.86 5.98
C PRO A 77 5.30 0.27 5.10
N ILE A 78 3.98 0.36 5.03
CA ILE A 78 3.34 1.39 4.23
C ILE A 78 3.38 2.71 5.00
N SER A 79 2.77 2.70 6.18
CA SER A 79 2.72 3.89 7.01
C SER A 79 3.36 3.59 8.37
N GLY A 80 3.79 2.35 8.53
CA GLY A 80 4.42 1.93 9.77
C GLY A 80 3.39 1.84 10.91
N PRO A 81 3.88 2.15 12.15
CA PRO A 81 3.02 2.10 13.31
C PRO A 81 2.08 3.31 13.35
N SER A 82 0.90 3.08 13.92
CA SER A 82 -0.09 4.15 14.02
C SER A 82 0.00 4.81 15.39
N SER A 83 0.24 6.12 15.36
CA SER A 83 0.35 6.88 16.60
C SER A 83 0.06 8.35 16.33
N GLY A 84 -0.99 8.85 16.97
CA GLY A 84 -1.39 10.24 16.81
C GLY A 84 -2.88 10.42 17.13
N GLY A 1 -37.02 -15.28 19.96
CA GLY A 1 -38.27 -15.46 19.24
C GLY A 1 -38.03 -15.46 17.72
N SER A 2 -38.74 -16.35 17.05
CA SER A 2 -38.62 -16.46 15.60
C SER A 2 -39.96 -16.10 14.94
N SER A 3 -40.11 -14.83 14.65
CA SER A 3 -41.33 -14.34 14.02
C SER A 3 -41.01 -13.19 13.06
N GLY A 4 -40.42 -12.14 13.63
CA GLY A 4 -40.06 -10.97 12.86
C GLY A 4 -39.58 -9.84 13.77
N SER A 5 -38.61 -9.09 13.26
CA SER A 5 -38.05 -7.98 14.01
C SER A 5 -37.87 -6.76 13.09
N SER A 6 -37.09 -6.98 12.04
CA SER A 6 -36.83 -5.92 11.08
C SER A 6 -36.38 -6.51 9.75
N GLY A 7 -37.27 -6.44 8.78
CA GLY A 7 -36.98 -6.97 7.45
C GLY A 7 -36.04 -6.03 6.68
N GLY A 8 -34.79 -6.02 7.12
CA GLY A 8 -33.78 -5.18 6.49
C GLY A 8 -32.49 -5.96 6.26
N GLU A 9 -31.45 -5.23 5.90
CA GLU A 9 -30.15 -5.82 5.65
C GLU A 9 -29.10 -5.22 6.58
N GLU A 10 -29.19 -3.91 6.76
CA GLU A 10 -28.26 -3.20 7.62
C GLU A 10 -29.00 -2.60 8.82
N LEU A 11 -30.24 -2.23 8.58
CA LEU A 11 -31.06 -1.64 9.62
C LEU A 11 -30.42 -0.32 10.09
N LEU A 12 -31.28 0.66 10.31
CA LEU A 12 -30.81 1.97 10.75
C LEU A 12 -30.07 2.65 9.61
N PRO A 13 -30.28 4.00 9.50
CA PRO A 13 -29.62 4.77 8.46
C PRO A 13 -28.15 4.99 8.78
N ASP A 14 -27.31 4.68 7.80
CA ASP A 14 -25.88 4.84 7.96
C ASP A 14 -25.24 5.09 6.60
N GLY A 15 -25.33 6.34 6.16
CA GLY A 15 -24.76 6.72 4.88
C GLY A 15 -24.55 8.23 4.80
N VAL A 16 -23.42 8.67 5.33
CA VAL A 16 -23.07 10.08 5.33
C VAL A 16 -21.68 10.27 4.72
N PRO A 17 -21.67 10.80 3.47
CA PRO A 17 -20.41 11.03 2.77
C PRO A 17 -19.69 12.25 3.34
N GLU A 18 -18.74 11.98 4.23
CA GLU A 18 -17.97 13.05 4.85
C GLU A 18 -16.72 12.48 5.52
N GLU A 19 -15.92 13.39 6.06
CA GLU A 19 -14.70 12.99 6.73
C GLU A 19 -13.79 12.24 5.76
N VAL A 20 -12.89 12.98 5.14
CA VAL A 20 -11.96 12.39 4.18
C VAL A 20 -10.66 13.20 4.19
N MET A 21 -9.57 12.51 3.89
CA MET A 21 -8.26 13.14 3.85
C MET A 21 -7.96 13.71 2.45
N GLU A 22 -9.03 14.02 1.73
CA GLU A 22 -8.90 14.56 0.39
C GLU A 22 -8.12 13.58 -0.50
N SER A 23 -8.29 13.77 -1.80
CA SER A 23 -7.62 12.92 -2.76
C SER A 23 -6.11 13.15 -2.70
N ALA A 24 -5.50 12.54 -1.70
CA ALA A 24 -4.06 12.67 -1.53
C ALA A 24 -3.44 11.28 -1.36
N GLN A 25 -2.96 10.74 -2.48
CA GLN A 25 -2.34 9.43 -2.48
C GLN A 25 -3.41 8.34 -2.64
N PRO A 26 -2.98 7.20 -3.24
CA PRO A 26 -3.89 6.09 -3.46
C PRO A 26 -4.16 5.34 -2.16
N VAL A 27 -5.03 4.34 -2.25
CA VAL A 27 -5.38 3.55 -1.09
C VAL A 27 -5.51 2.08 -1.51
N ALA A 28 -4.89 1.22 -0.71
CA ALA A 28 -4.93 -0.21 -0.98
C ALA A 28 -6.38 -0.70 -0.93
N ASN A 29 -7.04 -0.62 -2.08
CA ASN A 29 -8.42 -1.05 -2.19
C ASN A 29 -8.61 -2.34 -1.37
N GLU A 30 -9.61 -2.32 -0.51
CA GLU A 30 -9.90 -3.47 0.32
C GLU A 30 -10.41 -4.62 -0.53
N GLU A 31 -10.96 -4.28 -1.69
CA GLU A 31 -11.48 -5.27 -2.60
C GLU A 31 -10.33 -5.94 -3.37
N ILE A 32 -9.47 -5.11 -3.93
CA ILE A 32 -8.34 -5.60 -4.69
C ILE A 32 -7.42 -6.40 -3.75
N VAL A 33 -7.24 -5.87 -2.55
CA VAL A 33 -6.40 -6.51 -1.56
C VAL A 33 -7.08 -7.79 -1.08
N ALA A 34 -8.33 -7.65 -0.69
CA ALA A 34 -9.11 -8.78 -0.20
C ALA A 34 -8.98 -9.94 -1.19
N GLN A 35 -8.82 -9.58 -2.46
CA GLN A 35 -8.70 -10.57 -3.51
C GLN A 35 -7.29 -11.18 -3.49
N LEU A 36 -6.30 -10.29 -3.41
CA LEU A 36 -4.91 -10.73 -3.39
C LEU A 36 -4.65 -11.53 -2.11
N VAL A 37 -5.03 -10.93 -1.00
CA VAL A 37 -4.84 -11.58 0.29
C VAL A 37 -5.48 -12.96 0.26
N SER A 38 -6.40 -13.13 -0.68
CA SER A 38 -7.09 -14.41 -0.82
C SER A 38 -6.32 -15.31 -1.78
N MET A 39 -5.81 -14.71 -2.85
CA MET A 39 -5.06 -15.45 -3.84
C MET A 39 -3.87 -16.19 -3.19
N GLY A 40 -3.39 -15.62 -2.10
CA GLY A 40 -2.27 -16.21 -1.38
C GLY A 40 -1.08 -15.25 -1.35
N PHE A 41 -1.39 -13.98 -1.12
CA PHE A 41 -0.36 -12.96 -1.04
C PHE A 41 -0.32 -12.31 0.33
N SER A 42 0.63 -11.40 0.50
CA SER A 42 0.79 -10.71 1.76
C SER A 42 0.03 -9.37 1.72
N GLN A 43 -0.97 -9.26 2.59
CA GLN A 43 -1.77 -8.06 2.65
C GLN A 43 -0.88 -6.82 2.50
N LEU A 44 0.04 -6.67 3.44
CA LEU A 44 0.95 -5.54 3.42
C LEU A 44 1.39 -5.26 1.98
N HIS A 45 1.71 -6.34 1.28
CA HIS A 45 2.14 -6.22 -0.11
C HIS A 45 0.93 -5.94 -1.00
N CYS A 46 -0.11 -6.75 -0.81
CA CYS A 46 -1.33 -6.59 -1.58
C CYS A 46 -1.72 -5.11 -1.57
N GLN A 47 -1.55 -4.50 -0.41
CA GLN A 47 -1.88 -3.09 -0.25
C GLN A 47 -0.99 -2.23 -1.15
N LYS A 48 0.30 -2.36 -0.94
CA LYS A 48 1.27 -1.60 -1.72
C LYS A 48 0.97 -1.78 -3.22
N ALA A 49 1.02 -3.04 -3.65
CA ALA A 49 0.76 -3.36 -5.04
C ALA A 49 -0.38 -2.46 -5.55
N ALA A 50 -1.58 -2.78 -5.11
CA ALA A 50 -2.76 -2.02 -5.52
C ALA A 50 -2.42 -0.53 -5.51
N ILE A 51 -2.09 -0.04 -4.32
CA ILE A 51 -1.74 1.36 -4.16
C ILE A 51 -0.79 1.78 -5.27
N ASN A 52 0.33 1.08 -5.35
CA ASN A 52 1.32 1.37 -6.37
C ASN A 52 0.63 1.49 -7.73
N THR A 53 -0.43 0.72 -7.89
CA THR A 53 -1.18 0.73 -9.13
C THR A 53 -2.53 1.43 -8.94
N SER A 54 -2.55 2.35 -7.98
CA SER A 54 -3.76 3.09 -7.68
C SER A 54 -4.96 2.15 -7.68
N ASN A 55 -4.70 0.90 -7.36
CA ASN A 55 -5.74 -0.11 -7.31
C ASN A 55 -6.52 -0.09 -8.64
N ALA A 56 -5.78 0.15 -9.71
CA ALA A 56 -6.38 0.20 -11.03
C ALA A 56 -7.20 -1.07 -11.27
N GLY A 57 -6.63 -2.19 -10.84
CA GLY A 57 -7.29 -3.47 -10.99
C GLY A 57 -6.51 -4.59 -10.30
N VAL A 58 -7.23 -5.60 -9.87
CA VAL A 58 -6.61 -6.73 -9.19
C VAL A 58 -5.37 -7.17 -9.97
N GLU A 59 -5.56 -7.37 -11.26
CA GLU A 59 -4.48 -7.79 -12.12
C GLU A 59 -3.29 -6.84 -11.98
N GLU A 60 -3.60 -5.55 -11.98
CA GLU A 60 -2.57 -4.53 -11.85
C GLU A 60 -1.85 -4.67 -10.51
N ALA A 61 -2.64 -4.73 -9.45
CA ALA A 61 -2.10 -4.87 -8.11
C ALA A 61 -1.15 -6.05 -8.07
N MET A 62 -1.68 -7.21 -8.44
CA MET A 62 -0.89 -8.43 -8.44
C MET A 62 0.37 -8.27 -9.30
N ASN A 63 0.15 -7.83 -10.54
CA ASN A 63 1.24 -7.63 -11.46
C ASN A 63 2.39 -6.93 -10.74
N TRP A 64 2.04 -5.91 -9.99
CA TRP A 64 3.03 -5.15 -9.23
C TRP A 64 3.71 -6.11 -8.25
N LEU A 65 2.89 -6.90 -7.58
CA LEU A 65 3.39 -7.86 -6.61
C LEU A 65 4.38 -8.81 -7.30
N LEU A 66 4.01 -9.23 -8.51
CA LEU A 66 4.85 -10.13 -9.28
C LEU A 66 6.12 -9.39 -9.70
N SER A 67 6.11 -8.08 -9.48
CA SER A 67 7.25 -7.25 -9.83
C SER A 67 7.88 -6.66 -8.57
N HIS A 68 7.19 -6.86 -7.45
CA HIS A 68 7.67 -6.35 -6.17
C HIS A 68 7.63 -7.47 -5.13
N MET A 69 7.62 -8.69 -5.62
CA MET A 69 7.59 -9.86 -4.75
C MET A 69 8.95 -10.09 -4.09
N ASP A 70 9.98 -9.94 -4.91
CA ASP A 70 11.35 -10.14 -4.44
C ASP A 70 12.03 -8.78 -4.29
N ASP A 71 11.41 -7.91 -3.50
CA ASP A 71 11.96 -6.59 -3.28
C ASP A 71 12.07 -6.33 -1.77
N PRO A 72 13.00 -5.41 -1.41
CA PRO A 72 13.21 -5.07 -0.01
C PRO A 72 12.09 -4.19 0.51
N ASP A 73 11.54 -3.37 -0.38
CA ASP A 73 10.46 -2.47 -0.02
C ASP A 73 9.22 -3.29 0.35
N ILE A 74 9.03 -4.38 -0.40
CA ILE A 74 7.89 -5.25 -0.15
C ILE A 74 7.77 -5.53 1.35
N ASP A 75 8.90 -5.45 2.02
CA ASP A 75 8.93 -5.68 3.46
C ASP A 75 8.69 -4.35 4.19
N ALA A 76 9.24 -3.29 3.62
CA ALA A 76 9.10 -1.97 4.21
C ALA A 76 7.62 -1.71 4.51
N PRO A 77 7.38 -0.97 5.62
CA PRO A 77 6.02 -0.64 6.02
C PRO A 77 5.43 0.44 5.13
N ILE A 78 4.10 0.40 4.98
CA ILE A 78 3.41 1.37 4.16
C ILE A 78 3.46 2.74 4.83
N SER A 79 3.09 2.75 6.11
CA SER A 79 3.09 3.98 6.89
C SER A 79 3.13 3.66 8.37
N GLY A 80 4.30 3.22 8.83
CA GLY A 80 4.48 2.87 10.23
C GLY A 80 4.96 1.44 10.38
N PRO A 81 6.19 1.30 10.94
CA PRO A 81 6.78 -0.01 11.14
C PRO A 81 6.13 -0.72 12.33
N SER A 82 5.89 0.05 13.38
CA SER A 82 5.26 -0.49 14.58
C SER A 82 3.84 0.05 14.73
N SER A 83 2.92 -0.87 15.02
CA SER A 83 1.53 -0.49 15.19
C SER A 83 1.13 -0.61 16.67
N GLY A 84 0.55 0.47 17.17
CA GLY A 84 0.12 0.50 18.56
C GLY A 84 1.26 0.09 19.50
N GLY A 1 36.75 4.13 26.65
CA GLY A 1 36.42 3.28 25.51
C GLY A 1 35.98 4.13 24.31
N SER A 2 35.22 3.49 23.44
CA SER A 2 34.73 4.18 22.24
C SER A 2 33.19 4.17 22.24
N SER A 3 32.63 5.35 22.02
CA SER A 3 31.19 5.50 22.00
C SER A 3 30.71 5.56 20.54
N GLY A 4 29.79 4.67 20.22
CA GLY A 4 29.23 4.61 18.87
C GLY A 4 27.78 4.14 18.90
N SER A 5 26.99 4.72 18.01
CA SER A 5 25.58 4.38 17.91
C SER A 5 25.03 4.77 16.54
N SER A 6 25.11 6.07 16.26
CA SER A 6 24.63 6.58 15.00
C SER A 6 23.28 5.95 14.65
N GLY A 7 22.23 6.53 15.23
CA GLY A 7 20.88 6.04 14.99
C GLY A 7 19.84 7.11 15.30
N GLY A 8 18.58 6.76 15.07
CA GLY A 8 17.49 7.68 15.32
C GLY A 8 16.23 6.94 15.79
N GLU A 9 15.22 7.71 16.15
CA GLU A 9 13.98 7.14 16.61
C GLU A 9 12.96 7.08 15.46
N GLU A 10 12.95 8.15 14.67
CA GLU A 10 12.05 8.24 13.54
C GLU A 10 12.54 9.29 12.55
N LEU A 11 12.30 9.01 11.27
CA LEU A 11 12.71 9.93 10.22
C LEU A 11 11.50 10.29 9.37
N LEU A 12 11.20 11.58 9.34
CA LEU A 12 10.06 12.07 8.57
C LEU A 12 10.06 13.60 8.60
N PRO A 13 9.51 14.19 7.51
CA PRO A 13 9.43 15.64 7.40
C PRO A 13 8.35 16.21 8.31
N ASP A 14 8.37 17.52 8.45
CA ASP A 14 7.39 18.20 9.30
C ASP A 14 6.98 19.52 8.63
N GLY A 15 6.03 19.41 7.71
CA GLY A 15 5.54 20.58 7.00
C GLY A 15 6.06 20.60 5.55
N VAL A 16 5.42 19.79 4.72
CA VAL A 16 5.81 19.71 3.32
C VAL A 16 5.60 21.08 2.66
N PRO A 17 6.68 21.56 1.98
CA PRO A 17 6.62 22.84 1.30
C PRO A 17 5.81 22.74 0.01
N GLU A 18 4.51 22.60 0.18
CA GLU A 18 3.61 22.49 -0.96
C GLU A 18 2.38 23.39 -0.76
N GLU A 19 1.81 23.82 -1.87
CA GLU A 19 0.65 24.68 -1.84
C GLU A 19 -0.31 24.33 -2.97
N VAL A 20 -0.72 23.07 -2.99
CA VAL A 20 -1.64 22.59 -4.01
C VAL A 20 -2.30 21.29 -3.53
N MET A 21 -3.61 21.25 -3.69
CA MET A 21 -4.36 20.07 -3.29
C MET A 21 -4.08 19.71 -1.83
N GLU A 22 -4.87 18.78 -1.32
CA GLU A 22 -4.72 18.34 0.06
C GLU A 22 -4.42 16.83 0.10
N SER A 23 -3.14 16.50 0.05
CA SER A 23 -2.72 15.11 0.09
C SER A 23 -3.35 14.35 -1.08
N ALA A 24 -2.48 13.90 -1.99
CA ALA A 24 -2.94 13.16 -3.15
C ALA A 24 -2.18 11.84 -3.24
N GLN A 25 -2.79 10.80 -2.70
CA GLN A 25 -2.18 9.47 -2.70
C GLN A 25 -3.26 8.40 -2.82
N PRO A 26 -2.85 7.24 -3.40
CA PRO A 26 -3.77 6.13 -3.57
C PRO A 26 -4.01 5.41 -2.24
N VAL A 27 -4.89 4.42 -2.29
CA VAL A 27 -5.23 3.65 -1.10
C VAL A 27 -5.38 2.18 -1.48
N ALA A 28 -4.74 1.32 -0.69
CA ALA A 28 -4.80 -0.10 -0.93
C ALA A 28 -6.26 -0.58 -0.82
N ASN A 29 -6.95 -0.53 -1.95
CA ASN A 29 -8.33 -0.94 -1.99
C ASN A 29 -8.53 -2.19 -1.12
N GLU A 30 -9.70 -2.28 -0.52
CA GLU A 30 -10.01 -3.41 0.34
C GLU A 30 -10.45 -4.61 -0.50
N GLU A 31 -10.95 -4.31 -1.68
CA GLU A 31 -11.40 -5.35 -2.59
C GLU A 31 -10.22 -5.99 -3.31
N ILE A 32 -9.38 -5.14 -3.88
CA ILE A 32 -8.20 -5.61 -4.59
C ILE A 32 -7.28 -6.34 -3.62
N VAL A 33 -7.29 -5.87 -2.38
CA VAL A 33 -6.46 -6.47 -1.34
C VAL A 33 -7.11 -7.76 -0.86
N ALA A 34 -8.43 -7.72 -0.76
CA ALA A 34 -9.19 -8.87 -0.30
C ALA A 34 -9.04 -10.01 -1.33
N GLN A 35 -8.92 -9.61 -2.59
CA GLN A 35 -8.76 -10.58 -3.66
C GLN A 35 -7.35 -11.17 -3.65
N LEU A 36 -6.38 -10.29 -3.45
CA LEU A 36 -4.99 -10.71 -3.41
C LEU A 36 -4.74 -11.53 -2.14
N VAL A 37 -5.02 -10.90 -1.01
CA VAL A 37 -4.84 -11.55 0.27
C VAL A 37 -5.41 -12.97 0.21
N SER A 38 -6.38 -13.13 -0.67
CA SER A 38 -7.02 -14.43 -0.83
C SER A 38 -6.16 -15.33 -1.72
N MET A 39 -5.63 -14.73 -2.78
CA MET A 39 -4.78 -15.46 -3.71
C MET A 39 -3.65 -16.18 -2.98
N GLY A 40 -3.25 -15.59 -1.86
CA GLY A 40 -2.18 -16.16 -1.06
C GLY A 40 -1.08 -15.12 -0.78
N PHE A 41 -1.25 -13.95 -1.40
CA PHE A 41 -0.30 -12.88 -1.24
C PHE A 41 -0.35 -12.31 0.19
N SER A 42 0.54 -11.37 0.46
CA SER A 42 0.61 -10.74 1.77
C SER A 42 -0.16 -9.42 1.75
N GLN A 43 -1.15 -9.34 2.64
CA GLN A 43 -1.96 -8.15 2.73
C GLN A 43 -1.10 -6.90 2.55
N LEU A 44 -0.14 -6.75 3.45
CA LEU A 44 0.76 -5.60 3.38
C LEU A 44 1.14 -5.32 1.93
N HIS A 45 1.59 -6.36 1.25
CA HIS A 45 1.97 -6.24 -0.14
C HIS A 45 0.73 -5.97 -1.00
N CYS A 46 -0.28 -6.80 -0.79
CA CYS A 46 -1.52 -6.67 -1.53
C CYS A 46 -1.93 -5.20 -1.53
N GLN A 47 -1.62 -4.54 -0.42
CA GLN A 47 -1.94 -3.13 -0.28
C GLN A 47 -1.05 -2.28 -1.18
N LYS A 48 0.24 -2.38 -0.94
CA LYS A 48 1.21 -1.63 -1.72
C LYS A 48 0.93 -1.82 -3.20
N ALA A 49 0.94 -3.09 -3.62
CA ALA A 49 0.69 -3.43 -5.01
C ALA A 49 -0.42 -2.52 -5.56
N ALA A 50 -1.63 -2.76 -5.08
CA ALA A 50 -2.78 -1.98 -5.51
C ALA A 50 -2.41 -0.50 -5.52
N ILE A 51 -2.02 -0.01 -4.36
CA ILE A 51 -1.64 1.38 -4.22
C ILE A 51 -0.68 1.76 -5.35
N ASN A 52 0.41 1.01 -5.43
CA ASN A 52 1.40 1.25 -6.46
C ASN A 52 0.72 1.36 -7.82
N THR A 53 -0.46 0.74 -7.90
CA THR A 53 -1.22 0.76 -9.14
C THR A 53 -2.57 1.45 -8.91
N SER A 54 -2.58 2.37 -7.96
CA SER A 54 -3.79 3.10 -7.63
C SER A 54 -4.99 2.17 -7.61
N ASN A 55 -4.70 0.90 -7.31
CA ASN A 55 -5.75 -0.11 -7.26
C ASN A 55 -6.54 -0.09 -8.57
N ALA A 56 -5.81 0.14 -9.66
CA ALA A 56 -6.43 0.18 -10.97
C ALA A 56 -7.23 -1.10 -11.19
N GLY A 57 -6.64 -2.21 -10.78
CA GLY A 57 -7.29 -3.50 -10.92
C GLY A 57 -6.51 -4.60 -10.19
N VAL A 58 -7.22 -5.66 -9.85
CA VAL A 58 -6.61 -6.78 -9.15
C VAL A 58 -5.38 -7.25 -9.92
N GLU A 59 -5.54 -7.35 -11.22
CA GLU A 59 -4.44 -7.79 -12.09
C GLU A 59 -3.26 -6.83 -11.96
N GLU A 60 -3.58 -5.54 -11.95
CA GLU A 60 -2.56 -4.52 -11.83
C GLU A 60 -1.81 -4.66 -10.51
N ALA A 61 -2.59 -4.74 -9.44
CA ALA A 61 -2.01 -4.87 -8.10
C ALA A 61 -1.03 -6.05 -8.10
N MET A 62 -1.56 -7.21 -8.47
CA MET A 62 -0.75 -8.42 -8.50
C MET A 62 0.49 -8.23 -9.38
N ASN A 63 0.24 -7.79 -10.61
CA ASN A 63 1.31 -7.56 -11.55
C ASN A 63 2.48 -6.87 -10.84
N TRP A 64 2.13 -5.85 -10.06
CA TRP A 64 3.13 -5.09 -9.33
C TRP A 64 3.82 -6.05 -8.37
N LEU A 65 3.01 -6.85 -7.68
CA LEU A 65 3.54 -7.81 -6.73
C LEU A 65 4.52 -8.74 -7.44
N LEU A 66 4.14 -9.14 -8.65
CA LEU A 66 4.97 -10.03 -9.44
C LEU A 66 6.28 -9.32 -9.79
N SER A 67 6.29 -8.02 -9.55
CA SER A 67 7.47 -7.22 -9.83
C SER A 67 8.08 -6.71 -8.52
N HIS A 68 7.29 -6.77 -7.46
CA HIS A 68 7.74 -6.32 -6.16
C HIS A 68 7.57 -7.45 -5.14
N MET A 69 7.67 -8.68 -5.64
CA MET A 69 7.54 -9.85 -4.78
C MET A 69 8.80 -10.06 -3.94
N ASP A 70 9.94 -9.99 -4.61
CA ASP A 70 11.21 -10.17 -3.93
C ASP A 70 11.93 -8.82 -3.83
N ASP A 71 11.16 -7.80 -3.53
CA ASP A 71 11.70 -6.45 -3.41
C ASP A 71 11.95 -6.14 -1.93
N PRO A 72 12.87 -5.17 -1.69
CA PRO A 72 13.21 -4.77 -0.33
C PRO A 72 12.10 -3.91 0.27
N ASP A 73 11.27 -3.37 -0.61
CA ASP A 73 10.16 -2.52 -0.18
C ASP A 73 8.99 -3.40 0.24
N ILE A 74 8.83 -4.51 -0.47
CA ILE A 74 7.74 -5.43 -0.18
C ILE A 74 7.73 -5.72 1.33
N ASP A 75 8.92 -5.79 1.90
CA ASP A 75 9.05 -6.05 3.32
C ASP A 75 8.83 -4.76 4.11
N ALA A 76 9.16 -3.66 3.46
CA ALA A 76 9.00 -2.34 4.08
C ALA A 76 7.51 -2.08 4.32
N PRO A 77 7.23 -1.36 5.44
CA PRO A 77 5.85 -1.03 5.78
C PRO A 77 5.33 0.10 4.89
N ILE A 78 4.02 0.30 4.96
CA ILE A 78 3.37 1.34 4.17
C ILE A 78 3.48 2.67 4.91
N SER A 79 2.82 2.73 6.06
CA SER A 79 2.83 3.93 6.87
C SER A 79 3.37 3.62 8.26
N GLY A 80 3.71 2.36 8.46
CA GLY A 80 4.24 1.91 9.75
C GLY A 80 3.35 0.84 10.37
N PRO A 81 4.02 -0.22 10.89
CA PRO A 81 3.31 -1.32 11.51
C PRO A 81 2.79 -0.92 12.90
N SER A 82 1.56 -1.33 13.18
CA SER A 82 0.94 -1.03 14.45
C SER A 82 0.94 -2.27 15.35
N SER A 83 0.30 -3.32 14.85
CA SER A 83 0.23 -4.56 15.60
C SER A 83 1.39 -5.47 15.21
N GLY A 84 1.52 -6.56 15.96
CA GLY A 84 2.58 -7.52 15.71
C GLY A 84 2.53 -8.67 16.71
N GLY A 1 19.97 -7.89 15.06
CA GLY A 1 20.47 -9.26 15.11
C GLY A 1 21.04 -9.69 13.77
N SER A 2 20.97 -10.99 13.53
CA SER A 2 21.48 -11.55 12.28
C SER A 2 20.47 -12.56 11.70
N SER A 3 20.17 -13.57 12.50
CA SER A 3 19.23 -14.60 12.10
C SER A 3 18.41 -15.05 13.30
N GLY A 4 17.28 -14.39 13.47
CA GLY A 4 16.38 -14.71 14.58
C GLY A 4 14.94 -14.30 14.25
N SER A 5 14.25 -15.20 13.54
CA SER A 5 12.87 -14.95 13.16
C SER A 5 12.31 -16.15 12.41
N SER A 6 11.08 -16.49 12.73
CA SER A 6 10.42 -17.62 12.09
C SER A 6 9.35 -17.11 11.12
N GLY A 7 8.40 -16.37 11.66
CA GLY A 7 7.32 -15.82 10.85
C GLY A 7 6.35 -15.01 11.71
N GLY A 8 5.14 -14.85 11.20
CA GLY A 8 4.12 -14.10 11.91
C GLY A 8 2.73 -14.66 11.61
N GLU A 9 2.09 -15.14 12.67
CA GLU A 9 0.76 -15.71 12.55
C GLU A 9 -0.29 -14.59 12.48
N GLU A 10 -0.13 -13.62 13.36
CA GLU A 10 -1.05 -12.50 13.41
C GLU A 10 -0.28 -11.17 13.35
N LEU A 11 0.07 -10.79 12.13
CA LEU A 11 0.81 -9.55 11.92
C LEU A 11 0.10 -8.41 12.63
N LEU A 12 0.85 -7.34 12.86
CA LEU A 12 0.30 -6.17 13.54
C LEU A 12 -0.63 -5.42 12.58
N PRO A 13 -1.95 -5.42 12.94
CA PRO A 13 -2.94 -4.74 12.11
C PRO A 13 -2.84 -3.22 12.28
N ASP A 14 -2.85 -2.54 11.15
CA ASP A 14 -2.77 -1.08 11.17
C ASP A 14 -2.94 -0.55 9.73
N GLY A 15 -4.15 -0.12 9.44
CA GLY A 15 -4.45 0.41 8.11
C GLY A 15 -5.34 1.65 8.21
N VAL A 16 -4.69 2.80 8.32
CA VAL A 16 -5.41 4.06 8.42
C VAL A 16 -4.41 5.22 8.39
N PRO A 17 -4.69 6.19 7.48
CA PRO A 17 -3.82 7.35 7.35
C PRO A 17 -4.03 8.32 8.51
N GLU A 18 -2.96 8.51 9.27
CA GLU A 18 -3.01 9.41 10.41
C GLU A 18 -1.62 9.55 11.04
N GLU A 19 -0.76 10.28 10.35
CA GLU A 19 0.59 10.49 10.83
C GLU A 19 1.24 11.66 10.08
N VAL A 20 0.70 12.84 10.33
CA VAL A 20 1.22 14.05 9.69
C VAL A 20 1.57 13.73 8.24
N MET A 21 0.55 13.72 7.40
CA MET A 21 0.73 13.44 5.99
C MET A 21 -0.16 14.33 5.13
N GLU A 22 0.26 14.52 3.89
CA GLU A 22 -0.50 15.34 2.96
C GLU A 22 -1.80 14.65 2.57
N SER A 23 -2.67 15.41 1.91
CA SER A 23 -3.95 14.88 1.49
C SER A 23 -3.95 14.67 -0.03
N ALA A 24 -3.34 13.58 -0.45
CA ALA A 24 -3.27 13.26 -1.87
C ALA A 24 -2.51 11.94 -2.04
N GLN A 25 -3.16 10.87 -1.63
CA GLN A 25 -2.57 9.54 -1.74
C GLN A 25 -3.66 8.49 -1.97
N PRO A 26 -3.25 7.39 -2.64
CA PRO A 26 -4.17 6.30 -2.94
C PRO A 26 -4.47 5.48 -1.69
N VAL A 27 -5.31 4.47 -1.87
CA VAL A 27 -5.68 3.60 -0.76
C VAL A 27 -5.79 2.16 -1.27
N ALA A 28 -5.00 1.30 -0.66
CA ALA A 28 -5.00 -0.11 -1.03
C ALA A 28 -6.43 -0.64 -1.02
N ASN A 29 -7.06 -0.57 -2.18
CA ASN A 29 -8.43 -1.04 -2.32
C ASN A 29 -8.61 -2.31 -1.50
N GLU A 30 -9.63 -2.28 -0.65
CA GLU A 30 -9.93 -3.43 0.20
C GLU A 30 -10.40 -4.61 -0.64
N GLU A 31 -10.97 -4.28 -1.79
CA GLU A 31 -11.46 -5.30 -2.70
C GLU A 31 -10.31 -5.97 -3.43
N ILE A 32 -9.40 -5.15 -3.95
CA ILE A 32 -8.25 -5.64 -4.66
C ILE A 32 -7.34 -6.40 -3.70
N VAL A 33 -7.21 -5.85 -2.49
CA VAL A 33 -6.39 -6.46 -1.47
C VAL A 33 -7.05 -7.74 -0.97
N ALA A 34 -8.33 -7.62 -0.65
CA ALA A 34 -9.09 -8.75 -0.17
C ALA A 34 -8.94 -9.92 -1.14
N GLN A 35 -8.79 -9.58 -2.40
CA GLN A 35 -8.63 -10.59 -3.44
C GLN A 35 -7.22 -11.18 -3.39
N LEU A 36 -6.24 -10.29 -3.32
CA LEU A 36 -4.86 -10.72 -3.27
C LEU A 36 -4.61 -11.51 -1.98
N VAL A 37 -4.98 -10.89 -0.87
CA VAL A 37 -4.81 -11.52 0.43
C VAL A 37 -5.41 -12.93 0.39
N SER A 38 -6.34 -13.11 -0.54
CA SER A 38 -7.00 -14.40 -0.69
C SER A 38 -6.25 -15.25 -1.71
N MET A 39 -5.76 -14.60 -2.75
CA MET A 39 -5.03 -15.29 -3.79
C MET A 39 -3.82 -16.03 -3.21
N GLY A 40 -3.34 -15.53 -2.09
CA GLY A 40 -2.20 -16.13 -1.42
C GLY A 40 -1.04 -15.14 -1.33
N PHE A 41 -1.39 -13.88 -1.17
CA PHE A 41 -0.38 -12.83 -1.07
C PHE A 41 -0.36 -12.22 0.33
N SER A 42 0.55 -11.27 0.52
CA SER A 42 0.68 -10.60 1.81
C SER A 42 -0.11 -9.29 1.79
N GLN A 43 -1.08 -9.21 2.68
CA GLN A 43 -1.90 -8.03 2.79
C GLN A 43 -1.06 -6.76 2.57
N LEU A 44 -0.05 -6.61 3.42
CA LEU A 44 0.83 -5.46 3.33
C LEU A 44 1.18 -5.20 1.87
N HIS A 45 1.69 -6.24 1.23
CA HIS A 45 2.07 -6.15 -0.17
C HIS A 45 0.82 -5.88 -1.03
N CYS A 46 -0.19 -6.71 -0.82
CA CYS A 46 -1.43 -6.58 -1.56
C CYS A 46 -1.80 -5.10 -1.60
N GLN A 47 -1.59 -4.43 -0.48
CA GLN A 47 -1.89 -3.02 -0.37
C GLN A 47 -0.96 -2.20 -1.28
N LYS A 48 0.33 -2.32 -1.00
CA LYS A 48 1.33 -1.60 -1.76
C LYS A 48 1.06 -1.81 -3.25
N ALA A 49 1.02 -3.07 -3.65
CA ALA A 49 0.77 -3.42 -5.03
C ALA A 49 -0.35 -2.53 -5.58
N ALA A 50 -1.56 -2.79 -5.09
CA ALA A 50 -2.72 -2.04 -5.52
C ALA A 50 -2.37 -0.54 -5.56
N ILE A 51 -1.99 -0.03 -4.39
CA ILE A 51 -1.63 1.38 -4.27
C ILE A 51 -0.68 1.75 -5.43
N ASN A 52 0.42 1.01 -5.50
CA ASN A 52 1.40 1.25 -6.54
C ASN A 52 0.69 1.36 -7.90
N THR A 53 -0.46 0.70 -7.98
CA THR A 53 -1.24 0.72 -9.20
C THR A 53 -2.60 1.38 -8.97
N SER A 54 -2.61 2.31 -8.03
CA SER A 54 -3.82 3.02 -7.70
C SER A 54 -5.03 2.06 -7.74
N ASN A 55 -4.77 0.83 -7.32
CA ASN A 55 -5.81 -0.18 -7.31
C ASN A 55 -6.63 -0.07 -8.58
N ALA A 56 -5.93 0.07 -9.70
CA ALA A 56 -6.59 0.19 -10.98
C ALA A 56 -7.32 -1.12 -11.30
N GLY A 57 -6.74 -2.22 -10.82
CA GLY A 57 -7.32 -3.53 -11.05
C GLY A 57 -6.52 -4.62 -10.32
N VAL A 58 -7.24 -5.64 -9.91
CA VAL A 58 -6.61 -6.75 -9.19
C VAL A 58 -5.35 -7.18 -9.94
N GLU A 59 -5.50 -7.37 -11.23
CA GLU A 59 -4.39 -7.79 -12.07
C GLU A 59 -3.22 -6.81 -11.92
N GLU A 60 -3.55 -5.53 -11.94
CA GLU A 60 -2.54 -4.49 -11.80
C GLU A 60 -1.78 -4.66 -10.48
N ALA A 61 -2.55 -4.72 -9.40
CA ALA A 61 -1.96 -4.89 -8.08
C ALA A 61 -1.00 -6.07 -8.10
N MET A 62 -1.55 -7.23 -8.44
CA MET A 62 -0.75 -8.45 -8.48
C MET A 62 0.48 -8.26 -9.37
N ASN A 63 0.23 -7.81 -10.60
CA ASN A 63 1.30 -7.58 -11.54
C ASN A 63 2.47 -6.88 -10.83
N TRP A 64 2.13 -5.86 -10.06
CA TRP A 64 3.13 -5.10 -9.33
C TRP A 64 3.84 -6.07 -8.37
N LEU A 65 3.02 -6.89 -7.71
CA LEU A 65 3.55 -7.85 -6.76
C LEU A 65 4.50 -8.81 -7.49
N LEU A 66 4.09 -9.22 -8.68
CA LEU A 66 4.90 -10.13 -9.47
C LEU A 66 6.21 -9.43 -9.86
N SER A 67 6.23 -8.12 -9.63
CA SER A 67 7.42 -7.33 -9.95
C SER A 67 8.01 -6.75 -8.66
N HIS A 68 7.28 -6.93 -7.57
CA HIS A 68 7.72 -6.42 -6.29
C HIS A 68 7.60 -7.53 -5.23
N MET A 69 7.69 -8.76 -5.70
CA MET A 69 7.60 -9.91 -4.82
C MET A 69 8.94 -10.17 -4.12
N ASP A 70 10.01 -10.05 -4.89
CA ASP A 70 11.34 -10.26 -4.35
C ASP A 70 12.05 -8.92 -4.21
N ASP A 71 11.41 -8.02 -3.46
CA ASP A 71 11.97 -6.70 -3.24
C ASP A 71 12.06 -6.43 -1.74
N PRO A 72 12.99 -5.52 -1.37
CA PRO A 72 13.19 -5.16 0.03
C PRO A 72 12.06 -4.28 0.54
N ASP A 73 11.52 -3.48 -0.37
CA ASP A 73 10.42 -2.59 -0.03
C ASP A 73 9.19 -3.41 0.35
N ILE A 74 8.99 -4.49 -0.40
CA ILE A 74 7.85 -5.36 -0.14
C ILE A 74 7.75 -5.63 1.35
N ASP A 75 8.88 -5.53 2.02
CA ASP A 75 8.92 -5.77 3.47
C ASP A 75 8.71 -4.44 4.20
N ALA A 76 9.26 -3.38 3.62
CA ALA A 76 9.14 -2.07 4.21
C ALA A 76 7.66 -1.78 4.49
N PRO A 77 7.43 -0.97 5.56
CA PRO A 77 6.08 -0.60 5.93
C PRO A 77 5.49 0.44 4.99
N ILE A 78 4.18 0.51 4.96
CA ILE A 78 3.48 1.45 4.10
C ILE A 78 3.56 2.85 4.72
N SER A 79 3.19 2.93 5.99
CA SER A 79 3.22 4.19 6.71
C SER A 79 4.41 4.23 7.66
N GLY A 80 5.50 4.84 7.17
CA GLY A 80 6.71 4.95 7.97
C GLY A 80 7.52 6.18 7.55
N PRO A 81 8.43 6.61 8.47
CA PRO A 81 9.27 7.76 8.20
C PRO A 81 10.38 7.41 7.21
N SER A 82 10.99 8.46 6.67
CA SER A 82 12.06 8.29 5.70
C SER A 82 11.61 7.36 4.57
N SER A 83 12.47 7.22 3.58
CA SER A 83 12.17 6.36 2.44
C SER A 83 10.82 6.75 1.84
N GLY A 84 10.89 7.49 0.74
CA GLY A 84 9.69 7.93 0.06
C GLY A 84 9.00 6.76 -0.64
N GLY A 1 26.36 -0.27 3.01
CA GLY A 1 25.45 -1.31 3.47
C GLY A 1 24.05 -0.74 3.71
N SER A 2 23.06 -1.58 3.43
CA SER A 2 21.66 -1.17 3.60
C SER A 2 21.30 -1.19 5.09
N SER A 3 21.37 -0.02 5.70
CA SER A 3 21.06 0.12 7.11
C SER A 3 21.08 1.59 7.52
N GLY A 4 20.34 1.89 8.58
CA GLY A 4 20.27 3.25 9.07
C GLY A 4 18.90 3.52 9.71
N SER A 5 18.87 3.43 11.03
CA SER A 5 17.64 3.67 11.77
C SER A 5 17.86 4.77 12.81
N SER A 6 16.76 5.26 13.35
CA SER A 6 16.81 6.31 14.35
C SER A 6 15.46 6.44 15.05
N GLY A 7 14.43 6.69 14.24
CA GLY A 7 13.09 6.84 14.77
C GLY A 7 12.68 5.61 15.57
N GLY A 8 11.96 5.87 16.66
CA GLY A 8 11.50 4.80 17.53
C GLY A 8 10.63 5.35 18.66
N GLU A 9 10.82 4.77 19.84
CA GLU A 9 10.06 5.19 21.01
C GLU A 9 8.68 4.52 21.01
N GLU A 10 7.99 4.66 19.89
CA GLU A 10 6.66 4.08 19.75
C GLU A 10 6.35 3.82 18.28
N LEU A 11 5.32 3.01 18.06
CA LEU A 11 4.90 2.68 16.71
C LEU A 11 3.78 3.64 16.28
N LEU A 12 4.11 4.92 16.31
CA LEU A 12 3.14 5.94 15.93
C LEU A 12 1.88 5.80 16.80
N PRO A 13 1.67 6.84 17.65
CA PRO A 13 0.51 6.84 18.53
C PRO A 13 -0.77 7.16 17.76
N ASP A 14 -1.04 6.33 16.76
CA ASP A 14 -2.23 6.52 15.94
C ASP A 14 -2.22 5.49 14.81
N GLY A 15 -1.16 5.55 14.01
CA GLY A 15 -1.02 4.64 12.89
C GLY A 15 -0.63 5.40 11.61
N VAL A 16 -1.64 5.95 10.97
CA VAL A 16 -1.43 6.71 9.74
C VAL A 16 -2.72 7.40 9.32
N PRO A 17 -2.74 8.75 9.49
CA PRO A 17 -3.90 9.54 9.14
C PRO A 17 -4.03 9.68 7.62
N GLU A 18 -4.87 8.83 7.05
CA GLU A 18 -5.10 8.85 5.61
C GLU A 18 -6.57 9.17 5.31
N GLU A 19 -6.88 10.46 5.42
CA GLU A 19 -8.24 10.91 5.16
C GLU A 19 -8.23 12.38 4.72
N VAL A 20 -8.48 12.57 3.43
CA VAL A 20 -8.50 13.91 2.87
C VAL A 20 -9.68 14.03 1.89
N MET A 21 -10.24 15.23 1.84
CA MET A 21 -11.37 15.49 0.96
C MET A 21 -10.89 15.82 -0.46
N GLU A 22 -9.97 15.00 -0.95
CA GLU A 22 -9.43 15.19 -2.28
C GLU A 22 -8.39 14.11 -2.58
N SER A 23 -8.12 13.94 -3.87
CA SER A 23 -7.15 12.95 -4.30
C SER A 23 -5.78 13.26 -3.70
N ALA A 24 -5.49 12.58 -2.59
CA ALA A 24 -4.23 12.77 -1.91
C ALA A 24 -3.59 11.40 -1.62
N GLN A 25 -3.07 10.79 -2.67
CA GLN A 25 -2.43 9.49 -2.54
C GLN A 25 -3.47 8.38 -2.69
N PRO A 26 -3.01 7.24 -3.27
CA PRO A 26 -3.89 6.10 -3.48
C PRO A 26 -4.15 5.36 -2.16
N VAL A 27 -5.00 4.36 -2.24
CA VAL A 27 -5.34 3.57 -1.06
C VAL A 27 -5.49 2.10 -1.47
N ALA A 28 -4.81 1.24 -0.70
CA ALA A 28 -4.85 -0.19 -0.97
C ALA A 28 -6.31 -0.67 -0.92
N ASN A 29 -6.94 -0.62 -2.08
CA ASN A 29 -8.33 -1.05 -2.19
C ASN A 29 -8.53 -2.31 -1.34
N GLU A 30 -9.59 -2.30 -0.54
CA GLU A 30 -9.91 -3.43 0.31
C GLU A 30 -10.35 -4.62 -0.54
N GLU A 31 -10.88 -4.32 -1.71
CA GLU A 31 -11.35 -5.35 -2.62
C GLU A 31 -10.16 -5.99 -3.34
N ILE A 32 -9.35 -5.16 -3.95
CA ILE A 32 -8.18 -5.63 -4.68
C ILE A 32 -7.26 -6.38 -3.71
N VAL A 33 -7.19 -5.86 -2.49
CA VAL A 33 -6.36 -6.46 -1.47
C VAL A 33 -7.01 -7.75 -0.97
N ALA A 34 -8.30 -7.65 -0.67
CA ALA A 34 -9.05 -8.78 -0.18
C ALA A 34 -8.96 -9.92 -1.20
N GLN A 35 -8.92 -9.53 -2.47
CA GLN A 35 -8.83 -10.51 -3.55
C GLN A 35 -7.45 -11.15 -3.58
N LEU A 36 -6.44 -10.30 -3.43
CA LEU A 36 -5.06 -10.77 -3.44
C LEU A 36 -4.79 -11.56 -2.17
N VAL A 37 -5.08 -10.93 -1.04
CA VAL A 37 -4.86 -11.57 0.25
C VAL A 37 -5.49 -12.97 0.23
N SER A 38 -6.46 -13.13 -0.66
CA SER A 38 -7.14 -14.41 -0.79
C SER A 38 -6.36 -15.33 -1.72
N MET A 39 -5.85 -14.74 -2.80
CA MET A 39 -5.08 -15.50 -3.77
C MET A 39 -3.93 -16.25 -3.10
N GLY A 40 -3.44 -15.66 -2.01
CA GLY A 40 -2.34 -16.26 -1.26
C GLY A 40 -1.14 -15.31 -1.22
N PHE A 41 -1.43 -14.03 -1.03
CA PHE A 41 -0.39 -13.03 -0.97
C PHE A 41 -0.31 -12.41 0.43
N SER A 42 0.50 -11.36 0.53
CA SER A 42 0.67 -10.66 1.80
C SER A 42 -0.09 -9.33 1.77
N GLN A 43 -1.11 -9.24 2.59
CA GLN A 43 -1.91 -8.04 2.67
C GLN A 43 -1.03 -6.80 2.48
N LEU A 44 -0.10 -6.64 3.41
CA LEU A 44 0.81 -5.51 3.36
C LEU A 44 1.22 -5.24 1.91
N HIS A 45 1.60 -6.32 1.23
CA HIS A 45 2.01 -6.22 -0.16
C HIS A 45 0.78 -5.96 -1.04
N CYS A 46 -0.25 -6.75 -0.82
CA CYS A 46 -1.47 -6.61 -1.59
C CYS A 46 -1.89 -5.14 -1.56
N GLN A 47 -1.51 -4.47 -0.49
CA GLN A 47 -1.83 -3.07 -0.34
C GLN A 47 -0.92 -2.21 -1.22
N LYS A 48 0.37 -2.33 -0.98
CA LYS A 48 1.35 -1.58 -1.75
C LYS A 48 1.08 -1.77 -3.25
N ALA A 49 1.01 -3.03 -3.65
CA ALA A 49 0.76 -3.36 -5.04
C ALA A 49 -0.35 -2.44 -5.58
N ALA A 50 -1.56 -2.68 -5.08
CA ALA A 50 -2.71 -1.90 -5.50
C ALA A 50 -2.34 -0.41 -5.48
N ILE A 51 -2.02 0.06 -4.28
CA ILE A 51 -1.65 1.47 -4.12
C ILE A 51 -0.69 1.87 -5.24
N ASN A 52 0.35 1.05 -5.41
CA ASN A 52 1.33 1.32 -6.44
C ASN A 52 0.64 1.45 -7.80
N THR A 53 -0.38 0.62 -7.98
CA THR A 53 -1.13 0.63 -9.23
C THR A 53 -2.49 1.31 -9.02
N SER A 54 -2.52 2.22 -8.07
CA SER A 54 -3.74 2.95 -7.76
C SER A 54 -4.94 2.01 -7.81
N ASN A 55 -4.70 0.77 -7.39
CA ASN A 55 -5.75 -0.23 -7.38
C ASN A 55 -6.49 -0.20 -8.72
N ALA A 56 -5.71 -0.06 -9.79
CA ALA A 56 -6.28 -0.01 -11.13
C ALA A 56 -7.07 -1.30 -11.38
N GLY A 57 -6.72 -2.34 -10.64
CA GLY A 57 -7.39 -3.63 -10.78
C GLY A 57 -6.60 -4.72 -10.06
N VAL A 58 -7.32 -5.78 -9.71
CA VAL A 58 -6.70 -6.91 -9.03
C VAL A 58 -5.45 -7.34 -9.79
N GLU A 59 -5.58 -7.38 -11.11
CA GLU A 59 -4.47 -7.77 -11.97
C GLU A 59 -3.32 -6.78 -11.82
N GLU A 60 -3.68 -5.51 -11.78
CA GLU A 60 -2.69 -4.45 -11.66
C GLU A 60 -1.90 -4.61 -10.36
N ALA A 61 -2.64 -4.70 -9.26
CA ALA A 61 -2.03 -4.86 -7.95
C ALA A 61 -1.04 -6.03 -8.00
N MET A 62 -1.57 -7.20 -8.34
CA MET A 62 -0.74 -8.40 -8.42
C MET A 62 0.46 -8.16 -9.34
N ASN A 63 0.16 -7.70 -10.54
CA ASN A 63 1.21 -7.45 -11.52
C ASN A 63 2.38 -6.75 -10.83
N TRP A 64 2.05 -5.75 -10.03
CA TRP A 64 3.07 -5.00 -9.32
C TRP A 64 3.80 -5.96 -8.38
N LEU A 65 3.01 -6.78 -7.69
CA LEU A 65 3.57 -7.75 -6.76
C LEU A 65 4.54 -8.66 -7.53
N LEU A 66 4.11 -9.09 -8.70
CA LEU A 66 4.94 -9.96 -9.52
C LEU A 66 6.21 -9.23 -9.92
N SER A 67 6.21 -7.93 -9.69
CA SER A 67 7.36 -7.09 -10.01
C SER A 67 7.98 -6.55 -8.73
N HIS A 68 7.28 -6.73 -7.63
CA HIS A 68 7.75 -6.26 -6.34
C HIS A 68 7.59 -7.37 -5.30
N MET A 69 7.76 -8.60 -5.76
CA MET A 69 7.64 -9.75 -4.89
C MET A 69 8.96 -10.03 -4.17
N ASP A 70 10.04 -9.91 -4.91
CA ASP A 70 11.37 -10.15 -4.36
C ASP A 70 12.07 -8.80 -4.15
N ASP A 71 11.33 -7.87 -3.56
CA ASP A 71 11.87 -6.55 -3.29
C ASP A 71 11.99 -6.35 -1.77
N PRO A 72 12.92 -5.44 -1.39
CA PRO A 72 13.14 -5.15 0.02
C PRO A 72 12.02 -4.28 0.58
N ASP A 73 11.49 -3.42 -0.29
CA ASP A 73 10.41 -2.53 0.11
C ASP A 73 9.18 -3.36 0.46
N ILE A 74 8.98 -4.42 -0.30
CA ILE A 74 7.84 -5.30 -0.08
C ILE A 74 7.72 -5.60 1.41
N ASP A 75 8.86 -5.60 2.08
CA ASP A 75 8.89 -5.87 3.51
C ASP A 75 8.64 -4.57 4.28
N ALA A 76 9.18 -3.49 3.74
CA ALA A 76 9.02 -2.19 4.35
C ALA A 76 7.53 -1.90 4.58
N PRO A 77 7.24 -1.22 5.71
CA PRO A 77 5.87 -0.88 6.04
C PRO A 77 5.35 0.26 5.17
N ILE A 78 4.03 0.33 5.07
CA ILE A 78 3.40 1.37 4.26
C ILE A 78 3.44 2.69 5.03
N SER A 79 3.07 2.62 6.30
CA SER A 79 3.07 3.81 7.15
C SER A 79 4.30 3.81 8.05
N GLY A 80 5.31 4.57 7.63
CA GLY A 80 6.55 4.67 8.39
C GLY A 80 6.72 6.07 8.96
N PRO A 81 7.81 6.23 9.77
CA PRO A 81 8.09 7.51 10.40
C PRO A 81 8.67 8.49 9.38
N SER A 82 7.78 9.28 8.79
CA SER A 82 8.18 10.26 7.81
C SER A 82 7.79 11.67 8.27
N SER A 83 8.28 12.65 7.54
CA SER A 83 7.99 14.04 7.87
C SER A 83 8.03 14.90 6.60
N GLY A 84 6.85 15.16 6.06
CA GLY A 84 6.73 15.95 4.85
C GLY A 84 6.13 15.14 3.70
N GLY A 1 28.90 0.01 28.61
CA GLY A 1 27.67 -0.78 28.57
C GLY A 1 27.30 -1.13 27.13
N SER A 2 26.48 -2.16 27.00
CA SER A 2 26.03 -2.61 25.69
C SER A 2 24.79 -3.50 25.84
N SER A 3 23.93 -3.42 24.83
CA SER A 3 22.70 -4.20 24.83
C SER A 3 21.84 -3.82 26.03
N GLY A 4 20.55 -4.12 25.91
CA GLY A 4 19.61 -3.80 26.96
C GLY A 4 18.17 -3.90 26.47
N SER A 5 17.49 -4.95 26.92
CA SER A 5 16.11 -5.17 26.53
C SER A 5 15.19 -4.95 27.73
N SER A 6 14.86 -3.68 27.96
CA SER A 6 13.99 -3.33 29.07
C SER A 6 13.76 -1.82 29.09
N GLY A 7 12.50 -1.44 28.86
CA GLY A 7 12.13 -0.03 28.86
C GLY A 7 10.62 0.14 28.94
N GLY A 8 10.12 0.20 30.16
CA GLY A 8 8.69 0.36 30.39
C GLY A 8 8.40 0.70 31.85
N GLU A 9 7.49 1.65 32.03
CA GLU A 9 7.11 2.08 33.37
C GLU A 9 5.62 1.84 33.59
N GLU A 10 4.83 2.30 32.63
CA GLU A 10 3.38 2.14 32.72
C GLU A 10 2.76 2.19 31.32
N LEU A 11 1.50 1.82 31.25
CA LEU A 11 0.77 1.81 29.99
C LEU A 11 -0.08 3.08 29.89
N LEU A 12 0.60 4.21 29.99
CA LEU A 12 -0.08 5.50 29.91
C LEU A 12 -0.82 5.59 28.58
N PRO A 13 -1.88 6.45 28.57
CA PRO A 13 -2.68 6.64 27.37
C PRO A 13 -1.93 7.50 26.35
N ASP A 14 -2.58 7.70 25.21
CA ASP A 14 -1.99 8.51 24.15
C ASP A 14 -1.48 9.82 24.72
N GLY A 15 -0.16 9.97 24.71
CA GLY A 15 0.46 11.17 25.23
C GLY A 15 0.90 12.09 24.10
N VAL A 16 1.93 11.66 23.39
CA VAL A 16 2.47 12.44 22.29
C VAL A 16 1.31 13.03 21.49
N PRO A 17 1.44 14.36 21.21
CA PRO A 17 0.41 15.07 20.46
C PRO A 17 0.47 14.71 18.97
N GLU A 18 -0.70 14.43 18.41
CA GLU A 18 -0.78 14.08 17.00
C GLU A 18 -0.25 15.22 16.13
N GLU A 19 -0.16 14.94 14.84
CA GLU A 19 0.33 15.93 13.89
C GLU A 19 -0.66 16.09 12.74
N VAL A 20 -0.11 16.33 11.56
CA VAL A 20 -0.93 16.51 10.38
C VAL A 20 -0.80 15.28 9.48
N MET A 21 -1.92 14.93 8.84
CA MET A 21 -1.94 13.79 7.95
C MET A 21 -1.51 14.17 6.54
N GLU A 22 -1.31 13.15 5.71
CA GLU A 22 -0.90 13.37 4.33
C GLU A 22 -2.11 13.29 3.39
N SER A 23 -1.99 13.96 2.26
CA SER A 23 -3.05 13.97 1.28
C SER A 23 -2.48 13.77 -0.13
N ALA A 24 -3.36 13.45 -1.06
CA ALA A 24 -2.95 13.24 -2.44
C ALA A 24 -2.20 11.91 -2.54
N GLN A 25 -2.92 10.84 -2.21
CA GLN A 25 -2.35 9.51 -2.27
C GLN A 25 -3.45 8.46 -2.39
N PRO A 26 -3.09 7.31 -3.04
CA PRO A 26 -4.04 6.23 -3.24
C PRO A 26 -4.26 5.46 -1.94
N VAL A 27 -5.14 4.48 -2.02
CA VAL A 27 -5.45 3.66 -0.86
C VAL A 27 -5.60 2.20 -1.30
N ALA A 28 -4.88 1.33 -0.60
CA ALA A 28 -4.92 -0.09 -0.91
C ALA A 28 -6.37 -0.58 -0.84
N ASN A 29 -7.03 -0.53 -1.99
CA ASN A 29 -8.41 -0.96 -2.07
C ASN A 29 -8.60 -2.22 -1.22
N GLU A 30 -9.73 -2.26 -0.52
CA GLU A 30 -10.04 -3.40 0.34
C GLU A 30 -10.49 -4.59 -0.51
N GLU A 31 -10.92 -4.28 -1.73
CA GLU A 31 -11.38 -5.31 -2.64
C GLU A 31 -10.20 -5.95 -3.36
N ILE A 32 -9.38 -5.10 -3.95
CA ILE A 32 -8.21 -5.57 -4.68
C ILE A 32 -7.27 -6.30 -3.71
N VAL A 33 -7.27 -5.83 -2.48
CA VAL A 33 -6.44 -6.42 -1.44
C VAL A 33 -7.06 -7.73 -0.98
N ALA A 34 -8.36 -7.67 -0.72
CA ALA A 34 -9.08 -8.84 -0.26
C ALA A 34 -8.95 -9.95 -1.30
N GLN A 35 -8.88 -9.54 -2.56
CA GLN A 35 -8.75 -10.49 -3.65
C GLN A 35 -7.34 -11.09 -3.67
N LEU A 36 -6.37 -10.24 -3.45
CA LEU A 36 -4.98 -10.67 -3.44
C LEU A 36 -4.72 -11.49 -2.17
N VAL A 37 -5.00 -10.89 -1.03
CA VAL A 37 -4.81 -11.54 0.24
C VAL A 37 -5.44 -12.94 0.19
N SER A 38 -6.41 -13.08 -0.70
CA SER A 38 -7.10 -14.35 -0.87
C SER A 38 -6.32 -15.25 -1.82
N MET A 39 -5.78 -14.64 -2.85
CA MET A 39 -5.01 -15.37 -3.85
C MET A 39 -3.82 -16.10 -3.19
N GLY A 40 -3.42 -15.58 -2.04
CA GLY A 40 -2.31 -16.16 -1.31
C GLY A 40 -1.11 -15.19 -1.25
N PHE A 41 -1.44 -13.92 -1.06
CA PHE A 41 -0.41 -12.90 -0.99
C PHE A 41 -0.40 -12.23 0.39
N SER A 42 0.59 -11.37 0.59
CA SER A 42 0.73 -10.66 1.86
C SER A 42 -0.07 -9.36 1.81
N GLN A 43 -1.04 -9.27 2.71
CA GLN A 43 -1.87 -8.07 2.79
C GLN A 43 -1.04 -6.82 2.54
N LEU A 44 -0.07 -6.62 3.43
CA LEU A 44 0.80 -5.45 3.32
C LEU A 44 1.16 -5.22 1.85
N HIS A 45 1.73 -6.26 1.24
CA HIS A 45 2.12 -6.19 -0.15
C HIS A 45 0.89 -5.91 -1.02
N CYS A 46 -0.13 -6.74 -0.84
CA CYS A 46 -1.36 -6.58 -1.59
C CYS A 46 -1.73 -5.10 -1.61
N GLN A 47 -1.62 -4.48 -0.45
CA GLN A 47 -1.94 -3.07 -0.31
C GLN A 47 -1.02 -2.23 -1.21
N LYS A 48 0.27 -2.34 -0.93
CA LYS A 48 1.26 -1.60 -1.69
C LYS A 48 0.99 -1.78 -3.19
N ALA A 49 1.02 -3.04 -3.62
CA ALA A 49 0.77 -3.36 -5.01
C ALA A 49 -0.39 -2.50 -5.53
N ALA A 50 -1.58 -2.83 -5.06
CA ALA A 50 -2.78 -2.10 -5.46
C ALA A 50 -2.47 -0.61 -5.49
N ILE A 51 -2.09 -0.09 -4.33
CA ILE A 51 -1.76 1.33 -4.22
C ILE A 51 -0.82 1.73 -5.36
N ASN A 52 0.30 1.02 -5.42
CA ASN A 52 1.29 1.29 -6.45
C ASN A 52 0.59 1.39 -7.82
N THR A 53 -0.48 0.61 -7.96
CA THR A 53 -1.24 0.61 -9.19
C THR A 53 -2.58 1.31 -8.99
N SER A 54 -2.57 2.29 -8.11
CA SER A 54 -3.78 3.05 -7.82
C SER A 54 -4.99 2.12 -7.80
N ASN A 55 -4.74 0.87 -7.44
CA ASN A 55 -5.79 -0.12 -7.38
C ASN A 55 -6.60 -0.07 -8.67
N ALA A 56 -5.89 0.01 -9.78
CA ALA A 56 -6.52 0.06 -11.09
C ALA A 56 -7.20 -1.28 -11.37
N GLY A 57 -6.84 -2.27 -10.57
CA GLY A 57 -7.41 -3.60 -10.72
C GLY A 57 -6.55 -4.65 -10.03
N VAL A 58 -7.16 -5.79 -9.75
CA VAL A 58 -6.46 -6.88 -9.09
C VAL A 58 -5.24 -7.27 -9.93
N GLU A 59 -5.48 -7.43 -11.22
CA GLU A 59 -4.41 -7.82 -12.13
C GLU A 59 -3.23 -6.85 -12.00
N GLU A 60 -3.57 -5.56 -11.95
CA GLU A 60 -2.56 -4.53 -11.84
C GLU A 60 -1.81 -4.67 -10.51
N ALA A 61 -2.58 -4.75 -9.44
CA ALA A 61 -2.02 -4.88 -8.11
C ALA A 61 -1.05 -6.07 -8.09
N MET A 62 -1.59 -7.23 -8.45
CA MET A 62 -0.78 -8.44 -8.48
C MET A 62 0.47 -8.25 -9.35
N ASN A 63 0.24 -7.81 -10.58
CA ASN A 63 1.33 -7.59 -11.51
C ASN A 63 2.48 -6.90 -10.78
N TRP A 64 2.13 -5.87 -10.02
CA TRP A 64 3.12 -5.13 -9.27
C TRP A 64 3.81 -6.09 -8.29
N LEU A 65 2.98 -6.89 -7.63
CA LEU A 65 3.50 -7.86 -6.68
C LEU A 65 4.48 -8.79 -7.38
N LEU A 66 4.13 -9.17 -8.59
CA LEU A 66 4.97 -10.06 -9.38
C LEU A 66 6.26 -9.32 -9.77
N SER A 67 6.27 -8.02 -9.49
CA SER A 67 7.42 -7.20 -9.80
C SER A 67 8.07 -6.70 -8.51
N HIS A 68 7.29 -6.74 -7.44
CA HIS A 68 7.77 -6.29 -6.14
C HIS A 68 7.72 -7.45 -5.14
N MET A 69 7.69 -8.66 -5.70
CA MET A 69 7.63 -9.85 -4.88
C MET A 69 8.98 -10.11 -4.18
N ASP A 70 10.03 -10.00 -4.97
CA ASP A 70 11.37 -10.21 -4.44
C ASP A 70 12.08 -8.86 -4.28
N ASP A 71 11.41 -7.97 -3.56
CA ASP A 71 11.96 -6.63 -3.32
C ASP A 71 12.06 -6.39 -1.82
N PRO A 72 13.02 -5.49 -1.45
CA PRO A 72 13.22 -5.16 -0.05
C PRO A 72 12.10 -4.26 0.47
N ASP A 73 11.52 -3.50 -0.44
CA ASP A 73 10.44 -2.59 -0.10
C ASP A 73 9.21 -3.40 0.30
N ILE A 74 8.99 -4.49 -0.43
CA ILE A 74 7.86 -5.35 -0.18
C ILE A 74 7.74 -5.60 1.33
N ASP A 75 8.88 -5.54 1.99
CA ASP A 75 8.93 -5.77 3.43
C ASP A 75 8.69 -4.43 4.15
N ALA A 76 9.25 -3.38 3.57
CA ALA A 76 9.12 -2.05 4.15
C ALA A 76 7.64 -1.79 4.46
N PRO A 77 7.41 -1.05 5.59
CA PRO A 77 6.06 -0.73 6.00
C PRO A 77 5.47 0.38 5.12
N ILE A 78 4.16 0.35 4.99
CA ILE A 78 3.46 1.34 4.19
C ILE A 78 3.53 2.69 4.89
N SER A 79 3.02 2.72 6.12
CA SER A 79 3.01 3.94 6.91
C SER A 79 3.34 3.62 8.37
N GLY A 80 4.62 3.42 8.63
CA GLY A 80 5.08 3.11 9.96
C GLY A 80 4.76 1.66 10.33
N PRO A 81 5.05 1.31 11.61
CA PRO A 81 4.79 -0.03 12.10
C PRO A 81 3.30 -0.25 12.36
N SER A 82 2.95 -1.51 12.60
CA SER A 82 1.57 -1.86 12.85
C SER A 82 1.45 -2.58 14.20
N SER A 83 1.05 -1.83 15.21
CA SER A 83 0.89 -2.37 16.54
C SER A 83 0.05 -3.65 16.48
N GLY A 84 0.67 -4.75 16.87
CA GLY A 84 -0.02 -6.03 16.88
C GLY A 84 0.40 -6.87 18.08
N GLY A 1 20.82 9.43 9.09
CA GLY A 1 22.19 8.94 9.02
C GLY A 1 22.74 8.66 10.42
N SER A 2 24.06 8.74 10.53
CA SER A 2 24.72 8.50 11.80
C SER A 2 24.12 7.26 12.48
N SER A 3 24.61 6.10 12.07
CA SER A 3 24.13 4.85 12.63
C SER A 3 22.61 4.86 12.69
N GLY A 4 21.99 4.33 11.64
CA GLY A 4 20.55 4.27 11.57
C GLY A 4 20.05 4.67 10.18
N SER A 5 18.97 5.45 10.17
CA SER A 5 18.38 5.91 8.92
C SER A 5 17.72 7.27 9.13
N SER A 6 17.57 7.99 8.03
CA SER A 6 16.96 9.31 8.07
C SER A 6 15.52 9.19 8.58
N GLY A 7 14.73 8.40 7.87
CA GLY A 7 13.33 8.19 8.25
C GLY A 7 12.46 9.33 7.72
N GLY A 8 11.92 10.10 8.66
CA GLY A 8 11.06 11.21 8.31
C GLY A 8 11.65 12.54 8.81
N GLU A 9 10.84 13.58 8.73
CA GLU A 9 11.26 14.89 9.17
C GLU A 9 10.26 15.48 10.15
N GLU A 10 9.29 14.66 10.52
CA GLU A 10 8.26 15.08 11.45
C GLU A 10 8.45 14.38 12.80
N LEU A 11 9.37 13.42 12.81
CA LEU A 11 9.65 12.66 14.02
C LEU A 11 8.34 12.36 14.74
N LEU A 12 7.56 11.48 14.14
CA LEU A 12 6.28 11.08 14.72
C LEU A 12 5.37 12.31 14.80
N PRO A 13 4.15 12.15 14.20
CA PRO A 13 3.19 13.23 14.20
C PRO A 13 2.53 13.39 15.58
N ASP A 14 1.53 12.54 15.81
CA ASP A 14 0.83 12.58 17.08
C ASP A 14 0.10 13.92 17.22
N GLY A 15 -0.97 14.06 16.44
CA GLY A 15 -1.75 15.28 16.48
C GLY A 15 -1.51 16.13 15.22
N VAL A 16 -2.08 15.67 14.12
CA VAL A 16 -1.92 16.36 12.85
C VAL A 16 -3.31 16.70 12.29
N PRO A 17 -3.69 17.99 12.43
CA PRO A 17 -4.98 18.45 11.95
C PRO A 17 -4.97 18.58 10.42
N GLU A 18 -5.95 17.94 9.80
CA GLU A 18 -6.07 17.98 8.34
C GLU A 18 -7.54 18.10 7.93
N GLU A 19 -7.85 19.21 7.29
CA GLU A 19 -9.21 19.46 6.84
C GLU A 19 -9.22 19.77 5.34
N VAL A 20 -9.29 18.71 4.55
CA VAL A 20 -9.30 18.86 3.10
C VAL A 20 -10.11 17.71 2.49
N MET A 21 -10.34 17.81 1.19
CA MET A 21 -11.09 16.80 0.48
C MET A 21 -10.23 15.55 0.24
N GLU A 22 -10.88 14.52 -0.27
CA GLU A 22 -10.19 13.26 -0.56
C GLU A 22 -9.39 13.38 -1.86
N SER A 23 -8.07 13.32 -1.72
CA SER A 23 -7.20 13.42 -2.87
C SER A 23 -5.76 13.69 -2.41
N ALA A 24 -5.12 12.64 -1.95
CA ALA A 24 -3.75 12.74 -1.48
C ALA A 24 -3.12 11.35 -1.39
N GLN A 25 -2.79 10.81 -2.56
CA GLN A 25 -2.19 9.49 -2.64
C GLN A 25 -3.28 8.42 -2.72
N PRO A 26 -2.91 7.26 -3.33
CA PRO A 26 -3.83 6.16 -3.49
C PRO A 26 -4.04 5.43 -2.16
N VAL A 27 -4.93 4.44 -2.20
CA VAL A 27 -5.22 3.66 -1.00
C VAL A 27 -5.37 2.18 -1.40
N ALA A 28 -4.70 1.33 -0.65
CA ALA A 28 -4.76 -0.10 -0.90
C ALA A 28 -6.21 -0.57 -0.79
N ASN A 29 -6.90 -0.53 -1.92
CA ASN A 29 -8.29 -0.95 -1.96
C ASN A 29 -8.47 -2.21 -1.09
N GLU A 30 -9.63 -2.29 -0.48
CA GLU A 30 -9.94 -3.43 0.38
C GLU A 30 -10.40 -4.62 -0.46
N GLU A 31 -10.90 -4.31 -1.64
CA GLU A 31 -11.38 -5.34 -2.56
C GLU A 31 -10.20 -5.99 -3.28
N ILE A 32 -9.38 -5.14 -3.88
CA ILE A 32 -8.23 -5.61 -4.62
C ILE A 32 -7.29 -6.35 -3.66
N VAL A 33 -7.25 -5.87 -2.43
CA VAL A 33 -6.40 -6.48 -1.42
C VAL A 33 -7.06 -7.76 -0.90
N ALA A 34 -8.38 -7.69 -0.77
CA ALA A 34 -9.14 -8.84 -0.29
C ALA A 34 -9.01 -9.98 -1.30
N GLN A 35 -8.94 -9.60 -2.56
CA GLN A 35 -8.82 -10.59 -3.62
C GLN A 35 -7.41 -11.20 -3.63
N LEU A 36 -6.43 -10.32 -3.52
CA LEU A 36 -5.04 -10.75 -3.51
C LEU A 36 -4.78 -11.57 -2.23
N VAL A 37 -5.07 -10.95 -1.10
CA VAL A 37 -4.88 -11.61 0.19
C VAL A 37 -5.49 -13.01 0.14
N SER A 38 -6.45 -13.18 -0.76
CA SER A 38 -7.11 -14.46 -0.92
C SER A 38 -6.28 -15.36 -1.82
N MET A 39 -5.76 -14.77 -2.89
CA MET A 39 -4.95 -15.52 -3.84
C MET A 39 -3.80 -16.25 -3.12
N GLY A 40 -3.38 -15.68 -2.01
CA GLY A 40 -2.30 -16.25 -1.23
C GLY A 40 -1.09 -15.33 -1.19
N PHE A 41 -1.37 -14.04 -1.05
CA PHE A 41 -0.33 -13.04 -0.99
C PHE A 41 -0.24 -12.42 0.41
N SER A 42 0.56 -11.37 0.51
CA SER A 42 0.75 -10.68 1.77
C SER A 42 0.00 -9.34 1.74
N GLN A 43 -1.00 -9.25 2.61
CA GLN A 43 -1.79 -8.03 2.70
C GLN A 43 -0.91 -6.80 2.51
N LEU A 44 -0.01 -6.61 3.46
CA LEU A 44 0.90 -5.48 3.41
C LEU A 44 1.32 -5.24 1.96
N HIS A 45 1.59 -6.33 1.27
CA HIS A 45 2.01 -6.25 -0.13
C HIS A 45 0.79 -5.99 -1.01
N CYS A 46 -0.25 -6.78 -0.78
CA CYS A 46 -1.47 -6.65 -1.55
C CYS A 46 -1.90 -5.18 -1.53
N GLN A 47 -1.53 -4.51 -0.44
CA GLN A 47 -1.87 -3.10 -0.29
C GLN A 47 -0.98 -2.24 -1.21
N LYS A 48 0.33 -2.36 -0.98
CA LYS A 48 1.28 -1.60 -1.77
C LYS A 48 0.98 -1.80 -3.26
N ALA A 49 1.02 -3.05 -3.68
CA ALA A 49 0.75 -3.38 -5.07
C ALA A 49 -0.39 -2.50 -5.59
N ALA A 50 -1.59 -2.79 -5.10
CA ALA A 50 -2.77 -2.04 -5.51
C ALA A 50 -2.42 -0.55 -5.53
N ILE A 51 -2.05 -0.05 -4.37
CA ILE A 51 -1.69 1.36 -4.25
C ILE A 51 -0.76 1.75 -5.40
N ASN A 52 0.35 1.02 -5.50
CA ASN A 52 1.31 1.29 -6.55
C ASN A 52 0.60 1.39 -7.90
N THR A 53 -0.47 0.62 -8.02
CA THR A 53 -1.25 0.60 -9.25
C THR A 53 -2.58 1.33 -9.03
N SER A 54 -2.56 2.28 -8.10
CA SER A 54 -3.76 3.04 -7.79
C SER A 54 -4.98 2.12 -7.74
N ASN A 55 -4.72 0.87 -7.39
CA ASN A 55 -5.78 -0.12 -7.32
C ASN A 55 -6.59 -0.10 -8.61
N ALA A 56 -5.88 0.12 -9.71
CA ALA A 56 -6.52 0.15 -11.01
C ALA A 56 -7.31 -1.13 -11.22
N GLY A 57 -6.73 -2.23 -10.76
CA GLY A 57 -7.37 -3.53 -10.90
C GLY A 57 -6.58 -4.60 -10.15
N VAL A 58 -7.27 -5.68 -9.83
CA VAL A 58 -6.66 -6.79 -9.12
C VAL A 58 -5.43 -7.27 -9.90
N GLU A 59 -5.60 -7.37 -11.21
CA GLU A 59 -4.52 -7.80 -12.08
C GLU A 59 -3.33 -6.84 -11.97
N GLU A 60 -3.65 -5.55 -11.97
CA GLU A 60 -2.63 -4.53 -11.88
C GLU A 60 -1.87 -4.65 -10.55
N ALA A 61 -2.63 -4.70 -9.47
CA ALA A 61 -2.05 -4.82 -8.15
C ALA A 61 -1.09 -6.01 -8.12
N MET A 62 -1.62 -7.18 -8.44
CA MET A 62 -0.83 -8.39 -8.46
C MET A 62 0.41 -8.22 -9.35
N ASN A 63 0.16 -7.81 -10.59
CA ASN A 63 1.23 -7.60 -11.54
C ASN A 63 2.40 -6.90 -10.84
N TRP A 64 2.06 -5.86 -10.08
CA TRP A 64 3.06 -5.10 -9.37
C TRP A 64 3.76 -6.04 -8.38
N LEU A 65 2.95 -6.82 -7.69
CA LEU A 65 3.47 -7.77 -6.72
C LEU A 65 4.46 -8.71 -7.41
N LEU A 66 4.07 -9.17 -8.59
CA LEU A 66 4.90 -10.07 -9.36
C LEU A 66 6.18 -9.33 -9.79
N SER A 67 6.17 -8.02 -9.59
CA SER A 67 7.30 -7.19 -9.94
C SER A 67 7.95 -6.62 -8.69
N HIS A 68 7.24 -6.76 -7.58
CA HIS A 68 7.73 -6.27 -6.30
C HIS A 68 7.58 -7.36 -5.24
N MET A 69 7.69 -8.60 -5.68
CA MET A 69 7.58 -9.73 -4.79
C MET A 69 8.89 -9.99 -4.06
N ASP A 70 9.98 -9.91 -4.82
CA ASP A 70 11.31 -10.14 -4.27
C ASP A 70 12.03 -8.80 -4.12
N ASP A 71 11.42 -7.91 -3.35
CA ASP A 71 11.98 -6.59 -3.13
C ASP A 71 12.08 -6.33 -1.62
N PRO A 72 13.01 -5.42 -1.25
CA PRO A 72 13.20 -5.07 0.14
C PRO A 72 12.07 -4.17 0.65
N ASP A 73 11.54 -3.37 -0.28
CA ASP A 73 10.46 -2.47 0.06
C ASP A 73 9.21 -3.27 0.42
N ILE A 74 9.01 -4.35 -0.33
CA ILE A 74 7.86 -5.21 -0.09
C ILE A 74 7.74 -5.51 1.40
N ASP A 75 8.90 -5.55 2.06
CA ASP A 75 8.93 -5.83 3.48
C ASP A 75 8.71 -4.53 4.25
N ALA A 76 9.17 -3.44 3.66
CA ALA A 76 9.03 -2.13 4.27
C ALA A 76 7.55 -1.82 4.46
N PRO A 77 7.26 -1.04 5.54
CA PRO A 77 5.88 -0.66 5.84
C PRO A 77 5.39 0.42 4.87
N ILE A 78 4.07 0.49 4.74
CA ILE A 78 3.46 1.47 3.86
C ILE A 78 3.65 2.88 4.45
N SER A 79 4.15 2.90 5.68
CA SER A 79 4.38 4.17 6.37
C SER A 79 3.04 4.85 6.66
N GLY A 80 2.23 4.19 7.46
CA GLY A 80 0.93 4.72 7.82
C GLY A 80 0.46 4.17 9.18
N PRO A 81 -0.87 4.26 9.40
CA PRO A 81 -1.45 3.78 10.65
C PRO A 81 -1.52 2.25 10.67
N SER A 82 -0.34 1.64 10.84
CA SER A 82 -0.25 0.20 10.88
C SER A 82 0.12 -0.26 12.29
N SER A 83 -0.86 -0.84 12.97
CA SER A 83 -0.65 -1.33 14.32
C SER A 83 -1.41 -2.65 14.53
N GLY A 84 -2.72 -2.57 14.29
CA GLY A 84 -3.57 -3.74 14.44
C GLY A 84 -4.72 -3.46 15.41
N GLY A 1 -31.23 15.01 50.24
CA GLY A 1 -32.43 14.93 49.43
C GLY A 1 -32.08 14.70 47.96
N SER A 2 -33.05 14.95 47.10
CA SER A 2 -32.87 14.78 45.67
C SER A 2 -31.54 15.39 45.24
N SER A 3 -30.65 14.53 44.75
CA SER A 3 -29.34 14.97 44.30
C SER A 3 -29.06 14.42 42.90
N GLY A 4 -29.08 13.10 42.80
CA GLY A 4 -28.83 12.45 41.53
C GLY A 4 -29.75 12.99 40.44
N SER A 5 -29.35 12.72 39.20
CA SER A 5 -30.13 13.18 38.06
C SER A 5 -29.95 12.22 36.89
N SER A 6 -28.70 12.07 36.45
CA SER A 6 -28.39 11.19 35.35
C SER A 6 -28.99 11.73 34.06
N GLY A 7 -28.13 11.93 33.08
CA GLY A 7 -28.56 12.45 31.79
C GLY A 7 -28.26 11.45 30.67
N GLY A 8 -28.45 11.91 29.44
CA GLY A 8 -28.21 11.07 28.28
C GLY A 8 -26.75 10.62 28.23
N GLU A 9 -26.52 9.55 27.49
CA GLU A 9 -25.17 9.00 27.35
C GLU A 9 -24.69 9.17 25.91
N GLU A 10 -25.60 8.92 24.97
CA GLU A 10 -25.27 9.03 23.56
C GLU A 10 -24.20 8.02 23.18
N LEU A 11 -24.53 7.16 22.22
CA LEU A 11 -23.61 6.15 21.76
C LEU A 11 -23.97 5.74 20.33
N LEU A 12 -23.64 6.61 19.40
CA LEU A 12 -23.93 6.37 18.00
C LEU A 12 -22.65 5.88 17.30
N PRO A 13 -22.85 5.27 16.09
CA PRO A 13 -21.74 4.76 15.31
C PRO A 13 -20.97 5.90 14.66
N ASP A 14 -20.46 6.80 15.49
CA ASP A 14 -19.70 7.93 15.01
C ASP A 14 -19.25 8.78 16.20
N GLY A 15 -17.94 8.78 16.41
CA GLY A 15 -17.36 9.54 17.51
C GLY A 15 -17.31 11.04 17.17
N VAL A 16 -16.28 11.41 16.43
CA VAL A 16 -16.10 12.79 16.03
C VAL A 16 -16.38 12.93 14.53
N PRO A 17 -17.61 13.44 14.23
CA PRO A 17 -18.01 13.63 12.84
C PRO A 17 -17.31 14.83 12.22
N GLU A 18 -16.13 14.58 11.68
CA GLU A 18 -15.35 15.64 11.06
C GLU A 18 -14.06 15.07 10.47
N GLU A 19 -13.80 15.43 9.22
CA GLU A 19 -12.61 14.97 8.53
C GLU A 19 -12.45 15.69 7.20
N VAL A 20 -11.78 16.84 7.27
CA VAL A 20 -11.55 17.64 6.07
C VAL A 20 -10.51 16.94 5.19
N MET A 21 -10.49 17.34 3.93
CA MET A 21 -9.55 16.76 2.98
C MET A 21 -8.18 17.44 3.08
N GLU A 22 -7.17 16.60 3.24
CA GLU A 22 -5.80 17.09 3.35
C GLU A 22 -4.80 15.96 3.13
N SER A 23 -4.66 15.57 1.86
CA SER A 23 -3.75 14.50 1.51
C SER A 23 -3.77 14.29 0.00
N ALA A 24 -2.81 13.49 -0.47
CA ALA A 24 -2.71 13.19 -1.89
C ALA A 24 -1.97 11.87 -2.08
N GLN A 25 -2.67 10.79 -1.77
CA GLN A 25 -2.09 9.46 -1.90
C GLN A 25 -3.19 8.43 -2.12
N PRO A 26 -2.79 7.29 -2.74
CA PRO A 26 -3.74 6.21 -3.01
C PRO A 26 -4.06 5.43 -1.74
N VAL A 27 -4.94 4.46 -1.89
CA VAL A 27 -5.35 3.64 -0.75
C VAL A 27 -5.51 2.19 -1.22
N ALA A 28 -4.79 1.30 -0.53
CA ALA A 28 -4.84 -0.11 -0.86
C ALA A 28 -6.29 -0.59 -0.81
N ASN A 29 -6.96 -0.49 -1.94
CA ASN A 29 -8.34 -0.91 -2.04
C ASN A 29 -8.54 -2.20 -1.24
N GLU A 30 -9.55 -2.18 -0.38
CA GLU A 30 -9.85 -3.33 0.45
C GLU A 30 -10.30 -4.50 -0.42
N GLU A 31 -10.89 -4.17 -1.56
CA GLU A 31 -11.38 -5.18 -2.48
C GLU A 31 -10.20 -5.83 -3.22
N ILE A 32 -9.37 -4.98 -3.80
CA ILE A 32 -8.21 -5.46 -4.53
C ILE A 32 -7.31 -6.27 -3.59
N VAL A 33 -7.23 -5.81 -2.35
CA VAL A 33 -6.42 -6.49 -1.35
C VAL A 33 -7.11 -7.77 -0.93
N ALA A 34 -8.38 -7.63 -0.57
CA ALA A 34 -9.17 -8.78 -0.14
C ALA A 34 -9.10 -9.87 -1.20
N GLN A 35 -8.97 -9.44 -2.45
CA GLN A 35 -8.87 -10.37 -3.56
C GLN A 35 -7.49 -11.03 -3.60
N LEU A 36 -6.48 -10.20 -3.39
CA LEU A 36 -5.11 -10.70 -3.39
C LEU A 36 -4.88 -11.57 -2.17
N VAL A 37 -5.10 -10.97 -1.00
CA VAL A 37 -4.93 -11.67 0.26
C VAL A 37 -5.58 -13.06 0.15
N SER A 38 -6.58 -13.14 -0.71
CA SER A 38 -7.29 -14.40 -0.92
C SER A 38 -6.51 -15.28 -1.88
N MET A 39 -5.97 -14.66 -2.91
CA MET A 39 -5.20 -15.38 -3.92
C MET A 39 -4.06 -16.17 -3.27
N GLY A 40 -3.61 -15.68 -2.13
CA GLY A 40 -2.54 -16.32 -1.40
C GLY A 40 -1.31 -15.42 -1.32
N PHE A 41 -1.57 -14.13 -1.13
CA PHE A 41 -0.50 -13.15 -1.05
C PHE A 41 -0.42 -12.55 0.36
N SER A 42 0.45 -11.55 0.49
CA SER A 42 0.62 -10.89 1.77
C SER A 42 -0.15 -9.57 1.78
N GLN A 43 -1.10 -9.49 2.70
CA GLN A 43 -1.92 -8.30 2.83
C GLN A 43 -1.08 -7.04 2.61
N LEU A 44 -0.11 -6.86 3.50
CA LEU A 44 0.77 -5.71 3.40
C LEU A 44 1.11 -5.44 1.94
N HIS A 45 1.67 -6.46 1.29
CA HIS A 45 2.04 -6.35 -0.11
C HIS A 45 0.79 -6.08 -0.94
N CYS A 46 -0.20 -6.93 -0.76
CA CYS A 46 -1.45 -6.81 -1.49
C CYS A 46 -1.85 -5.33 -1.51
N GLN A 47 -1.74 -4.71 -0.34
CA GLN A 47 -2.08 -3.30 -0.22
C GLN A 47 -1.21 -2.46 -1.15
N LYS A 48 0.09 -2.54 -0.92
CA LYS A 48 1.05 -1.79 -1.72
C LYS A 48 0.71 -1.98 -3.21
N ALA A 49 0.79 -3.22 -3.64
CA ALA A 49 0.50 -3.54 -5.04
C ALA A 49 -0.53 -2.56 -5.57
N ALA A 50 -1.76 -2.72 -5.10
CA ALA A 50 -2.85 -1.85 -5.52
C ALA A 50 -2.37 -0.40 -5.51
N ILE A 51 -1.82 0.00 -4.38
CA ILE A 51 -1.33 1.35 -4.21
C ILE A 51 -0.32 1.66 -5.33
N ASN A 52 0.59 0.72 -5.53
CA ASN A 52 1.60 0.87 -6.55
C ASN A 52 0.94 0.91 -7.93
N THR A 53 -0.34 0.55 -7.94
CA THR A 53 -1.10 0.54 -9.18
C THR A 53 -2.39 1.34 -9.02
N SER A 54 -2.37 2.24 -8.04
CA SER A 54 -3.53 3.08 -7.77
C SER A 54 -4.81 2.24 -7.84
N ASN A 55 -4.68 1.00 -7.38
CA ASN A 55 -5.82 0.09 -7.39
C ASN A 55 -6.42 0.03 -8.79
N ALA A 56 -5.54 -0.02 -9.77
CA ALA A 56 -5.97 -0.08 -11.17
C ALA A 56 -6.32 -1.52 -11.53
N GLY A 57 -7.11 -2.14 -10.68
CA GLY A 57 -7.51 -3.52 -10.89
C GLY A 57 -6.65 -4.49 -10.07
N VAL A 58 -7.24 -5.63 -9.76
CA VAL A 58 -6.53 -6.64 -8.98
C VAL A 58 -5.31 -7.12 -9.78
N GLU A 59 -5.55 -7.47 -11.03
CA GLU A 59 -4.48 -7.94 -11.89
C GLU A 59 -3.29 -6.98 -11.83
N GLU A 60 -3.60 -5.70 -11.90
CA GLU A 60 -2.57 -4.68 -11.85
C GLU A 60 -1.80 -4.76 -10.53
N ALA A 61 -2.54 -4.84 -9.44
CA ALA A 61 -1.95 -4.93 -8.12
C ALA A 61 -0.97 -6.10 -8.09
N MET A 62 -1.49 -7.28 -8.43
CA MET A 62 -0.67 -8.48 -8.44
C MET A 62 0.53 -8.32 -9.39
N ASN A 63 0.21 -7.92 -10.61
CA ASN A 63 1.24 -7.73 -11.61
C ASN A 63 2.44 -7.00 -10.99
N TRP A 64 2.12 -6.02 -10.15
CA TRP A 64 3.15 -5.24 -9.48
C TRP A 64 3.87 -6.16 -8.50
N LEU A 65 3.08 -6.92 -7.76
CA LEU A 65 3.63 -7.84 -6.77
C LEU A 65 4.63 -8.78 -7.47
N LEU A 66 4.21 -9.29 -8.62
CA LEU A 66 5.05 -10.19 -9.39
C LEU A 66 6.31 -9.45 -9.84
N SER A 67 6.26 -8.13 -9.69
CA SER A 67 7.39 -7.30 -10.08
C SER A 67 8.00 -6.64 -8.84
N HIS A 68 7.36 -6.87 -7.71
CA HIS A 68 7.83 -6.30 -6.45
C HIS A 68 7.74 -7.35 -5.36
N MET A 69 7.88 -8.61 -5.78
CA MET A 69 7.82 -9.72 -4.84
C MET A 69 9.14 -9.85 -4.07
N ASP A 70 10.23 -9.77 -4.82
CA ASP A 70 11.56 -9.88 -4.23
C ASP A 70 12.18 -8.49 -4.12
N ASP A 71 11.50 -7.62 -3.41
CA ASP A 71 11.98 -6.26 -3.23
C ASP A 71 12.03 -5.94 -1.73
N PRO A 72 12.90 -4.95 -1.38
CA PRO A 72 13.04 -4.54 0.01
C PRO A 72 11.85 -3.70 0.46
N ASP A 73 11.29 -2.97 -0.49
CA ASP A 73 10.14 -2.13 -0.20
C ASP A 73 8.94 -3.00 0.16
N ILE A 74 8.80 -4.08 -0.59
CA ILE A 74 7.70 -5.01 -0.37
C ILE A 74 7.61 -5.35 1.13
N ASP A 75 8.74 -5.20 1.80
CA ASP A 75 8.81 -5.48 3.22
C ASP A 75 8.58 -4.18 4.01
N ALA A 76 9.03 -3.09 3.40
CA ALA A 76 8.89 -1.79 4.03
C ALA A 76 7.42 -1.57 4.40
N PRO A 77 7.22 -0.80 5.52
CA PRO A 77 5.88 -0.51 6.00
C PRO A 77 5.20 0.53 5.11
N ILE A 78 3.88 0.41 5.01
CA ILE A 78 3.10 1.33 4.21
C ILE A 78 3.03 2.69 4.91
N SER A 79 2.67 2.64 6.18
CA SER A 79 2.57 3.85 6.97
C SER A 79 2.98 3.57 8.42
N GLY A 80 4.28 3.56 8.65
CA GLY A 80 4.81 3.31 9.98
C GLY A 80 5.50 4.55 10.54
N PRO A 81 5.63 4.58 11.89
CA PRO A 81 6.27 5.69 12.56
C PRO A 81 7.79 5.64 12.40
N SER A 82 8.37 4.54 12.84
CA SER A 82 9.80 4.35 12.74
C SER A 82 10.19 2.98 13.31
N SER A 83 10.03 1.96 12.48
CA SER A 83 10.36 0.61 12.90
C SER A 83 10.25 -0.34 11.71
N GLY A 84 11.11 -1.37 11.73
CA GLY A 84 11.12 -2.36 10.66
C GLY A 84 12.30 -2.12 9.72
N GLY A 1 17.56 6.94 43.99
CA GLY A 1 17.03 5.63 44.31
C GLY A 1 15.63 5.43 43.71
N SER A 2 15.56 5.55 42.39
CA SER A 2 14.30 5.39 41.70
C SER A 2 14.47 4.39 40.55
N SER A 3 13.47 3.52 40.42
CA SER A 3 13.48 2.51 39.37
C SER A 3 12.07 2.31 38.83
N GLY A 4 12.01 1.95 37.55
CA GLY A 4 10.73 1.71 36.90
C GLY A 4 10.91 1.52 35.39
N SER A 5 11.00 2.64 34.68
CA SER A 5 11.17 2.60 33.24
C SER A 5 9.96 1.93 32.59
N SER A 6 9.01 2.75 32.18
CA SER A 6 7.81 2.25 31.54
C SER A 6 8.18 1.40 30.33
N GLY A 7 7.54 0.24 30.23
CA GLY A 7 7.80 -0.66 29.12
C GLY A 7 7.67 0.07 27.77
N GLY A 8 6.46 0.02 27.22
CA GLY A 8 6.20 0.66 25.95
C GLY A 8 6.01 -0.37 24.84
N GLU A 9 6.45 0.01 23.64
CA GLU A 9 6.32 -0.87 22.49
C GLU A 9 5.02 -1.67 22.56
N GLU A 10 3.96 -1.04 22.08
CA GLU A 10 2.65 -1.68 22.09
C GLU A 10 2.33 -2.23 20.69
N LEU A 11 1.83 -3.46 20.68
CA LEU A 11 1.47 -4.11 19.42
C LEU A 11 -0.05 -4.31 19.37
N LEU A 12 -0.73 -3.25 19.00
CA LEU A 12 -2.18 -3.29 18.89
C LEU A 12 -2.58 -3.53 17.43
N PRO A 13 -3.12 -4.75 17.17
CA PRO A 13 -3.54 -5.11 15.84
C PRO A 13 -4.86 -4.43 15.47
N ASP A 14 -4.84 -3.11 15.54
CA ASP A 14 -6.01 -2.32 15.22
C ASP A 14 -6.25 -2.35 13.71
N GLY A 15 -5.21 -1.99 12.97
CA GLY A 15 -5.29 -1.98 11.52
C GLY A 15 -6.65 -1.47 11.05
N VAL A 16 -6.81 -0.16 11.13
CA VAL A 16 -8.05 0.47 10.71
C VAL A 16 -8.44 -0.01 9.31
N PRO A 17 -9.71 -0.46 9.18
CA PRO A 17 -10.19 -0.95 7.91
C PRO A 17 -10.48 0.20 6.94
N GLU A 18 -9.44 1.00 6.72
CA GLU A 18 -9.56 2.14 5.82
C GLU A 18 -10.70 3.05 6.27
N GLU A 19 -10.71 4.25 5.72
CA GLU A 19 -11.74 5.22 6.04
C GLU A 19 -12.12 6.03 4.79
N VAL A 20 -12.70 5.33 3.83
CA VAL A 20 -13.12 5.96 2.60
C VAL A 20 -11.88 6.50 1.86
N MET A 21 -11.95 6.42 0.53
CA MET A 21 -10.86 6.88 -0.30
C MET A 21 -10.93 8.40 -0.51
N GLU A 22 -9.76 8.99 -0.72
CA GLU A 22 -9.68 10.43 -0.93
C GLU A 22 -8.25 10.83 -1.29
N SER A 23 -8.11 12.06 -1.75
CA SER A 23 -6.81 12.58 -2.13
C SER A 23 -5.83 12.43 -0.97
N ALA A 24 -4.58 12.77 -1.25
CA ALA A 24 -3.54 12.68 -0.24
C ALA A 24 -3.02 11.24 -0.17
N GLN A 25 -2.56 10.75 -1.31
CA GLN A 25 -2.04 9.39 -1.39
C GLN A 25 -3.16 8.41 -1.71
N PRO A 26 -2.79 7.29 -2.37
CA PRO A 26 -3.75 6.27 -2.73
C PRO A 26 -4.16 5.45 -1.51
N VAL A 27 -5.04 4.48 -1.76
CA VAL A 27 -5.51 3.62 -0.69
C VAL A 27 -5.61 2.18 -1.21
N ALA A 28 -4.93 1.28 -0.52
CA ALA A 28 -4.92 -0.12 -0.89
C ALA A 28 -6.36 -0.65 -0.88
N ASN A 29 -7.03 -0.49 -2.02
CA ASN A 29 -8.40 -0.96 -2.15
C ASN A 29 -8.56 -2.28 -1.41
N GLU A 30 -9.51 -2.28 -0.48
CA GLU A 30 -9.78 -3.48 0.31
C GLU A 30 -10.28 -4.61 -0.60
N GLU A 31 -10.92 -4.20 -1.69
CA GLU A 31 -11.46 -5.16 -2.64
C GLU A 31 -10.31 -5.84 -3.42
N ILE A 32 -9.35 -5.01 -3.81
CA ILE A 32 -8.21 -5.50 -4.56
C ILE A 32 -7.33 -6.35 -3.64
N VAL A 33 -7.20 -5.89 -2.41
CA VAL A 33 -6.40 -6.59 -1.42
C VAL A 33 -7.12 -7.87 -0.98
N ALA A 34 -8.36 -7.68 -0.55
CA ALA A 34 -9.18 -8.80 -0.10
C ALA A 34 -9.10 -9.93 -1.14
N GLN A 35 -8.87 -9.54 -2.38
CA GLN A 35 -8.76 -10.51 -3.46
C GLN A 35 -7.37 -11.15 -3.47
N LEU A 36 -6.36 -10.30 -3.31
CA LEU A 36 -4.99 -10.77 -3.30
C LEU A 36 -4.76 -11.60 -2.04
N VAL A 37 -5.09 -11.02 -0.90
CA VAL A 37 -4.93 -11.70 0.38
C VAL A 37 -5.58 -13.08 0.30
N SER A 38 -6.50 -13.21 -0.64
CA SER A 38 -7.20 -14.48 -0.83
C SER A 38 -6.43 -15.35 -1.81
N MET A 39 -5.88 -14.72 -2.83
CA MET A 39 -5.12 -15.43 -3.84
C MET A 39 -3.95 -16.17 -3.22
N GLY A 40 -3.49 -15.66 -2.08
CA GLY A 40 -2.38 -16.27 -1.37
C GLY A 40 -1.19 -15.32 -1.31
N PHE A 41 -1.50 -14.03 -1.10
CA PHE A 41 -0.46 -13.02 -1.03
C PHE A 41 -0.42 -12.39 0.37
N SER A 42 0.53 -11.49 0.55
CA SER A 42 0.69 -10.81 1.82
C SER A 42 -0.07 -9.48 1.81
N GLN A 43 -1.05 -9.39 2.69
CA GLN A 43 -1.86 -8.18 2.80
C GLN A 43 -0.99 -6.94 2.58
N LEU A 44 -0.05 -6.76 3.49
CA LEU A 44 0.85 -5.62 3.42
C LEU A 44 1.24 -5.37 1.96
N HIS A 45 1.62 -6.45 1.29
CA HIS A 45 2.01 -6.35 -0.11
C HIS A 45 0.78 -6.10 -0.97
N CYS A 46 -0.26 -6.90 -0.74
CA CYS A 46 -1.49 -6.77 -1.49
C CYS A 46 -1.88 -5.29 -1.52
N GLN A 47 -1.77 -4.65 -0.36
CA GLN A 47 -2.10 -3.24 -0.25
C GLN A 47 -1.21 -2.42 -1.17
N LYS A 48 0.09 -2.55 -0.97
CA LYS A 48 1.05 -1.82 -1.77
C LYS A 48 0.72 -2.00 -3.25
N ALA A 49 0.76 -3.25 -3.69
CA ALA A 49 0.47 -3.57 -5.07
C ALA A 49 -0.56 -2.57 -5.62
N ALA A 50 -1.79 -2.71 -5.14
CA ALA A 50 -2.86 -1.83 -5.57
C ALA A 50 -2.36 -0.38 -5.55
N ILE A 51 -1.80 0.01 -4.41
CA ILE A 51 -1.28 1.36 -4.25
C ILE A 51 -0.28 1.66 -5.37
N ASN A 52 0.63 0.72 -5.57
CA ASN A 52 1.65 0.87 -6.60
C ASN A 52 0.97 0.93 -7.97
N THR A 53 -0.31 0.55 -7.98
CA THR A 53 -1.08 0.57 -9.21
C THR A 53 -2.37 1.38 -9.02
N SER A 54 -2.33 2.28 -8.06
CA SER A 54 -3.47 3.12 -7.78
C SER A 54 -4.76 2.30 -7.87
N ASN A 55 -4.69 1.08 -7.38
CA ASN A 55 -5.83 0.18 -7.41
C ASN A 55 -6.48 0.23 -8.79
N ALA A 56 -5.63 0.27 -9.81
CA ALA A 56 -6.10 0.32 -11.18
C ALA A 56 -6.88 -0.96 -11.50
N GLY A 57 -6.50 -2.03 -10.82
CA GLY A 57 -7.15 -3.31 -11.01
C GLY A 57 -6.41 -4.43 -10.27
N VAL A 58 -7.18 -5.37 -9.77
CA VAL A 58 -6.61 -6.50 -9.04
C VAL A 58 -5.38 -7.03 -9.80
N GLU A 59 -5.62 -7.37 -11.05
CA GLU A 59 -4.56 -7.89 -11.90
C GLU A 59 -3.33 -6.97 -11.83
N GLU A 60 -3.60 -5.68 -11.90
CA GLU A 60 -2.53 -4.69 -11.84
C GLU A 60 -1.77 -4.81 -10.52
N ALA A 61 -2.53 -4.85 -9.44
CA ALA A 61 -1.94 -4.96 -8.12
C ALA A 61 -0.98 -6.15 -8.08
N MET A 62 -1.52 -7.32 -8.42
CA MET A 62 -0.73 -8.53 -8.44
C MET A 62 0.46 -8.40 -9.38
N ASN A 63 0.17 -8.02 -10.61
CA ASN A 63 1.20 -7.86 -11.62
C ASN A 63 2.40 -7.12 -10.99
N TRP A 64 2.07 -6.13 -10.18
CA TRP A 64 3.11 -5.34 -9.52
C TRP A 64 3.83 -6.26 -8.53
N LEU A 65 3.05 -7.00 -7.76
CA LEU A 65 3.60 -7.91 -6.77
C LEU A 65 4.58 -8.86 -7.47
N LEU A 66 4.17 -9.34 -8.62
CA LEU A 66 4.99 -10.26 -9.39
C LEU A 66 6.26 -9.54 -9.84
N SER A 67 6.24 -8.22 -9.68
CA SER A 67 7.39 -7.41 -10.06
C SER A 67 7.97 -6.71 -8.83
N HIS A 68 7.32 -6.93 -7.70
CA HIS A 68 7.76 -6.33 -6.45
C HIS A 68 7.69 -7.38 -5.34
N MET A 69 7.79 -8.64 -5.74
CA MET A 69 7.74 -9.74 -4.78
C MET A 69 9.07 -9.88 -4.04
N ASP A 70 10.15 -9.79 -4.80
CA ASP A 70 11.48 -9.90 -4.23
C ASP A 70 12.11 -8.52 -4.12
N ASP A 71 11.40 -7.63 -3.44
CA ASP A 71 11.87 -6.27 -3.26
C ASP A 71 11.96 -5.95 -1.76
N PRO A 72 12.84 -4.97 -1.43
CA PRO A 72 13.03 -4.57 -0.05
C PRO A 72 11.84 -3.73 0.44
N ASP A 73 11.26 -2.99 -0.48
CA ASP A 73 10.12 -2.14 -0.15
C ASP A 73 8.93 -3.01 0.20
N ILE A 74 8.77 -4.09 -0.56
CA ILE A 74 7.68 -5.02 -0.34
C ILE A 74 7.61 -5.36 1.16
N ASP A 75 8.76 -5.27 1.81
CA ASP A 75 8.83 -5.56 3.23
C ASP A 75 8.61 -4.27 4.03
N ALA A 76 9.04 -3.17 3.43
CA ALA A 76 8.89 -1.87 4.08
C ALA A 76 7.42 -1.64 4.43
N PRO A 77 7.21 -0.90 5.55
CA PRO A 77 5.86 -0.60 6.00
C PRO A 77 5.21 0.47 5.13
N ILE A 78 3.89 0.38 5.02
CA ILE A 78 3.14 1.33 4.21
C ILE A 78 3.06 2.67 4.95
N SER A 79 2.66 2.58 6.21
CA SER A 79 2.53 3.77 7.03
C SER A 79 3.28 3.57 8.36
N GLY A 80 4.56 3.88 8.35
CA GLY A 80 5.38 3.73 9.54
C GLY A 80 5.31 2.30 10.08
N PRO A 81 6.18 2.03 11.09
CA PRO A 81 6.23 0.72 11.70
C PRO A 81 5.03 0.50 12.62
N SER A 82 3.85 0.52 12.04
CA SER A 82 2.63 0.32 12.79
C SER A 82 2.47 1.44 13.83
N SER A 83 1.42 2.23 13.64
CA SER A 83 1.14 3.33 14.55
C SER A 83 0.90 2.81 15.97
N GLY A 84 -0.09 1.93 16.08
CA GLY A 84 -0.43 1.35 17.36
C GLY A 84 0.69 0.45 17.86
#